data_1PAU
# 
_entry.id   1PAU 
# 
_audit_conform.dict_name       mmcif_pdbx.dic 
_audit_conform.dict_version    5.375 
_audit_conform.dict_location   http://mmcif.pdb.org/dictionaries/ascii/mmcif_pdbx.dic 
# 
loop_
_database_2.database_id 
_database_2.database_code 
_database_2.pdbx_database_accession 
_database_2.pdbx_DOI 
PDB   1PAU         pdb_00001pau 10.2210/pdb1pau/pdb 
WWPDB D_1000175574 ?            ?                   
# 
_pdbx_database_status.status_code                     REL 
_pdbx_database_status.entry_id                        1PAU 
_pdbx_database_status.recvd_initial_deposition_date   1996-06-06 
_pdbx_database_status.deposit_site                    ? 
_pdbx_database_status.process_site                    BNL 
_pdbx_database_status.status_code_sf                  REL 
_pdbx_database_status.status_code_mr                  ? 
_pdbx_database_status.SG_entry                        ? 
_pdbx_database_status.status_code_cs                  ? 
_pdbx_database_status.pdb_format_compatible           Y 
_pdbx_database_status.methods_development_category    ? 
_pdbx_database_status.status_code_nmr_data            ? 
# 
loop_
_audit_author.name 
_audit_author.pdbx_ordinal 
'Rotonda, J.'  1 
'Becker, J.W.' 2 
# 
loop_
_citation.id 
_citation.title 
_citation.journal_abbrev 
_citation.journal_volume 
_citation.page_first 
_citation.page_last 
_citation.year 
_citation.journal_id_ASTM 
_citation.country 
_citation.journal_id_ISSN 
_citation.journal_id_CSD 
_citation.book_publisher 
_citation.pdbx_database_id_PubMed 
_citation.pdbx_database_id_DOI 
primary 'The three-dimensional structure of apopain/CPP32, a key mediator of apoptosis.'            Nat.Struct.Biol. 3   619 625 
1996 NSBIEW US 1072-8368 2024 ? 8673606 10.1038/nsb0796-619 
1       'Identification and Inhibition of the Ice/Ced-3 Protease Necessary for Mammalian Apoptosis' Nature           376 37  ?   
1995 NATUAS UK 0028-0836 0006 ? ?       ?                   
# 
loop_
_citation_author.citation_id 
_citation_author.name 
_citation_author.ordinal 
_citation_author.identifier_ORCID 
primary 'Rotonda, J.'        1  ? 
primary 'Nicholson, D.W.'    2  ? 
primary 'Fazil, K.M.'        3  ? 
primary 'Gallant, M.'        4  ? 
primary 'Gareau, Y.'         5  ? 
primary 'Labelle, M.'        6  ? 
primary 'Peterson, E.P.'     7  ? 
primary 'Rasper, D.M.'       8  ? 
primary 'Ruel, R.'           9  ? 
primary 'Vaillancourt, J.P.' 10 ? 
primary 'Thornberry, N.A.'   11 ? 
primary 'Becker, J.W.'       12 ? 
1       'Nicholson, D.W.'    13 ? 
1       'Ali, A.'            14 ? 
1       'Thornberry, N.A.'   15 ? 
1       'Vaillancourt, J.P.' 16 ? 
1       'Ding, C.K.'         17 ? 
1       'Gallant, M.'        18 ? 
1       'Gareau, Y.'         19 ? 
1       'Griffin, P.R.'      20 ? 
1       'Labelle, M.'        21 ? 
1       'Lazebnik, Y.A.'     22 ? 
1       'Munday, N.A.'       23 ? 
1       'Raju, S.M.'         24 ? 
1       'Smulson, M.E.'      25 ? 
1       'Yamin, T.T.'        26 ? 
1       'Yu, V.L.'           27 ? 
1       'Miller, D.K.'       28 ? 
# 
_cell.entry_id           1PAU 
_cell.length_a           69.810 
_cell.length_b           84.620 
_cell.length_c           96.790 
_cell.angle_alpha        90.00 
_cell.angle_beta         90.00 
_cell.angle_gamma        90.00 
_cell.Z_PDB              8 
_cell.pdbx_unique_axis   ? 
# 
_symmetry.entry_id                         1PAU 
_symmetry.space_group_name_H-M             'I 2 2 2' 
_symmetry.pdbx_full_space_group_name_H-M   ? 
_symmetry.cell_setting                     ? 
_symmetry.Int_Tables_number                23 
# 
loop_
_entity.id 
_entity.type 
_entity.src_method 
_entity.pdbx_description 
_entity.formula_weight 
_entity.pdbx_number_of_molecules 
_entity.pdbx_ec 
_entity.pdbx_mutation 
_entity.pdbx_fragment 
_entity.details 
1 polymer man APOPAIN             16639.902 1  3.4.22.- ? ? ? 
2 polymer man APOPAIN             11910.604 1  3.4.22.- ? ? ? 
3 polymer syn ACE-ASP-GLU-VAL-ASJ 488.489   1  ?        ? ? ? 
4 water   nat water               18.015    34 ?        ? ? ? 
# 
loop_
_entity_name_com.entity_id 
_entity_name_com.name 
1 'CASPASE-3, CPP32, YAMA' 
2 'CASPASE-3, CPP32, YAMA' 
# 
loop_
_entity_poly.entity_id 
_entity_poly.type 
_entity_poly.nstd_linkage 
_entity_poly.nstd_monomer 
_entity_poly.pdbx_seq_one_letter_code 
_entity_poly.pdbx_seq_one_letter_code_can 
_entity_poly.pdbx_strand_id 
_entity_poly.pdbx_target_identifier 
1 'polypeptide(L)' no no  
;SGISLDNSYKMDYPEMGLCIIINNKNFHKSTGMTSRSGTDVDAANLRETFRNLKYEVRNKNDLTREEIVELMRDVSKEDH
SKRSSFVCVLLSHGEEGIIFGTNGPVDLKKITNFFRGDRCRSLTGKPKLFIIQACRGTELDCGIETD
;
;SGISLDNSYKMDYPEMGLCIIINNKNFHKSTGMTSRSGTDVDAANLRETFRNLKYEVRNKNDLTREEIVELMRDVSKEDH
SKRSSFVCVLLSHGEEGIIFGTNGPVDLKKITNFFRGDRCRSLTGKPKLFIIQACRGTELDCGIETD
;
A ? 
2 'polypeptide(L)' no no  
;SGVDDDMACHKIPVEADFLYAYSTAPGYYSWRNSKDGSWFIQSLCAMLKQYADKLEFMHILTRVNRKVATEFESFSFDAT
FHAKKQIPCIVSMLTKELYFYH
;
;SGVDDDMACHKIPVEADFLYAYSTAPGYYSWRNSKDGSWFIQSLCAMLKQYADKLEFMHILTRVNRKVATEFESFSFDAT
FHAKKQIPCIVSMLTKELYFYH
;
B ? 
3 'polypeptide(L)' no yes '(ACE)DEV(ASJ)' XDEVX C ? 
# 
loop_
_entity_poly_seq.entity_id 
_entity_poly_seq.num 
_entity_poly_seq.mon_id 
_entity_poly_seq.hetero 
1 1   SER n 
1 2   GLY n 
1 3   ILE n 
1 4   SER n 
1 5   LEU n 
1 6   ASP n 
1 7   ASN n 
1 8   SER n 
1 9   TYR n 
1 10  LYS n 
1 11  MET n 
1 12  ASP n 
1 13  TYR n 
1 14  PRO n 
1 15  GLU n 
1 16  MET n 
1 17  GLY n 
1 18  LEU n 
1 19  CYS n 
1 20  ILE n 
1 21  ILE n 
1 22  ILE n 
1 23  ASN n 
1 24  ASN n 
1 25  LYS n 
1 26  ASN n 
1 27  PHE n 
1 28  HIS n 
1 29  LYS n 
1 30  SER n 
1 31  THR n 
1 32  GLY n 
1 33  MET n 
1 34  THR n 
1 35  SER n 
1 36  ARG n 
1 37  SER n 
1 38  GLY n 
1 39  THR n 
1 40  ASP n 
1 41  VAL n 
1 42  ASP n 
1 43  ALA n 
1 44  ALA n 
1 45  ASN n 
1 46  LEU n 
1 47  ARG n 
1 48  GLU n 
1 49  THR n 
1 50  PHE n 
1 51  ARG n 
1 52  ASN n 
1 53  LEU n 
1 54  LYS n 
1 55  TYR n 
1 56  GLU n 
1 57  VAL n 
1 58  ARG n 
1 59  ASN n 
1 60  LYS n 
1 61  ASN n 
1 62  ASP n 
1 63  LEU n 
1 64  THR n 
1 65  ARG n 
1 66  GLU n 
1 67  GLU n 
1 68  ILE n 
1 69  VAL n 
1 70  GLU n 
1 71  LEU n 
1 72  MET n 
1 73  ARG n 
1 74  ASP n 
1 75  VAL n 
1 76  SER n 
1 77  LYS n 
1 78  GLU n 
1 79  ASP n 
1 80  HIS n 
1 81  SER n 
1 82  LYS n 
1 83  ARG n 
1 84  SER n 
1 85  SER n 
1 86  PHE n 
1 87  VAL n 
1 88  CYS n 
1 89  VAL n 
1 90  LEU n 
1 91  LEU n 
1 92  SER n 
1 93  HIS n 
1 94  GLY n 
1 95  GLU n 
1 96  GLU n 
1 97  GLY n 
1 98  ILE n 
1 99  ILE n 
1 100 PHE n 
1 101 GLY n 
1 102 THR n 
1 103 ASN n 
1 104 GLY n 
1 105 PRO n 
1 106 VAL n 
1 107 ASP n 
1 108 LEU n 
1 109 LYS n 
1 110 LYS n 
1 111 ILE n 
1 112 THR n 
1 113 ASN n 
1 114 PHE n 
1 115 PHE n 
1 116 ARG n 
1 117 GLY n 
1 118 ASP n 
1 119 ARG n 
1 120 CYS n 
1 121 ARG n 
1 122 SER n 
1 123 LEU n 
1 124 THR n 
1 125 GLY n 
1 126 LYS n 
1 127 PRO n 
1 128 LYS n 
1 129 LEU n 
1 130 PHE n 
1 131 ILE n 
1 132 ILE n 
1 133 GLN n 
1 134 ALA n 
1 135 CYS n 
1 136 ARG n 
1 137 GLY n 
1 138 THR n 
1 139 GLU n 
1 140 LEU n 
1 141 ASP n 
1 142 CYS n 
1 143 GLY n 
1 144 ILE n 
1 145 GLU n 
1 146 THR n 
1 147 ASP n 
2 1   SER n 
2 2   GLY n 
2 3   VAL n 
2 4   ASP n 
2 5   ASP n 
2 6   ASP n 
2 7   MET n 
2 8   ALA n 
2 9   CYS n 
2 10  HIS n 
2 11  LYS n 
2 12  ILE n 
2 13  PRO n 
2 14  VAL n 
2 15  GLU n 
2 16  ALA n 
2 17  ASP n 
2 18  PHE n 
2 19  LEU n 
2 20  TYR n 
2 21  ALA n 
2 22  TYR n 
2 23  SER n 
2 24  THR n 
2 25  ALA n 
2 26  PRO n 
2 27  GLY n 
2 28  TYR n 
2 29  TYR n 
2 30  SER n 
2 31  TRP n 
2 32  ARG n 
2 33  ASN n 
2 34  SER n 
2 35  LYS n 
2 36  ASP n 
2 37  GLY n 
2 38  SER n 
2 39  TRP n 
2 40  PHE n 
2 41  ILE n 
2 42  GLN n 
2 43  SER n 
2 44  LEU n 
2 45  CYS n 
2 46  ALA n 
2 47  MET n 
2 48  LEU n 
2 49  LYS n 
2 50  GLN n 
2 51  TYR n 
2 52  ALA n 
2 53  ASP n 
2 54  LYS n 
2 55  LEU n 
2 56  GLU n 
2 57  PHE n 
2 58  MET n 
2 59  HIS n 
2 60  ILE n 
2 61  LEU n 
2 62  THR n 
2 63  ARG n 
2 64  VAL n 
2 65  ASN n 
2 66  ARG n 
2 67  LYS n 
2 68  VAL n 
2 69  ALA n 
2 70  THR n 
2 71  GLU n 
2 72  PHE n 
2 73  GLU n 
2 74  SER n 
2 75  PHE n 
2 76  SER n 
2 77  PHE n 
2 78  ASP n 
2 79  ALA n 
2 80  THR n 
2 81  PHE n 
2 82  HIS n 
2 83  ALA n 
2 84  LYS n 
2 85  LYS n 
2 86  GLN n 
2 87  ILE n 
2 88  PRO n 
2 89  CYS n 
2 90  ILE n 
2 91  VAL n 
2 92  SER n 
2 93  MET n 
2 94  LEU n 
2 95  THR n 
2 96  LYS n 
2 97  GLU n 
2 98  LEU n 
2 99  TYR n 
2 100 PHE n 
2 101 TYR n 
2 102 HIS n 
3 1   ACE n 
3 2   ASP n 
3 3   GLU n 
3 4   VAL n 
3 5   ASJ n 
# 
loop_
_entity_src_gen.entity_id 
_entity_src_gen.pdbx_src_id 
_entity_src_gen.pdbx_alt_source_flag 
_entity_src_gen.pdbx_seq_type 
_entity_src_gen.pdbx_beg_seq_num 
_entity_src_gen.pdbx_end_seq_num 
_entity_src_gen.gene_src_common_name 
_entity_src_gen.gene_src_genus 
_entity_src_gen.pdbx_gene_src_gene 
_entity_src_gen.gene_src_species 
_entity_src_gen.gene_src_strain 
_entity_src_gen.gene_src_tissue 
_entity_src_gen.gene_src_tissue_fraction 
_entity_src_gen.gene_src_details 
_entity_src_gen.pdbx_gene_src_fragment 
_entity_src_gen.pdbx_gene_src_scientific_name 
_entity_src_gen.pdbx_gene_src_ncbi_taxonomy_id 
_entity_src_gen.pdbx_gene_src_variant 
_entity_src_gen.pdbx_gene_src_cell_line 
_entity_src_gen.pdbx_gene_src_atcc 
_entity_src_gen.pdbx_gene_src_organ 
_entity_src_gen.pdbx_gene_src_organelle 
_entity_src_gen.pdbx_gene_src_cell 
_entity_src_gen.pdbx_gene_src_cellular_location 
_entity_src_gen.host_org_common_name 
_entity_src_gen.pdbx_host_org_scientific_name 
_entity_src_gen.pdbx_host_org_ncbi_taxonomy_id 
_entity_src_gen.host_org_genus 
_entity_src_gen.pdbx_host_org_gene 
_entity_src_gen.pdbx_host_org_organ 
_entity_src_gen.host_org_species 
_entity_src_gen.pdbx_host_org_tissue 
_entity_src_gen.pdbx_host_org_tissue_fraction 
_entity_src_gen.pdbx_host_org_strain 
_entity_src_gen.pdbx_host_org_variant 
_entity_src_gen.pdbx_host_org_cell_line 
_entity_src_gen.pdbx_host_org_atcc 
_entity_src_gen.pdbx_host_org_culture_collection 
_entity_src_gen.pdbx_host_org_cell 
_entity_src_gen.pdbx_host_org_organelle 
_entity_src_gen.pdbx_host_org_cellular_location 
_entity_src_gen.pdbx_host_org_vector_type 
_entity_src_gen.pdbx_host_org_vector 
_entity_src_gen.host_org_details 
_entity_src_gen.expression_system_id 
_entity_src_gen.plasmid_name 
_entity_src_gen.plasmid_details 
_entity_src_gen.pdbx_description 
1 1 sample ? ? ? human Homo ? ? ? ? ? ? ? 'Homo sapiens' 9606 ? ? ? ? ? ? ? ? 'Escherichia coli' 562 Escherichia ? ? ? ? ? ? ? ? ? 
? ? ? ? ? ? ? ? ? ? ? 
2 1 sample ? ? ? human Homo ? ? ? ? ? ? ? 'Homo sapiens' 9606 ? ? ? ? ? ? ? ? 'Escherichia coli' 562 Escherichia ? ? ? ? ? ? ? ? ? 
? ? ? ? ? ? ? ? ? ? ? 
# 
loop_
_struct_ref.id 
_struct_ref.db_name 
_struct_ref.db_code 
_struct_ref.entity_id 
_struct_ref.pdbx_db_accession 
_struct_ref.pdbx_align_begin 
_struct_ref.pdbx_seq_one_letter_code 
_struct_ref.pdbx_db_isoform 
1 UNP ICE3_HUMAN 1 P42574 1 
;SGISLDNSYKMDYPEMGLCIIINNKNFHKSTGMTSRSGTDVDAANLRETFRNLKYEVRNKNDLTREEIVELMRDVSKEDH
SKRSSFVCVLLSHGEEGIIFGTNGPVDLKKITNFFRGDRCRSLTGKPKLFIIQACRGTELDCGIETD
;
? 
2 UNP ICE3_HUMAN 2 P42574 1 
;SGVDDDMACHKIPVEADFLYAYSTAPGYYSWRNSKDGSWFIQSLCAMLKQYADKLEFMHILTRVNRKVATEFESFSFDAT
FHAKKQIPCIVSMLTKELYFYH
;
? 
3 PDB 1PAU       3 1PAU   ? ? ? 
# 
loop_
_struct_ref_seq.align_id 
_struct_ref_seq.ref_id 
_struct_ref_seq.pdbx_PDB_id_code 
_struct_ref_seq.pdbx_strand_id 
_struct_ref_seq.seq_align_beg 
_struct_ref_seq.pdbx_seq_align_beg_ins_code 
_struct_ref_seq.seq_align_end 
_struct_ref_seq.pdbx_seq_align_end_ins_code 
_struct_ref_seq.pdbx_db_accession 
_struct_ref_seq.db_align_beg 
_struct_ref_seq.pdbx_db_align_beg_ins_code 
_struct_ref_seq.db_align_end 
_struct_ref_seq.pdbx_db_align_end_ins_code 
_struct_ref_seq.pdbx_auth_seq_align_beg 
_struct_ref_seq.pdbx_auth_seq_align_end 
1 1 1PAU A 1 ? 147 ? P42574 29  ? 175 ? 145 297 
2 2 1PAU B 1 ? 102 ? P42574 176 ? 277 ? 310 402 
3 3 1PAU C 1 ? 5   ? 1PAU   501 ? 505 ? 501 505 
# 
loop_
_chem_comp.id 
_chem_comp.type 
_chem_comp.mon_nstd_flag 
_chem_comp.name 
_chem_comp.pdbx_synonyms 
_chem_comp.formula 
_chem_comp.formula_weight 
ACE non-polymer         . 'ACETYL GROUP'                        ? 'C2 H4 O'        44.053  
ALA 'L-peptide linking' y ALANINE                               ? 'C3 H7 N O2'     89.093  
ARG 'L-peptide linking' y ARGININE                              ? 'C6 H15 N4 O2 1' 175.209 
ASJ peptide-like        . '(3S)-3-amino-4-hydroxybutanoic acid' ? 'C4 H9 N O3'     119.119 
ASN 'L-peptide linking' y ASPARAGINE                            ? 'C4 H8 N2 O3'    132.118 
ASP 'L-peptide linking' y 'ASPARTIC ACID'                       ? 'C4 H7 N O4'     133.103 
CYS 'L-peptide linking' y CYSTEINE                              ? 'C3 H7 N O2 S'   121.158 
GLN 'L-peptide linking' y GLUTAMINE                             ? 'C5 H10 N2 O3'   146.144 
GLU 'L-peptide linking' y 'GLUTAMIC ACID'                       ? 'C5 H9 N O4'     147.129 
GLY 'peptide linking'   y GLYCINE                               ? 'C2 H5 N O2'     75.067  
HIS 'L-peptide linking' y HISTIDINE                             ? 'C6 H10 N3 O2 1' 156.162 
HOH non-polymer         . WATER                                 ? 'H2 O'           18.015  
ILE 'L-peptide linking' y ISOLEUCINE                            ? 'C6 H13 N O2'    131.173 
LEU 'L-peptide linking' y LEUCINE                               ? 'C6 H13 N O2'    131.173 
LYS 'L-peptide linking' y LYSINE                                ? 'C6 H15 N2 O2 1' 147.195 
MET 'L-peptide linking' y METHIONINE                            ? 'C5 H11 N O2 S'  149.211 
PHE 'L-peptide linking' y PHENYLALANINE                         ? 'C9 H11 N O2'    165.189 
PRO 'L-peptide linking' y PROLINE                               ? 'C5 H9 N O2'     115.130 
SER 'L-peptide linking' y SERINE                                ? 'C3 H7 N O3'     105.093 
THR 'L-peptide linking' y THREONINE                             ? 'C4 H9 N O3'     119.119 
TRP 'L-peptide linking' y TRYPTOPHAN                            ? 'C11 H12 N2 O2'  204.225 
TYR 'L-peptide linking' y TYROSINE                              ? 'C9 H11 N O3'    181.189 
VAL 'L-peptide linking' y VALINE                                ? 'C5 H11 N O2'    117.146 
# 
_exptl.entry_id          1PAU 
_exptl.method            'X-RAY DIFFRACTION' 
_exptl.crystals_number   1 
# 
_exptl_crystal.id                    1 
_exptl_crystal.density_meas          ? 
_exptl_crystal.density_Matthews      2.47 
_exptl_crystal.density_percent_sol   51. 
_exptl_crystal.description           ? 
_exptl_crystal.F_000                 ? 
_exptl_crystal.preparation           ? 
# 
_exptl_crystal_grow.crystal_id      1 
_exptl_crystal_grow.method          'VAPOR DIFFUSION, HANGING DROP' 
_exptl_crystal_grow.temp            ? 
_exptl_crystal_grow.temp_details    ? 
_exptl_crystal_grow.pH              5.0 
_exptl_crystal_grow.pdbx_pH_range   5.0-8.0 
_exptl_crystal_grow.pdbx_details    
;HANGING DROP VAPOR DIFFUSION. 1.5 MICROLITER DROPS OF PROTEIN:INHIBITOR SOLUTION (8.7 MG/ML IN 10 MILLIMOLAR TRIS-HCL PH 8.5, 10 MILLIMOLAR DTT, 3 MILLIMOLAR SODIUM AZIDE) WERE MIXED WITH AN EQUAL VOLUME OF RESERVOIR BUFFER (7% PEG-6000 (W/W), 0.10 MOLAR SODIUM CITRATE PH 5.0, 10 MILLIMOLAR DTT, 3 MILLIMOLAR SODIUM AZIDE) AND INCUBATED AT ROOM TEMPERATURE, vapor diffusion - hanging drop
;
# 
_diffrn.id                     1 
_diffrn.ambient_temp           293 
_diffrn.ambient_temp_details   ? 
_diffrn.crystal_id             1 
# 
_diffrn_detector.diffrn_id              1 
_diffrn_detector.detector               'AREA DETECTOR' 
_diffrn_detector.type                   SIEMENS 
_diffrn_detector.pdbx_collection_date   1995-11-09 
_diffrn_detector.details                ? 
# 
_diffrn_radiation.diffrn_id                        1 
_diffrn_radiation.wavelength_id                    1 
_diffrn_radiation.pdbx_monochromatic_or_laue_m_l   M 
_diffrn_radiation.monochromator                    'GRAPHITE(002)' 
_diffrn_radiation.pdbx_diffrn_protocol             ? 
_diffrn_radiation.pdbx_scattering_type             x-ray 
# 
_diffrn_radiation_wavelength.id           1 
_diffrn_radiation_wavelength.wavelength   1.5418 
_diffrn_radiation_wavelength.wt           1.0 
# 
_diffrn_source.diffrn_id                   1 
_diffrn_source.source                      'ROTATING ANODE' 
_diffrn_source.type                        'RIGAKU RUH2R' 
_diffrn_source.pdbx_synchrotron_site       ? 
_diffrn_source.pdbx_synchrotron_beamline   ? 
_diffrn_source.pdbx_wavelength             1.5418 
_diffrn_source.pdbx_wavelength_list        ? 
# 
_reflns.entry_id                     1PAU 
_reflns.observed_criterion_sigma_I   0.0 
_reflns.observed_criterion_sigma_F   ? 
_reflns.d_resolution_low             36.0 
_reflns.d_resolution_high            2.50 
_reflns.number_obs                   8929 
_reflns.number_all                   ? 
_reflns.percent_possible_obs         87.1 
_reflns.pdbx_Rmerge_I_obs            0.0634000 
_reflns.pdbx_Rsym_value              0.0555000 
_reflns.pdbx_netI_over_sigmaI        17.4 
_reflns.B_iso_Wilson_estimate        31.34 
_reflns.pdbx_redundancy              2.33 
_reflns.R_free_details               ? 
_reflns.limit_h_max                  ? 
_reflns.limit_h_min                  ? 
_reflns.limit_k_max                  ? 
_reflns.limit_k_min                  ? 
_reflns.limit_l_max                  ? 
_reflns.limit_l_min                  ? 
_reflns.observed_criterion_F_max     ? 
_reflns.observed_criterion_F_min     ? 
_reflns.pdbx_chi_squared             ? 
_reflns.pdbx_scaling_rejects         ? 
_reflns.pdbx_ordinal                 1 
_reflns.pdbx_diffrn_id               1 
# 
_reflns_shell.d_res_high             2.50 
_reflns_shell.d_res_low              2.59 
_reflns_shell.percent_possible_all   87.1 
_reflns_shell.Rmerge_I_obs           0.2570000 
_reflns_shell.pdbx_Rsym_value        0.2620000 
_reflns_shell.meanI_over_sigI_obs    2.59 
_reflns_shell.pdbx_redundancy        2.27 
_reflns_shell.percent_possible_obs   ? 
_reflns_shell.number_unique_all      ? 
_reflns_shell.number_measured_all    ? 
_reflns_shell.number_measured_obs    ? 
_reflns_shell.number_unique_obs      ? 
_reflns_shell.pdbx_chi_squared       ? 
_reflns_shell.pdbx_ordinal           1 
_reflns_shell.pdbx_diffrn_id         1 
# 
_refine.entry_id                                 1PAU 
_refine.ls_number_reflns_obs                     7987 
_refine.ls_number_reflns_all                     ? 
_refine.pdbx_ls_sigma_I                          ? 
_refine.pdbx_ls_sigma_F                          2. 
_refine.pdbx_data_cutoff_high_absF               ? 
_refine.pdbx_data_cutoff_low_absF                ? 
_refine.pdbx_data_cutoff_high_rms_absF           ? 
_refine.ls_d_res_low                             20. 
_refine.ls_d_res_high                            2.5 
_refine.ls_percent_reflns_obs                    78. 
_refine.ls_R_factor_obs                          0.1950000 
_refine.ls_R_factor_all                          ? 
_refine.ls_R_factor_R_work                       0.1950000 
_refine.ls_R_factor_R_free                       0.2750000 
_refine.ls_R_factor_R_free_error                 ? 
_refine.ls_R_factor_R_free_error_details         ? 
_refine.ls_percent_reflns_R_free                 10.6 
_refine.ls_number_reflns_R_free                  845 
_refine.ls_number_parameters                     ? 
_refine.ls_number_restraints                     ? 
_refine.occupancy_min                            ? 
_refine.occupancy_max                            ? 
_refine.B_iso_mean                               23.56 
_refine.aniso_B[1][1]                            ? 
_refine.aniso_B[2][2]                            ? 
_refine.aniso_B[3][3]                            ? 
_refine.aniso_B[1][2]                            ? 
_refine.aniso_B[1][3]                            ? 
_refine.aniso_B[2][3]                            ? 
_refine.solvent_model_details                    ? 
_refine.solvent_model_param_ksol                 ? 
_refine.solvent_model_param_bsol                 ? 
_refine.pdbx_ls_cross_valid_method               FREE-R 
_refine.details                                  
;THERE IS NO ELECTRON DENSITY FOR RESIDUES A 145 - A 149,
A 296 - A 297, B 310 - B 319, AND B 402, PRESUMABLY DUE TO
DISORDER.  MASS SPECTROMETRY INDICATES THAT THESE RESIDUES
ARE PRESENT IN THE SPECIES CRYSTALLIZED.
;
_refine.pdbx_starting_model                      'PROTEIN COMPONENT OF INTERLEUKIN-1BETA CONVERTING ENZYME (PDB ENTRY 1ICE)' 
_refine.pdbx_method_to_determine_struct          'MOLECULAR REPLACEMENT' 
_refine.pdbx_isotropic_thermal_model             ? 
_refine.pdbx_stereochemistry_target_values       ? 
_refine.pdbx_stereochem_target_val_spec_case     ? 
_refine.pdbx_R_Free_selection_details            RANDOM 
_refine.pdbx_overall_ESU_R_Free                  ? 
_refine.overall_SU_ML                            ? 
_refine.overall_SU_B                             ? 
_refine.pdbx_refine_id                           'X-RAY DIFFRACTION' 
_refine.ls_redundancy_reflns_obs                 ? 
_refine.pdbx_overall_phase_error                 ? 
_refine.B_iso_min                                ? 
_refine.B_iso_max                                ? 
_refine.correlation_coeff_Fo_to_Fc               ? 
_refine.correlation_coeff_Fo_to_Fc_free          ? 
_refine.pdbx_solvent_vdw_probe_radii             ? 
_refine.pdbx_solvent_ion_probe_radii             ? 
_refine.pdbx_solvent_shrinkage_radii             ? 
_refine.overall_SU_R_Cruickshank_DPI             ? 
_refine.overall_SU_R_free                        ? 
_refine.ls_wR_factor_R_free                      ? 
_refine.ls_wR_factor_R_work                      ? 
_refine.overall_FOM_free_R_set                   ? 
_refine.overall_FOM_work_R_set                   ? 
_refine.pdbx_overall_ESU_R                       ? 
_refine.pdbx_diffrn_id                           1 
_refine.pdbx_TLS_residual_ADP_flag               ? 
_refine.pdbx_overall_SU_R_free_Cruickshank_DPI   ? 
_refine.pdbx_overall_SU_R_Blow_DPI               ? 
_refine.pdbx_overall_SU_R_free_Blow_DPI          ? 
# 
_refine_hist.pdbx_refine_id                   'X-RAY DIFFRACTION' 
_refine_hist.cycle_id                         LAST 
_refine_hist.pdbx_number_atoms_protein        1905 
_refine_hist.pdbx_number_atoms_nucleic_acid   0 
_refine_hist.pdbx_number_atoms_ligand         0 
_refine_hist.number_atoms_solvent             34 
_refine_hist.number_atoms_total               1939 
_refine_hist.d_res_high                       2.5 
_refine_hist.d_res_low                        20. 
# 
loop_
_refine_ls_restr.type 
_refine_ls_restr.dev_ideal 
_refine_ls_restr.dev_ideal_target 
_refine_ls_restr.weight 
_refine_ls_restr.number 
_refine_ls_restr.pdbx_refine_id 
_refine_ls_restr.pdbx_restraint_function 
x_bond_d                0.007 ? ? ? 'X-RAY DIFFRACTION' ? 
x_bond_d_na             ?     ? ? ? 'X-RAY DIFFRACTION' ? 
x_bond_d_prot           ?     ? ? ? 'X-RAY DIFFRACTION' ? 
x_angle_d               ?     ? ? ? 'X-RAY DIFFRACTION' ? 
x_angle_d_na            ?     ? ? ? 'X-RAY DIFFRACTION' ? 
x_angle_d_prot          ?     ? ? ? 'X-RAY DIFFRACTION' ? 
x_angle_deg             1.308 ? ? ? 'X-RAY DIFFRACTION' ? 
x_angle_deg_na          ?     ? ? ? 'X-RAY DIFFRACTION' ? 
x_angle_deg_prot        ?     ? ? ? 'X-RAY DIFFRACTION' ? 
x_dihedral_angle_d      24.14 ? ? ? 'X-RAY DIFFRACTION' ? 
x_dihedral_angle_d_na   ?     ? ? ? 'X-RAY DIFFRACTION' ? 
x_dihedral_angle_d_prot ?     ? ? ? 'X-RAY DIFFRACTION' ? 
x_improper_angle_d      1.091 ? ? ? 'X-RAY DIFFRACTION' ? 
x_improper_angle_d_na   ?     ? ? ? 'X-RAY DIFFRACTION' ? 
x_improper_angle_d_prot ?     ? ? ? 'X-RAY DIFFRACTION' ? 
x_mcbond_it             ?     ? ? ? 'X-RAY DIFFRACTION' ? 
x_mcangle_it            ?     ? ? ? 'X-RAY DIFFRACTION' ? 
x_scbond_it             ?     ? ? ? 'X-RAY DIFFRACTION' ? 
x_scangle_it            ?     ? ? ? 'X-RAY DIFFRACTION' ? 
# 
_refine_ls_shell.pdbx_total_number_of_bins_used   ? 
_refine_ls_shell.d_res_high                       2.50 
_refine_ls_shell.d_res_low                        2.59 
_refine_ls_shell.number_reflns_R_work             321 
_refine_ls_shell.R_factor_R_work                  0.2570000 
_refine_ls_shell.percent_reflns_obs               35.8 
_refine_ls_shell.R_factor_R_free                  0.3300000 
_refine_ls_shell.R_factor_R_free_error            ? 
_refine_ls_shell.percent_reflns_R_free            10.6 
_refine_ls_shell.number_reflns_R_free             38 
_refine_ls_shell.pdbx_refine_id                   'X-RAY DIFFRACTION' 
_refine_ls_shell.redundancy_reflns_obs            ? 
_refine_ls_shell.number_reflns_all                ? 
_refine_ls_shell.number_reflns_obs                ? 
_refine_ls_shell.R_factor_all                     ? 
# 
loop_
_pdbx_xplor_file.serial_no 
_pdbx_xplor_file.param_file 
_pdbx_xplor_file.topol_file 
_pdbx_xplor_file.pdbx_refine_id 
1 PARHCSDX.PRO TOPHCSDX.PRO 'X-RAY DIFFRACTION' 
2 APOPAIN.PAR  APOPAIN.PRO  'X-RAY DIFFRACTION' 
# 
_struct.entry_id                  1PAU 
_struct.title                     
'Crystal structure of the complex of apopain with the tetrapeptide aldehyde inhibitor AC-DEVD-CHO' 
_struct.pdbx_model_details        ? 
_struct.pdbx_CASP_flag            ? 
_struct.pdbx_model_type_details   ? 
# 
_struct_keywords.entry_id        1PAU 
_struct_keywords.pdbx_keywords   'HYDROLASE/HYDROLASE INHIBITOR' 
_struct_keywords.text            
'CYSTEINE PROTEASE, CASPASE-3, APOPAIN, CPP32, YAMA, PROTEASE-INHIBITOR COMPLEX, HYDROLASE-HYDROLASE INHIBITOR COMPLEX' 
# 
loop_
_struct_asym.id 
_struct_asym.pdbx_blank_PDB_chainid_flag 
_struct_asym.pdbx_modified 
_struct_asym.entity_id 
_struct_asym.details 
A N N 1 ? 
B N N 2 ? 
C N N 3 ? 
D N N 4 ? 
E N N 4 ? 
F N N 4 ? 
# 
_struct_biol.id        1 
_struct_biol.details   ? 
# 
loop_
_struct_conf.conf_type_id 
_struct_conf.id 
_struct_conf.pdbx_PDB_helix_id 
_struct_conf.beg_label_comp_id 
_struct_conf.beg_label_asym_id 
_struct_conf.beg_label_seq_id 
_struct_conf.pdbx_beg_PDB_ins_code 
_struct_conf.end_label_comp_id 
_struct_conf.end_label_asym_id 
_struct_conf.end_label_seq_id 
_struct_conf.pdbx_end_PDB_ins_code 
_struct_conf.beg_auth_comp_id 
_struct_conf.beg_auth_asym_id 
_struct_conf.beg_auth_seq_id 
_struct_conf.end_auth_comp_id 
_struct_conf.end_auth_asym_id 
_struct_conf.end_auth_seq_id 
_struct_conf.pdbx_PDB_helix_class 
_struct_conf.details 
_struct_conf.pdbx_PDB_helix_length 
HELX_P HELX_P1 A THR A 39  ? ASN A 52  ? THR A 182 ASN A 195 1 ? 14 
HELX_P HELX_P2 B ARG A 65  ? LYS A 77  ? ARG A 208 LYS A 220 1 ? 13 
HELX_P HELX_P3 C LEU A 108 ? PHE A 114 ? LEU A 258 PHE A 264 1 ? 7  
HELX_P HELX_P4 D TRP B 39  ? ALA B 52  ? TRP B 348 ALA B 361 1 ? 14 
HELX_P HELX_P5 E PHE B 57  ? GLU B 71  A PHE B 366 GLU B 379 1 ? 15 
# 
_struct_conf_type.id          HELX_P 
_struct_conf_type.criteria    ? 
_struct_conf_type.reference   ? 
# 
loop_
_struct_conn.id 
_struct_conn.conn_type_id 
_struct_conn.pdbx_leaving_atom_flag 
_struct_conn.pdbx_PDB_id 
_struct_conn.ptnr1_label_asym_id 
_struct_conn.ptnr1_label_comp_id 
_struct_conn.ptnr1_label_seq_id 
_struct_conn.ptnr1_label_atom_id 
_struct_conn.pdbx_ptnr1_label_alt_id 
_struct_conn.pdbx_ptnr1_PDB_ins_code 
_struct_conn.pdbx_ptnr1_standard_comp_id 
_struct_conn.ptnr1_symmetry 
_struct_conn.ptnr2_label_asym_id 
_struct_conn.ptnr2_label_comp_id 
_struct_conn.ptnr2_label_seq_id 
_struct_conn.ptnr2_label_atom_id 
_struct_conn.pdbx_ptnr2_label_alt_id 
_struct_conn.pdbx_ptnr2_PDB_ins_code 
_struct_conn.ptnr1_auth_asym_id 
_struct_conn.ptnr1_auth_comp_id 
_struct_conn.ptnr1_auth_seq_id 
_struct_conn.ptnr2_auth_asym_id 
_struct_conn.ptnr2_auth_comp_id 
_struct_conn.ptnr2_auth_seq_id 
_struct_conn.ptnr2_symmetry 
_struct_conn.pdbx_ptnr3_label_atom_id 
_struct_conn.pdbx_ptnr3_label_seq_id 
_struct_conn.pdbx_ptnr3_label_comp_id 
_struct_conn.pdbx_ptnr3_label_asym_id 
_struct_conn.pdbx_ptnr3_label_alt_id 
_struct_conn.pdbx_ptnr3_PDB_ins_code 
_struct_conn.details 
_struct_conn.pdbx_dist_value 
_struct_conn.pdbx_value_order 
_struct_conn.pdbx_role 
covale1 covale one  ? A CYS 135 SG ? ? ? 1_555 C ASJ 5 C ? ? A CYS 285 C ASJ 505 1_555 ? ? ? ? ? ? ? 1.772 ? ? 
covale2 covale both ? C ACE 1   C  ? ? ? 1_555 C ASP 2 N ? ? C ACE 501 C ASP 502 1_555 ? ? ? ? ? ? ? 1.327 ? ? 
covale3 covale both ? C VAL 4   C  ? ? ? 1_555 C ASJ 5 N ? ? C VAL 504 C ASJ 505 1_555 ? ? ? ? ? ? ? 1.334 ? ? 
# 
_struct_conn_type.id          covale 
_struct_conn_type.criteria    ? 
_struct_conn_type.reference   ? 
# 
loop_
_struct_sheet.id 
_struct_sheet.type 
_struct_sheet.number_strands 
_struct_sheet.details 
1 ? 6 ? 
2 ? 3 ? 
3 ? 3 ? 
# 
loop_
_struct_sheet_order.sheet_id 
_struct_sheet_order.range_id_1 
_struct_sheet_order.range_id_2 
_struct_sheet_order.offset 
_struct_sheet_order.sense 
1 1 2 ? parallel      
1 2 3 ? parallel      
1 3 4 ? parallel      
1 4 5 ? parallel      
1 5 6 ? anti-parallel 
2 1 2 ? anti-parallel 
2 2 3 ? anti-parallel 
3 1 2 ? anti-parallel 
3 2 3 ? anti-parallel 
# 
loop_
_struct_sheet_range.sheet_id 
_struct_sheet_range.id 
_struct_sheet_range.beg_label_comp_id 
_struct_sheet_range.beg_label_asym_id 
_struct_sheet_range.beg_label_seq_id 
_struct_sheet_range.pdbx_beg_PDB_ins_code 
_struct_sheet_range.end_label_comp_id 
_struct_sheet_range.end_label_asym_id 
_struct_sheet_range.end_label_seq_id 
_struct_sheet_range.pdbx_end_PDB_ins_code 
_struct_sheet_range.beg_auth_comp_id 
_struct_sheet_range.beg_auth_asym_id 
_struct_sheet_range.beg_auth_seq_id 
_struct_sheet_range.end_auth_comp_id 
_struct_sheet_range.end_auth_asym_id 
_struct_sheet_range.end_auth_seq_id 
1 1 GLU A 56  ? ASN A 61  ? GLU A 199 ASN A 204 
1 2 GLU A 15  ? ASN A 23  ? GLU A 162 ASN A 169 
1 3 ARG A 83  ? LEU A 91  ? ARG A 227 LEU A 235 
1 4 LYS A 128 ? GLN A 133 ? LYS A 278 GLN A 283 
1 5 PHE B 18  ? TYR B 22  ? PHE B 327 TYR B 331 
1 6 CYS B 89  ? MET B 93  ? CYS B 388 MET B 393 
2 1 GLY B 37  ? SER B 38  ? GLY B 346 SER B 347 
2 2 TRP B 31  ? ASN B 33  ? TRP B 340 ASN B 342 
2 3 ASP C 2   ? VAL C 4   ? ASP C 502 VAL C 504 
3 1 GLY A 94  ? GLU A 95  ? GLY A 238 GLU A 239 
3 2 ILE A 98  ? GLY A 101 ? ILE A 242 GLY A 245 
3 3 GLY A 104 ? ASP A 107 ? GLY A 254 ASP A 257 
# 
loop_
_pdbx_struct_sheet_hbond.sheet_id 
_pdbx_struct_sheet_hbond.range_id_1 
_pdbx_struct_sheet_hbond.range_id_2 
_pdbx_struct_sheet_hbond.range_1_label_atom_id 
_pdbx_struct_sheet_hbond.range_1_label_comp_id 
_pdbx_struct_sheet_hbond.range_1_label_asym_id 
_pdbx_struct_sheet_hbond.range_1_label_seq_id 
_pdbx_struct_sheet_hbond.range_1_PDB_ins_code 
_pdbx_struct_sheet_hbond.range_1_auth_atom_id 
_pdbx_struct_sheet_hbond.range_1_auth_comp_id 
_pdbx_struct_sheet_hbond.range_1_auth_asym_id 
_pdbx_struct_sheet_hbond.range_1_auth_seq_id 
_pdbx_struct_sheet_hbond.range_2_label_atom_id 
_pdbx_struct_sheet_hbond.range_2_label_comp_id 
_pdbx_struct_sheet_hbond.range_2_label_asym_id 
_pdbx_struct_sheet_hbond.range_2_label_seq_id 
_pdbx_struct_sheet_hbond.range_2_PDB_ins_code 
_pdbx_struct_sheet_hbond.range_2_auth_atom_id 
_pdbx_struct_sheet_hbond.range_2_auth_comp_id 
_pdbx_struct_sheet_hbond.range_2_auth_asym_id 
_pdbx_struct_sheet_hbond.range_2_auth_seq_id 
1 1 2 N ARG A 58  ? N ARG A 201 O CYS A 19  ? O CYS A 165 
1 2 3 N ILE A 20  ? N ILE A 166 O VAL A 87  ? O VAL A 231 
1 3 4 N CYS A 88  ? N CYS A 232 O LEU A 129 ? O LEU A 279 
1 4 5 N PHE A 130 ? N PHE A 280 O LEU B 19  ? O LEU B 328 
1 5 6 N TYR B 20  ? N TYR B 329 O VAL B 91  ? O VAL B 390 
2 1 2 N GLY B 37  ? N GLY B 346 O ASN B 33  ? O ASN B 342 
2 2 3 N ARG B 32  ? N ARG B 341 O GLU C 3   ? O GLU C 503 
3 1 2 N GLU A 95  ? N GLU A 239 O ILE A 98  ? O ILE A 242 
3 2 3 N ILE A 99  ? N ILE A 243 O VAL A 106 ? O VAL A 256 
# 
loop_
_struct_site.id 
_struct_site.pdbx_evidence_code 
_struct_site.pdbx_auth_asym_id 
_struct_site.pdbx_auth_comp_id 
_struct_site.pdbx_auth_seq_id 
_struct_site.pdbx_auth_ins_code 
_struct_site.pdbx_num_residues 
_struct_site.details 
S1  Unknown  ? ? ? ? 10 'INHIBITOR BINDING SUB-SITE S1.'                  
S2  Unknown  ? ? ? ? 6  'INHIBITOR BINDING SUB-SITE S2.'                  
S3  Unknown  ? ? ? ? 6  'INHIBITOR BINDING SUB-SITE S3.'                  
S4  Unknown  ? ? ? ? 8  'INHIBITOR BINDING SUB-SITE S4.'                  
AC1 Software ? ? ? ? 15 'BINDING SITE FOR CHAIN C OF ACE-ASP-GLU-VAL-ASA' 
# 
loop_
_struct_site_gen.id 
_struct_site_gen.site_id 
_struct_site_gen.pdbx_num_res 
_struct_site_gen.label_comp_id 
_struct_site_gen.label_asym_id 
_struct_site_gen.label_seq_id 
_struct_site_gen.pdbx_auth_ins_code 
_struct_site_gen.auth_comp_id 
_struct_site_gen.auth_asym_id 
_struct_site_gen.auth_seq_id 
_struct_site_gen.label_atom_id 
_struct_site_gen.label_alt_id 
_struct_site_gen.symmetry 
_struct_site_gen.details 
1  S1  10 ARG A 36  ? ARG A 179 . ? 1_555 ? 
2  S1  10 SER A 92  ? SER A 236 . ? 1_555 ? 
3  S1  10 HIS A 93  ? HIS A 237 . ? 1_555 ? 
4  S1  10 GLY A 94  ? GLY A 238 . ? 1_555 ? 
5  S1  10 GLN A 133 ? GLN A 283 . ? 1_555 ? 
6  S1  10 ALA A 134 ? ALA A 284 . ? 1_555 ? 
7  S1  10 CYS A 135 ? CYS A 285 . ? 1_555 ? 
8  S1  10 SER B 30  ? SER B 339 . ? 1_555 ? 
9  S1  10 TRP B 31  ? TRP B 340 . ? 1_555 ? 
10 S1  10 ARG B 32  ? ARG B 341 . ? 1_555 ? 
11 S2  6  CYS A 135 ? CYS A 285 . ? 1_555 ? 
12 S2  6  TYR B 29  ? TYR B 338 . ? 1_555 ? 
13 S2  6  SER B 30  ? SER B 339 . ? 1_555 ? 
14 S2  6  TRP B 31  ? TRP B 340 . ? 1_555 ? 
15 S2  6  ARG B 32  ? ARG B 341 . ? 1_555 ? 
16 S2  6  PHE B 81  H PHE B 381 . ? 1_555 ? 
17 S3  6  SER A 35  ? SER A 178 . ? 1_555 ? 
18 S3  6  ARG A 36  ? ARG A 179 . ? 1_555 ? 
19 S3  6  SER A 37  ? SER A 180 . ? 1_555 ? 
20 S3  6  TRP B 31  ? TRP B 340 . ? 1_555 ? 
21 S3  6  ARG B 32  ? ARG B 341 . ? 1_555 ? 
22 S3  6  SER B 34  ? SER B 343 . ? 1_555 ? 
23 S4  8  TRP B 31  ? TRP B 340 . ? 1_555 ? 
24 S4  8  ARG B 32  ? ARG B 341 . ? 1_555 ? 
25 S4  8  ASN B 33  ? ASN B 342 . ? 1_555 ? 
26 S4  8  GLY B 37  ? GLY B 346 . ? 1_555 ? 
27 S4  8  SER B 38  ? SER B 347 . ? 1_555 ? 
28 S4  8  TRP B 39  ? TRP B 348 . ? 1_555 ? 
29 S4  8  SER B 74  A SER B 381 . ? 1_555 ? 
30 S4  8  PHE B 75  B PHE B 381 . ? 1_555 ? 
31 AC1 15 SER A 30  A SER A 175 . ? 2_675 ? 
32 AC1 15 ARG A 36  ? ARG A 179 . ? 1_555 ? 
33 AC1 15 HIS A 93  ? HIS A 237 . ? 1_555 ? 
34 AC1 15 GLN A 133 ? GLN A 283 . ? 1_555 ? 
35 AC1 15 CYS A 135 ? CYS A 285 . ? 1_555 ? 
36 AC1 15 TYR B 29  ? TYR B 338 . ? 1_555 ? 
37 AC1 15 SER B 30  ? SER B 339 . ? 1_555 ? 
38 AC1 15 TRP B 31  ? TRP B 340 . ? 1_555 ? 
39 AC1 15 ARG B 32  ? ARG B 341 . ? 1_555 ? 
40 AC1 15 ASN B 33  ? ASN B 342 . ? 1_555 ? 
41 AC1 15 SER B 34  ? SER B 343 . ? 1_555 ? 
42 AC1 15 SER B 74  A SER B 381 . ? 1_555 ? 
43 AC1 15 PHE B 75  B PHE B 381 . ? 1_555 ? 
44 AC1 15 HOH E .   ? HOH B 626 . ? 1_555 ? 
45 AC1 15 HOH F .   ? HOH C 619 . ? 1_555 ? 
# 
_atom_sites.entry_id                    1PAU 
_atom_sites.fract_transf_matrix[1][1]   0.00541576 
_atom_sites.fract_transf_matrix[1][2]   -0.00890991 
_atom_sites.fract_transf_matrix[1][3]   -0.00982287 
_atom_sites.fract_transf_matrix[2][1]   -0.00821125 
_atom_sites.fract_transf_matrix[2][2]   -0.00803767 
_atom_sites.fract_transf_matrix[2][3]   0.00276342 
_atom_sites.fract_transf_matrix[3][1]   -0.00632120 
_atom_sites.fract_transf_matrix[3][2]   0.00400920 
_atom_sites.fract_transf_matrix[3][3]   -0.00712172 
_atom_sites.fract_transf_vector[1]      0.408507 
_atom_sites.fract_transf_vector[2]      1.217521 
_atom_sites.fract_transf_vector[3]      0.120757 
# 
loop_
_atom_type.symbol 
C 
N 
O 
S 
# 
loop_
_atom_site.group_PDB 
_atom_site.id 
_atom_site.type_symbol 
_atom_site.label_atom_id 
_atom_site.label_alt_id 
_atom_site.label_comp_id 
_atom_site.label_asym_id 
_atom_site.label_entity_id 
_atom_site.label_seq_id 
_atom_site.pdbx_PDB_ins_code 
_atom_site.Cartn_x 
_atom_site.Cartn_y 
_atom_site.Cartn_z 
_atom_site.occupancy 
_atom_site.B_iso_or_equiv 
_atom_site.pdbx_formal_charge 
_atom_site.auth_seq_id 
_atom_site.auth_comp_id 
_atom_site.auth_asym_id 
_atom_site.auth_atom_id 
_atom_site.pdbx_PDB_model_num 
ATOM   1    N N   . ASP A 1 6   ? -3.304  -17.001 23.098  1.00 46.60  ? 150 ASP A N   1 
ATOM   2    C CA  . ASP A 1 6   ? -3.732  -16.035 22.050  1.00 46.60  ? 150 ASP A CA  1 
ATOM   3    C C   . ASP A 1 6   ? -2.570  -15.877 21.077  1.00 46.60  ? 150 ASP A C   1 
ATOM   4    O O   . ASP A 1 6   ? -1.454  -15.580 21.495  1.00 98.61  ? 150 ASP A O   1 
ATOM   5    C CB  . ASP A 1 6   ? -4.071  -14.689 22.686  1.00 98.61  ? 150 ASP A CB  1 
ATOM   6    C CG  . ASP A 1 6   ? -4.512  -13.664 21.670  1.00 98.61  ? 150 ASP A CG  1 
ATOM   7    O OD1 . ASP A 1 6   ? -5.591  -13.856 21.069  1.00 98.61  ? 150 ASP A OD1 1 
ATOM   8    O OD2 . ASP A 1 6   ? -3.773  -12.677 21.464  1.00 98.61  ? 150 ASP A OD2 1 
ATOM   9    N N   . ASN A 1 7   ? -2.839  -16.094 19.792  1.00 29.84  ? 151 ASN A N   1 
ATOM   10   C CA  . ASN A 1 7   ? -1.815  -16.021 18.743  1.00 29.84  ? 151 ASN A CA  1 
ATOM   11   C C   . ASN A 1 7   ? -2.229  -15.231 17.497  1.00 29.84  ? 151 ASN A C   1 
ATOM   12   O O   . ASN A 1 7   ? -1.577  -15.301 16.452  1.00 51.12  ? 151 ASN A O   1 
ATOM   13   C CB  . ASN A 1 7   ? -1.355  -17.435 18.356  1.00 51.12  ? 151 ASN A CB  1 
ATOM   14   C CG  . ASN A 1 7   ? -2.510  -18.415 18.192  1.00 51.12  ? 151 ASN A CG  1 
ATOM   15   O OD1 . ASN A 1 7   ? -3.668  -18.100 18.483  1.00 51.12  ? 151 ASN A OD1 1 
ATOM   16   N ND2 . ASN A 1 7   ? -2.191  -19.625 17.755  1.00 51.12  ? 151 ASN A ND2 1 
ATOM   17   N N   . SER A 1 8   ? -3.299  -14.454 17.631  1.00 25.63  ? 152 SER A N   1 
ATOM   18   C CA  . SER A 1 8   ? -3.815  -13.626 16.551  1.00 25.63  ? 152 SER A CA  1 
ATOM   19   C C   . SER A 1 8   ? -4.213  -12.271 17.132  1.00 25.63  ? 152 SER A C   1 
ATOM   20   O O   . SER A 1 8   ? -4.518  -12.166 18.324  1.00 37.47  ? 152 SER A O   1 
ATOM   21   C CB  . SER A 1 8   ? -5.013  -14.304 15.873  1.00 37.47  ? 152 SER A CB  1 
ATOM   22   O OG  . SER A 1 8   ? -5.954  -14.780 16.822  1.00 37.47  ? 152 SER A OG  1 
ATOM   23   N N   . TYR A 1 9   ? -4.154  -11.230 16.308  1.00 29.09  ? 153 TYR A N   1 
ATOM   24   C CA  . TYR A 1 9   ? -4.506  -9.882  16.749  1.00 29.09  ? 153 TYR A CA  1 
ATOM   25   C C   . TYR A 1 9   ? -5.975  -9.754  17.137  1.00 29.09  ? 153 TYR A C   1 
ATOM   26   O O   . TYR A 1 9   ? -6.869  -10.223 16.425  1.00 5.60   ? 153 TYR A O   1 
ATOM   27   C CB  . TYR A 1 9   ? -4.192  -8.854  15.660  1.00 5.60   ? 153 TYR A CB  1 
ATOM   28   C CG  . TYR A 1 9   ? -2.721  -8.613  15.424  1.00 5.60   ? 153 TYR A CG  1 
ATOM   29   C CD1 . TYR A 1 9   ? -1.942  -7.942  16.374  1.00 5.60   ? 153 TYR A CD1 1 
ATOM   30   C CD2 . TYR A 1 9   ? -2.113  -9.025  14.237  1.00 5.60   ? 153 TYR A CD2 1 
ATOM   31   C CE1 . TYR A 1 9   ? -0.591  -7.682  16.145  1.00 5.60   ? 153 TYR A CE1 1 
ATOM   32   C CE2 . TYR A 1 9   ? -0.769  -8.771  13.998  1.00 5.60   ? 153 TYR A CE2 1 
ATOM   33   C CZ  . TYR A 1 9   ? -0.019  -8.098  14.955  1.00 5.60   ? 153 TYR A CZ  1 
ATOM   34   O OH  . TYR A 1 9   ? 1.294   -7.813  14.694  1.00 5.60   ? 153 TYR A OH  1 
ATOM   35   N N   . LYS A 1 10  ? -6.215  -9.093  18.262  1.00 10.57  ? 154 LYS A N   1 
ATOM   36   C CA  . LYS A 1 10  ? -7.559  -8.856  18.773  1.00 10.57  ? 154 LYS A CA  1 
ATOM   37   C C   . LYS A 1 10  ? -8.265  -7.890  17.830  1.00 10.57  ? 154 LYS A C   1 
ATOM   38   O O   . LYS A 1 10  ? -7.934  -6.702  17.794  1.00 51.95  ? 154 LYS A O   1 
ATOM   39   C CB  . LYS A 1 10  ? -7.465  -8.247  20.175  1.00 51.95  ? 154 LYS A CB  1 
ATOM   40   C CG  . LYS A 1 10  ? -8.789  -7.901  20.819  1.00 51.95  ? 154 LYS A CG  1 
ATOM   41   C CD  . LYS A 1 10  ? -8.590  -7.438  22.247  1.00 51.95  ? 154 LYS A CD  1 
ATOM   42   C CE  . LYS A 1 10  ? -9.920  -7.215  22.930  1.00 51.95  ? 154 LYS A CE  1 
ATOM   43   N NZ  . LYS A 1 10  ? -9.783  -6.971  24.390  1.00 51.95  ? 154 LYS A NZ  1 
ATOM   44   N N   . MET A 1 11  ? -9.221  -8.399  17.057  1.00 23.06  ? 155 MET A N   1 
ATOM   45   C CA  . MET A 1 11  ? -9.963  -7.561  16.114  1.00 23.06  ? 155 MET A CA  1 
ATOM   46   C C   . MET A 1 11  ? -11.372 -7.200  16.598  1.00 23.06  ? 155 MET A C   1 
ATOM   47   O O   . MET A 1 11  ? -12.154 -6.608  15.855  1.00 27.22  ? 155 MET A O   1 
ATOM   48   C CB  . MET A 1 11  ? -10.041 -8.248  14.746  1.00 27.22  ? 155 MET A CB  1 
ATOM   49   C CG  . MET A 1 11  ? -8.694  -8.496  14.087  1.00 27.22  ? 155 MET A CG  1 
ATOM   50   S SD  . MET A 1 11  ? -7.783  -6.976  13.725  1.00 27.22  ? 155 MET A SD  1 
ATOM   51   C CE  . MET A 1 11  ? -8.404  -6.605  12.100  1.00 27.22  ? 155 MET A CE  1 
ATOM   52   N N   . ASP A 1 12  ? -11.677 -7.508  17.857  1.00 31.05  ? 156 ASP A N   1 
ATOM   53   C CA  . ASP A 1 12  ? -13.007 -7.239  18.405  1.00 31.05  ? 156 ASP A CA  1 
ATOM   54   C C   . ASP A 1 12  ? -13.255 -5.841  18.964  1.00 31.05  ? 156 ASP A C   1 
ATOM   55   O O   . ASP A 1 12  ? -14.282 -5.608  19.609  1.00 55.52  ? 156 ASP A O   1 
ATOM   56   C CB  . ASP A 1 12  ? -13.393 -8.306  19.450  1.00 55.52  ? 156 ASP A CB  1 
ATOM   57   C CG  . ASP A 1 12  ? -12.477 -8.308  20.673  1.00 55.52  ? 156 ASP A CG  1 
ATOM   58   O OD1 . ASP A 1 12  ? -12.561 -7.375  21.498  1.00 55.52  ? 156 ASP A OD1 1 
ATOM   59   O OD2 . ASP A 1 12  ? -11.696 -9.268  20.828  1.00 55.52  ? 156 ASP A OD2 1 
ATOM   60   N N   . TYR A 1 13  A -12.322 -4.919  18.738  1.00 34.35  ? 156 TYR A N   1 
ATOM   61   C CA  . TYR A 1 13  A -12.474 -3.548  19.228  1.00 34.35  ? 156 TYR A CA  1 
ATOM   62   C C   . TYR A 1 13  A -13.713 -2.933  18.566  1.00 34.35  ? 156 TYR A C   1 
ATOM   63   O O   . TYR A 1 13  A -14.176 -3.426  17.536  1.00 28.40  ? 156 TYR A O   1 
ATOM   64   C CB  . TYR A 1 13  A -11.233 -2.709  18.890  1.00 28.40  ? 156 TYR A CB  1 
ATOM   65   C CG  . TYR A 1 13  A -10.018 -2.957  19.764  1.00 28.40  ? 156 TYR A CG  1 
ATOM   66   C CD1 . TYR A 1 13  A -9.070  -3.927  19.426  1.00 28.40  ? 156 TYR A CD1 1 
ATOM   67   C CD2 . TYR A 1 13  A -9.804  -2.204  20.919  1.00 28.40  ? 156 TYR A CD2 1 
ATOM   68   C CE1 . TYR A 1 13  A -7.935  -4.139  20.219  1.00 28.40  ? 156 TYR A CE1 1 
ATOM   69   C CE2 . TYR A 1 13  A -8.677  -2.406  21.719  1.00 28.40  ? 156 TYR A CE2 1 
ATOM   70   C CZ  . TYR A 1 13  A -7.748  -3.375  21.366  1.00 28.40  ? 156 TYR A CZ  1 
ATOM   71   O OH  . TYR A 1 13  A -6.645  -3.577  22.169  1.00 28.40  ? 156 TYR A OH  1 
ATOM   72   N N   . PRO A 1 14  ? -14.274 -1.861  19.155  1.00 31.57  ? 161 PRO A N   1 
ATOM   73   C CA  . PRO A 1 14  ? -15.462 -1.214  18.588  1.00 31.57  ? 161 PRO A CA  1 
ATOM   74   C C   . PRO A 1 14  ? -15.457 -0.987  17.067  1.00 31.57  ? 161 PRO A C   1 
ATOM   75   O O   . PRO A 1 14  ? -16.462 -1.269  16.399  1.00 30.14  ? 161 PRO A O   1 
ATOM   76   C CB  . PRO A 1 14  ? -15.549 0.074   19.393  1.00 30.14  ? 161 PRO A CB  1 
ATOM   77   C CG  . PRO A 1 14  ? -15.151 -0.408  20.753  1.00 30.14  ? 161 PRO A CG  1 
ATOM   78   C CD  . PRO A 1 14  ? -13.925 -1.251  20.451  1.00 30.14  ? 161 PRO A CD  1 
ATOM   79   N N   . GLU A 1 15  ? -14.354 -0.482  16.513  1.00 27.98  ? 162 GLU A N   1 
ATOM   80   C CA  . GLU A 1 15  ? -14.281 -0.281  15.061  1.00 27.98  ? 162 GLU A CA  1 
ATOM   81   C C   . GLU A 1 15  ? -13.010 -0.888  14.470  1.00 27.98  ? 162 GLU A C   1 
ATOM   82   O O   . GLU A 1 15  ? -11.965 -0.900  15.121  1.00 63.13  ? 162 GLU A O   1 
ATOM   83   C CB  . GLU A 1 15  ? -14.430 1.202   14.691  1.00 63.13  ? 162 GLU A CB  1 
ATOM   84   C CG  . GLU A 1 15  ? -13.570 2.166   15.489  1.00 63.13  ? 162 GLU A CG  1 
ATOM   85   C CD  . GLU A 1 15  ? -13.909 3.623   15.205  1.00 63.13  ? 162 GLU A CD  1 
ATOM   86   O OE1 . GLU A 1 15  ? -13.483 4.146   14.150  1.00 63.13  ? 162 GLU A OE1 1 
ATOM   87   O OE2 . GLU A 1 15  ? -14.605 4.243   16.039  1.00 63.13  ? 162 GLU A OE2 1 
ATOM   88   N N   . MET A 1 16  A -13.110 -1.416  13.250  1.00 13.09  ? 162 MET A N   1 
ATOM   89   C CA  . MET A 1 16  A -11.968 -2.047  12.586  1.00 13.09  ? 162 MET A CA  1 
ATOM   90   C C   . MET A 1 16  A -10.730 -1.161  12.512  1.00 13.09  ? 162 MET A C   1 
ATOM   91   O O   . MET A 1 16  A -9.601  -1.646  12.617  1.00 23.99  ? 162 MET A O   1 
ATOM   92   C CB  . MET A 1 16  A -12.345 -2.527  11.195  1.00 23.99  ? 162 MET A CB  1 
ATOM   93   C CG  . MET A 1 16  A -13.011 -3.883  11.170  1.00 23.99  ? 162 MET A CG  1 
ATOM   94   S SD  . MET A 1 16  A -11.883 -5.252  11.427  1.00 23.99  ? 162 MET A SD  1 
ATOM   95   C CE  . MET A 1 16  A -12.724 -6.097  12.772  1.00 23.99  ? 162 MET A CE  1 
ATOM   96   N N   . GLY A 1 17  ? -10.938 0.137   12.347  1.00 5.84   ? 163 GLY A N   1 
ATOM   97   C CA  . GLY A 1 17  ? -9.810  1.036   12.293  1.00 5.84   ? 163 GLY A CA  1 
ATOM   98   C C   . GLY A 1 17  ? -9.876  2.021   11.154  1.00 5.84   ? 163 GLY A C   1 
ATOM   99   O O   . GLY A 1 17  ? -10.875 2.102   10.436  1.00 32.33  ? 163 GLY A O   1 
ATOM   100  N N   . LEU A 1 18  ? -8.801  2.783   11.000  1.00 4.81   ? 164 LEU A N   1 
ATOM   101  C CA  . LEU A 1 18  ? -8.706  3.773   9.947   1.00 4.81   ? 164 LEU A CA  1 
ATOM   102  C C   . LEU A 1 18  ? -8.127  3.154   8.682   1.00 4.81   ? 164 LEU A C   1 
ATOM   103  O O   . LEU A 1 18  ? -7.614  2.037   8.696   1.00 11.67  ? 164 LEU A O   1 
ATOM   104  C CB  . LEU A 1 18  ? -7.837  4.942   10.408  1.00 11.67  ? 164 LEU A CB  1 
ATOM   105  C CG  . LEU A 1 18  ? -8.496  6.325   10.455  1.00 11.67  ? 164 LEU A CG  1 
ATOM   106  C CD1 . LEU A 1 18  ? -9.815  6.268   11.184  1.00 11.67  ? 164 LEU A CD1 1 
ATOM   107  C CD2 . LEU A 1 18  ? -7.562  7.289   11.146  1.00 11.67  ? 164 LEU A CD2 1 
ATOM   108  N N   . CYS A 1 19  ? -8.265  3.870   7.581   1.00 11.58  ? 165 CYS A N   1 
ATOM   109  C CA  . CYS A 1 19  ? -7.745  3.435   6.304   1.00 11.58  ? 165 CYS A CA  1 
ATOM   110  C C   . CYS A 1 19  ? -7.542  4.688   5.480   1.00 11.58  ? 165 CYS A C   1 
ATOM   111  O O   . CYS A 1 19  ? -8.487  5.197   4.867   1.00 19.42  ? 165 CYS A O   1 
ATOM   112  C CB  . CYS A 1 19  ? -8.719  2.502   5.594   1.00 19.42  ? 165 CYS A CB  1 
ATOM   113  S SG  . CYS A 1 19  ? -8.094  1.939   3.993   1.00 19.42  ? 165 CYS A SG  1 
ATOM   114  N N   . ILE A 1 20  ? -6.331  5.237   5.547   1.00 7.45   ? 166 ILE A N   1 
ATOM   115  C CA  . ILE A 1 20  ? -5.987  6.440   4.800   1.00 7.45   ? 166 ILE A CA  1 
ATOM   116  C C   . ILE A 1 20  ? -5.460  5.996   3.444   1.00 7.45   ? 166 ILE A C   1 
ATOM   117  O O   . ILE A 1 20  ? -4.577  5.142   3.373   1.00 19.31  ? 166 ILE A O   1 
ATOM   118  C CB  . ILE A 1 20  ? -4.891  7.251   5.525   1.00 19.31  ? 166 ILE A CB  1 
ATOM   119  C CG1 . ILE A 1 20  ? -5.313  7.548   6.965   1.00 19.31  ? 166 ILE A CG1 1 
ATOM   120  C CG2 . ILE A 1 20  ? -4.635  8.555   4.805   1.00 19.31  ? 166 ILE A CG2 1 
ATOM   121  C CD1 . ILE A 1 20  ? -6.596  8.340   7.079   1.00 19.31  ? 166 ILE A CD1 1 
ATOM   122  N N   . ILE A 1 21  ? -6.045  6.518   2.371   1.00 6.73   ? 167 ILE A N   1 
ATOM   123  C CA  . ILE A 1 21  ? -5.602  6.180   1.026   1.00 6.73   ? 167 ILE A CA  1 
ATOM   124  C C   . ILE A 1 21  ? -5.135  7.467   0.389   1.00 6.73   ? 167 ILE A C   1 
ATOM   125  O O   . ILE A 1 21  ? -5.926  8.391   0.220   1.00 13.72  ? 167 ILE A O   1 
ATOM   126  C CB  . ILE A 1 21  ? -6.742  5.618   0.178   1.00 13.72  ? 167 ILE A CB  1 
ATOM   127  C CG1 . ILE A 1 21  ? -7.262  4.328   0.802   1.00 13.72  ? 167 ILE A CG1 1 
ATOM   128  C CG2 . ILE A 1 21  ? -6.267  5.391   -1.258  1.00 13.72  ? 167 ILE A CG2 1 
ATOM   129  C CD1 . ILE A 1 21  ? -8.475  3.777   0.118   1.00 13.72  ? 167 ILE A CD1 1 
ATOM   130  N N   . ILE A 1 22  ? -3.852  7.553   0.063   1.00 2.00   ? 168 ILE A N   1 
ATOM   131  C CA  . ILE A 1 22  ? -3.321  8.760   -0.553  1.00 2.00   ? 168 ILE A CA  1 
ATOM   132  C C   . ILE A 1 22  ? -3.146  8.502   -2.041  1.00 2.00   ? 168 ILE A C   1 
ATOM   133  O O   . ILE A 1 22  ? -2.261  7.761   -2.463  1.00 7.81   ? 168 ILE A O   1 
ATOM   134  C CB  . ILE A 1 22  ? -2.008  9.190   0.121   1.00 7.81   ? 168 ILE A CB  1 
ATOM   135  C CG1 . ILE A 1 22  ? -2.279  9.475   1.601   1.00 7.81   ? 168 ILE A CG1 1 
ATOM   136  C CG2 . ILE A 1 22  ? -1.434  10.410  -0.572  1.00 7.81   ? 168 ILE A CG2 1 
ATOM   137  C CD1 . ILE A 1 22  ? -1.058  9.751   2.418   1.00 7.81   ? 168 ILE A CD1 1 
ATOM   138  N N   . ASN A 1 23  ? -4.030  9.095   -2.828  1.00 12.84  ? 169 ASN A N   1 
ATOM   139  C CA  . ASN A 1 23  ? -4.039  8.914   -4.269  1.00 12.84  ? 169 ASN A CA  1 
ATOM   140  C C   . ASN A 1 23  ? -3.453  10.109  -5.023  1.00 12.84  ? 169 ASN A C   1 
ATOM   141  O O   . ASN A 1 23  ? -4.063  11.183  -5.094  1.00 25.75  ? 169 ASN A O   1 
ATOM   142  C CB  . ASN A 1 23  ? -5.482  8.646   -4.706  1.00 25.75  ? 169 ASN A CB  1 
ATOM   143  C CG  . ASN A 1 23  ? -5.604  8.330   -6.175  1.00 25.75  ? 169 ASN A CG  1 
ATOM   144  O OD1 . ASN A 1 23  ? -5.984  9.183   -6.970  1.00 25.75  ? 169 ASN A OD1 1 
ATOM   145  N ND2 . ASN A 1 23  ? -5.328  7.092   -6.538  1.00 25.75  ? 169 ASN A ND2 1 
ATOM   146  N N   . ASN A 1 24  ? -2.259  9.932   -5.576  1.00 9.19   ? 170 ASN A N   1 
ATOM   147  C CA  . ASN A 1 24  ? -1.602  11.001  -6.317  1.00 9.19   ? 170 ASN A CA  1 
ATOM   148  C C   . ASN A 1 24  ? -1.580  10.685  -7.801  1.00 9.19   ? 170 ASN A C   1 
ATOM   149  O O   . ASN A 1 24  ? -0.993  9.696   -8.228  1.00 25.46  ? 170 ASN A O   1 
ATOM   150  C CB  . ASN A 1 24  ? -0.189  11.244  -5.776  1.00 25.46  ? 170 ASN A CB  1 
ATOM   151  C CG  . ASN A 1 24  ? -0.188  11.846  -4.368  1.00 25.46  ? 170 ASN A CG  1 
ATOM   152  O OD1 . ASN A 1 24  ? 0.853   11.930  -3.720  1.00 25.46  ? 170 ASN A OD1 1 
ATOM   153  N ND2 . ASN A 1 24  ? -1.347  12.282  -3.900  1.00 25.46  ? 170 ASN A ND2 1 
ATOM   154  N N   . LYS A 1 25  ? -2.258  11.520  -8.573  1.00 13.20  ? 171 LYS A N   1 
ATOM   155  C CA  . LYS A 1 25  ? -2.356  11.340  -10.014 1.00 13.20  ? 171 LYS A CA  1 
ATOM   156  C C   . LYS A 1 25  ? -1.663  12.462  -10.790 1.00 13.20  ? 171 LYS A C   1 
ATOM   157  O O   . LYS A 1 25  ? -0.917  12.207  -11.741 1.00 26.72  ? 171 LYS A O   1 
ATOM   158  C CB  . LYS A 1 25  ? -3.835  11.282  -10.420 1.00 26.72  ? 171 LYS A CB  1 
ATOM   159  C CG  . LYS A 1 25  ? -4.072  11.090  -11.911 1.00 26.72  ? 171 LYS A CG  1 
ATOM   160  C CD  . LYS A 1 25  ? -5.550  11.098  -12.256 1.00 26.72  ? 171 LYS A CD  1 
ATOM   161  C CE  . LYS A 1 25  ? -5.751  10.812  -13.738 1.00 26.72  ? 171 LYS A CE  1 
ATOM   162  N NZ  . LYS A 1 25  ? -7.184  10.879  -14.159 1.00 26.72  ? 171 LYS A NZ  1 
ATOM   163  N N   . ASN A 1 26  ? -1.955  13.701  -10.396 1.00 15.53  ? 172 ASN A N   1 
ATOM   164  C CA  . ASN A 1 26  ? -1.404  14.882  -11.045 1.00 15.53  ? 172 ASN A CA  1 
ATOM   165  C C   . ASN A 1 26  ? -0.257  15.482  -10.260 1.00 15.53  ? 172 ASN A C   1 
ATOM   166  O O   . ASN A 1 26  ? -0.404  15.817  -9.084  1.00 37.43  ? 172 ASN A O   1 
ATOM   167  C CB  . ASN A 1 26  ? -2.500  15.928  -11.239 1.00 37.43  ? 172 ASN A CB  1 
ATOM   168  C CG  . ASN A 1 26  ? -3.604  15.441  -12.145 1.00 37.43  ? 172 ASN A CG  1 
ATOM   169  O OD1 . ASN A 1 26  ? -3.343  14.814  -13.176 1.00 37.43  ? 172 ASN A OD1 1 
ATOM   170  N ND2 . ASN A 1 26  ? -4.850  15.704  -11.759 1.00 37.43  ? 172 ASN A ND2 1 
ATOM   171  N N   . PHE A 1 27  ? 0.885   15.625  -10.922 1.00 30.34  ? 173 PHE A N   1 
ATOM   172  C CA  . PHE A 1 27  ? 2.073   16.180  -10.290 1.00 30.34  ? 173 PHE A CA  1 
ATOM   173  C C   . PHE A 1 27  ? 2.398   17.551  -10.862 1.00 30.34  ? 173 PHE A C   1 
ATOM   174  O O   . PHE A 1 27  ? 1.837   17.954  -11.876 1.00 26.98  ? 173 PHE A O   1 
ATOM   175  C CB  . PHE A 1 27  ? 3.244   15.218  -10.475 1.00 26.98  ? 173 PHE A CB  1 
ATOM   176  C CG  . PHE A 1 27  ? 3.020   13.877  -9.835  1.00 26.98  ? 173 PHE A CG  1 
ATOM   177  C CD1 . PHE A 1 27  ? 2.243   12.910  -10.467 1.00 26.98  ? 173 PHE A CD1 1 
ATOM   178  C CD2 . PHE A 1 27  ? 3.543   13.596  -8.580  1.00 26.98  ? 173 PHE A CD2 1 
ATOM   179  C CE1 . PHE A 1 27  ? 1.987   11.693  -9.857  1.00 26.98  ? 173 PHE A CE1 1 
ATOM   180  C CE2 . PHE A 1 27  ? 3.291   12.381  -7.961  1.00 26.98  ? 173 PHE A CE2 1 
ATOM   181  C CZ  . PHE A 1 27  ? 2.511   11.427  -8.600  1.00 26.98  ? 173 PHE A CZ  1 
ATOM   182  N N   . HIS A 1 28  ? 3.260   18.296  -10.182 1.00 19.42  ? 174 HIS A N   1 
ATOM   183  C CA  . HIS A 1 28  ? 3.637   19.621  -10.656 1.00 19.42  ? 174 HIS A CA  1 
ATOM   184  C C   . HIS A 1 28  ? 4.568   19.524  -11.848 1.00 19.42  ? 174 HIS A C   1 
ATOM   185  O O   . HIS A 1 28  ? 5.486   18.713  -11.853 1.00 42.31  ? 174 HIS A O   1 
ATOM   186  C CB  . HIS A 1 28  ? 4.310   20.422  -9.546  1.00 42.31  ? 174 HIS A CB  1 
ATOM   187  C CG  . HIS A 1 28  ? 3.371   20.885  -8.478  1.00 42.31  ? 174 HIS A CG  1 
ATOM   188  N ND1 . HIS A 1 28  ? 2.016   20.630  -8.512  1.00 42.31  ? 174 HIS A ND1 1 
ATOM   189  C CD2 . HIS A 1 28  ? 3.590   21.586  -7.340  1.00 42.31  ? 174 HIS A CD2 1 
ATOM   190  C CE1 . HIS A 1 28  ? 1.444   21.153  -7.443  1.00 42.31  ? 174 HIS A CE1 1 
ATOM   191  N NE2 . HIS A 1 28  ? 2.376   21.739  -6.717  1.00 42.31  ? 174 HIS A NE2 1 
ATOM   192  N N   . LYS A 1 29  ? 4.343   20.392  -12.833 1.00 35.34  ? 175 LYS A N   1 
ATOM   193  C CA  . LYS A 1 29  ? 5.139   20.453  -14.063 1.00 35.34  ? 175 LYS A CA  1 
ATOM   194  C C   . LYS A 1 29  ? 6.641   20.445  -13.762 1.00 35.34  ? 175 LYS A C   1 
ATOM   195  O O   . LYS A 1 29  ? 7.416   19.712  -14.379 1.00 82.66  ? 175 LYS A O   1 
ATOM   196  C CB  . LYS A 1 29  ? 4.818   21.747  -14.830 1.00 82.66  ? 175 LYS A CB  1 
ATOM   197  C CG  . LYS A 1 29  ? 3.339   22.114  -14.916 1.00 82.66  ? 175 LYS A CG  1 
ATOM   198  C CD  . LYS A 1 29  ? 3.141   23.581  -15.323 1.00 82.66  ? 175 LYS A CD  1 
ATOM   199  C CE  . LYS A 1 29  ? 3.661   24.559  -14.258 1.00 82.66  ? 175 LYS A CE  1 
ATOM   200  N NZ  . LYS A 1 29  ? 3.465   25.996  -14.630 1.00 82.66  ? 175 LYS A NZ  1 
ATOM   201  N N   . SER A 1 30  A 7.020   21.265  -12.789 1.00 21.01  ? 175 SER A N   1 
ATOM   202  C CA  . SER A 1 30  A 8.399   21.440  -12.364 1.00 21.01  ? 175 SER A CA  1 
ATOM   203  C C   . SER A 1 30  A 9.123   20.169  -11.932 1.00 21.01  ? 175 SER A C   1 
ATOM   204  O O   . SER A 1 30  A 10.345  20.086  -12.042 1.00 47.28  ? 175 SER A O   1 
ATOM   205  C CB  . SER A 1 30  A 8.438   22.476  -11.244 1.00 47.28  ? 175 SER A CB  1 
ATOM   206  O OG  . SER A 1 30  A 7.494   23.506  -11.496 1.00 47.28  ? 175 SER A OG  1 
ATOM   207  N N   . THR A 1 31  B 8.369   19.182  -11.455 1.00 45.71  ? 175 THR A N   1 
ATOM   208  C CA  . THR A 1 31  B 8.948   17.921  -10.996 1.00 45.71  ? 175 THR A CA  1 
ATOM   209  C C   . THR A 1 31  B 9.342   17.012  -12.161 1.00 45.71  ? 175 THR A C   1 
ATOM   210  O O   . THR A 1 31  B 10.306  16.245  -12.072 1.00 21.91  ? 175 THR A O   1 
ATOM   211  C CB  . THR A 1 31  B 7.970   17.154  -10.053 1.00 21.91  ? 175 THR A CB  1 
ATOM   212  O OG1 . THR A 1 31  B 6.839   16.678  -10.794 1.00 21.91  ? 175 THR A OG1 1 
ATOM   213  C CG2 . THR A 1 31  B 7.473   18.064  -8.936  1.00 21.91  ? 175 THR A CG2 1 
ATOM   214  N N   . GLY A 1 32  C 8.583   17.104  -13.248 1.00 21.76  ? 175 GLY A N   1 
ATOM   215  C CA  . GLY A 1 32  C 8.845   16.288  -14.418 1.00 21.76  ? 175 GLY A CA  1 
ATOM   216  C C   . GLY A 1 32  C 8.308   14.875  -14.265 1.00 21.76  ? 175 GLY A C   1 
ATOM   217  O O   . GLY A 1 32  C 8.809   13.940  -14.896 1.00 62.53  ? 175 GLY A O   1 
ATOM   218  N N   . MET A 1 33  ? 7.288   14.724  -13.425 1.00 45.20  ? 176 MET A N   1 
ATOM   219  C CA  . MET A 1 33  ? 6.663   13.429  -13.166 1.00 45.20  ? 176 MET A CA  1 
ATOM   220  C C   . MET A 1 33  ? 5.340   13.366  -13.929 1.00 45.20  ? 176 MET A C   1 
ATOM   221  O O   . MET A 1 33  ? 4.507   14.264  -13.800 1.00 37.59  ? 176 MET A O   1 
ATOM   222  C CB  . MET A 1 33  ? 6.407   13.269  -11.660 1.00 37.59  ? 176 MET A CB  1 
ATOM   223  C CG  . MET A 1 33  ? 7.648   13.365  -10.768 1.00 37.59  ? 176 MET A CG  1 
ATOM   224  S SD  . MET A 1 33  ? 8.466   11.789  -10.458 1.00 37.59  ? 176 MET A SD  1 
ATOM   225  C CE  . MET A 1 33  ? 9.546   11.610  -11.902 1.00 37.59  ? 176 MET A CE  1 
ATOM   226  N N   . THR A 1 34  ? 5.146   12.311  -14.717 1.00 13.75  ? 177 THR A N   1 
ATOM   227  C CA  . THR A 1 34  ? 3.924   12.144  -15.507 1.00 13.75  ? 177 THR A CA  1 
ATOM   228  C C   . THR A 1 34  ? 2.699   11.738  -14.692 1.00 13.75  ? 177 THR A C   1 
ATOM   229  O O   . THR A 1 34  ? 2.831   11.111  -13.637 1.00 20.31  ? 177 THR A O   1 
ATOM   230  C CB  . THR A 1 34  ? 4.138   11.095  -16.576 1.00 20.31  ? 177 THR A CB  1 
ATOM   231  O OG1 . THR A 1 34  ? 4.865   10.005  -16.007 1.00 20.31  ? 177 THR A OG1 1 
ATOM   232  C CG2 . THR A 1 34  ? 4.925   11.673  -17.731 1.00 20.31  ? 177 THR A CG2 1 
ATOM   233  N N   . SER A 1 35  ? 1.514   12.080  -15.191 1.00 22.29  ? 178 SER A N   1 
ATOM   234  C CA  . SER A 1 35  ? 0.268   11.729  -14.515 1.00 22.29  ? 178 SER A CA  1 
ATOM   235  C C   . SER A 1 35  ? 0.094   10.217  -14.426 1.00 22.29  ? 178 SER A C   1 
ATOM   236  O O   . SER A 1 35  ? 0.422   9.480   -15.366 1.00 51.79  ? 178 SER A O   1 
ATOM   237  C CB  . SER A 1 35  ? -0.929  12.346  -15.230 1.00 51.79  ? 178 SER A CB  1 
ATOM   238  O OG  . SER A 1 35  ? -1.045  13.717  -14.907 1.00 51.79  ? 178 SER A OG  1 
ATOM   239  N N   . ARG A 1 36  ? -0.432  9.766   -13.290 1.00 39.76  ? 179 ARG A N   1 
ATOM   240  C CA  . ARG A 1 36  ? -0.644  8.345   -13.044 1.00 39.76  ? 179 ARG A CA  1 
ATOM   241  C C   . ARG A 1 36  ? -2.053  7.876   -13.450 1.00 39.76  ? 179 ARG A C   1 
ATOM   242  O O   . ARG A 1 36  ? -2.935  7.681   -12.602 1.00 14.56  ? 179 ARG A O   1 
ATOM   243  C CB  . ARG A 1 36  ? -0.359  8.039   -11.573 1.00 14.56  ? 179 ARG A CB  1 
ATOM   244  C CG  . ARG A 1 36  ? 1.087   8.268   -11.163 1.00 14.56  ? 179 ARG A CG  1 
ATOM   245  C CD  . ARG A 1 36  ? 1.313   7.898   -9.708  1.00 14.56  ? 179 ARG A CD  1 
ATOM   246  N NE  . ARG A 1 36  ? 1.038   6.481   -9.436  1.00 14.56  ? 179 ARG A NE  1 
ATOM   247  C CZ  . ARG A 1 36  ? -0.062  6.021   -8.839  1.00 14.56  ? 179 ARG A CZ  1 
ATOM   248  N NH1 . ARG A 1 36  ? -1.008  6.856   -8.438  1.00 14.56  ? 179 ARG A NH1 1 
ATOM   249  N NH2 . ARG A 1 36  ? -0.230  4.719   -8.667  1.00 14.56  ? 179 ARG A NH2 1 
ATOM   250  N N   . SER A 1 37  ? -2.250  7.677   -14.752 1.00 28.70  ? 180 SER A N   1 
ATOM   251  C CA  . SER A 1 37  ? -3.544  7.251   -15.284 1.00 28.70  ? 180 SER A CA  1 
ATOM   252  C C   . SER A 1 37  ? -3.966  5.878   -14.767 1.00 28.70  ? 180 SER A C   1 
ATOM   253  O O   . SER A 1 37  ? -3.171  4.943   -14.746 1.00 25.29  ? 180 SER A O   1 
ATOM   254  C CB  . SER A 1 37  ? -3.527  7.270   -16.819 1.00 25.29  ? 180 SER A CB  1 
ATOM   255  O OG  . SER A 1 37  ? -3.259  8.578   -17.312 1.00 25.29  ? 180 SER A OG  1 
ATOM   256  N N   . GLY A 1 38  ? -5.219  5.779   -14.330 1.00 18.60  ? 181 GLY A N   1 
ATOM   257  C CA  . GLY A 1 38  ? -5.740  4.526   -13.809 1.00 18.60  ? 181 GLY A CA  1 
ATOM   258  C C   . GLY A 1 38  ? -5.745  4.456   -12.291 1.00 18.60  ? 181 GLY A C   1 
ATOM   259  O O   . GLY A 1 38  ? -6.469  3.646   -11.700 1.00 21.19  ? 181 GLY A O   1 
ATOM   260  N N   . THR A 1 39  ? -4.979  5.332   -11.647 1.00 7.61   ? 182 THR A N   1 
ATOM   261  C CA  . THR A 1 39  ? -4.898  5.334   -10.196 1.00 7.61   ? 182 THR A CA  1 
ATOM   262  C C   . THR A 1 39  ? -6.247  5.583   -9.529  1.00 7.61   ? 182 THR A C   1 
ATOM   263  O O   . THR A 1 39  ? -6.460  5.178   -8.385  1.00 15.95  ? 182 THR A O   1 
ATOM   264  C CB  . THR A 1 39  ? -3.868  6.345   -9.690  1.00 15.95  ? 182 THR A CB  1 
ATOM   265  O OG1 . THR A 1 39  ? -3.667  6.145   -8.289  1.00 15.95  ? 182 THR A OG1 1 
ATOM   266  C CG2 . THR A 1 39  ? -4.338  7.764   -9.927  1.00 15.95  ? 182 THR A CG2 1 
ATOM   267  N N   . ASP A 1 40  ? -7.164  6.234   -10.240 1.00 12.88  ? 183 ASP A N   1 
ATOM   268  C CA  . ASP A 1 40  ? -8.487  6.504   -9.686  1.00 12.88  ? 183 ASP A CA  1 
ATOM   269  C C   . ASP A 1 40  ? -9.235  5.197   -9.499  1.00 12.88  ? 183 ASP A C   1 
ATOM   270  O O   . ASP A 1 40  ? -9.934  5.004   -8.508  1.00 43.70  ? 183 ASP A O   1 
ATOM   271  C CB  . ASP A 1 40  ? -9.277  7.429   -10.605 1.00 43.70  ? 183 ASP A CB  1 
ATOM   272  C CG  . ASP A 1 40  ? -8.671  8.806   -10.692 1.00 43.70  ? 183 ASP A CG  1 
ATOM   273  O OD1 . ASP A 1 40  ? -8.558  9.475   -9.643  1.00 43.70  ? 183 ASP A OD1 1 
ATOM   274  O OD2 . ASP A 1 40  ? -8.301  9.218   -11.809 1.00 43.70  ? 183 ASP A OD2 1 
ATOM   275  N N   . VAL A 1 41  ? -9.050  4.291   -10.453 1.00 20.50  ? 184 VAL A N   1 
ATOM   276  C CA  . VAL A 1 41  ? -9.686  2.985   -10.421 1.00 20.50  ? 184 VAL A CA  1 
ATOM   277  C C   . VAL A 1 41  ? -9.212  2.265   -9.162  1.00 20.50  ? 184 VAL A C   1 
ATOM   278  O O   . VAL A 1 41  ? -10.002 1.631   -8.462  1.00 21.13  ? 184 VAL A O   1 
ATOM   279  C CB  . VAL A 1 41  ? -9.316  2.159   -11.670 1.00 21.13  ? 184 VAL A CB  1 
ATOM   280  C CG1 . VAL A 1 41  ? -10.094 0.872   -11.694 1.00 21.13  ? 184 VAL A CG1 1 
ATOM   281  C CG2 . VAL A 1 41  ? -9.590  2.963   -12.930 1.00 21.13  ? 184 VAL A CG2 1 
ATOM   282  N N   . ASP A 1 42  ? -7.923  2.408   -8.862  1.00 13.39  ? 185 ASP A N   1 
ATOM   283  C CA  . ASP A 1 42  ? -7.330  1.794   -7.680  1.00 13.39  ? 185 ASP A CA  1 
ATOM   284  C C   . ASP A 1 42  ? -7.897  2.432   -6.430  1.00 13.39  ? 185 ASP A C   1 
ATOM   285  O O   . ASP A 1 42  ? -8.265  1.741   -5.490  1.00 17.20  ? 185 ASP A O   1 
ATOM   286  C CB  . ASP A 1 42  ? -5.815  1.975   -7.682  1.00 17.20  ? 185 ASP A CB  1 
ATOM   287  C CG  . ASP A 1 42  ? -5.112  1.026   -8.623  1.00 17.20  ? 185 ASP A CG  1 
ATOM   288  O OD1 . ASP A 1 42  ? -5.762  0.146   -9.232  1.00 17.20  ? 185 ASP A OD1 1 
ATOM   289  O OD2 . ASP A 1 42  ? -3.884  1.162   -8.737  1.00 17.20  ? 185 ASP A OD2 1 
ATOM   290  N N   . ALA A 1 43  ? -7.967  3.756   -6.421  1.00 10.14  ? 186 ALA A N   1 
ATOM   291  C CA  . ALA A 1 43  ? -8.502  4.472   -5.273  1.00 10.14  ? 186 ALA A CA  1 
ATOM   292  C C   . ALA A 1 43  ? -9.964  4.086   -5.044  1.00 10.14  ? 186 ALA A C   1 
ATOM   293  O O   . ALA A 1 43  ? -10.387 3.882   -3.906  1.00 17.97  ? 186 ALA A O   1 
ATOM   294  C CB  . ALA A 1 43  ? -8.369  5.969   -5.480  1.00 17.97  ? 186 ALA A CB  1 
ATOM   295  N N   . ALA A 1 44  ? -10.718 3.936   -6.130  1.00 8.97   ? 187 ALA A N   1 
ATOM   296  C CA  . ALA A 1 44  ? -12.133 3.591   -6.047  1.00 8.97   ? 187 ALA A CA  1 
ATOM   297  C C   . ALA A 1 44  ? -12.338 2.162   -5.583  1.00 8.97   ? 187 ALA A C   1 
ATOM   298  O O   . ALA A 1 44  ? -13.177 1.890   -4.718  1.00 22.55  ? 187 ALA A O   1 
ATOM   299  C CB  . ALA A 1 44  ? -12.796 3.801   -7.382  1.00 22.55  ? 187 ALA A CB  1 
ATOM   300  N N   . ASN A 1 45  ? -11.562 1.255   -6.162  1.00 2.00   ? 188 ASN A N   1 
ATOM   301  C CA  . ASN A 1 45  ? -11.623 -0.162  -5.832  1.00 2.00   ? 188 ASN A CA  1 
ATOM   302  C C   . ASN A 1 45  ? -11.315 -0.349  -4.338  1.00 2.00   ? 188 ASN A C   1 
ATOM   303  O O   . ASN A 1 45  ? -12.123 -0.909  -3.583  1.00 47.70  ? 188 ASN A O   1 
ATOM   304  C CB  . ASN A 1 45  ? -10.594 -0.913  -6.675  1.00 47.70  ? 188 ASN A CB  1 
ATOM   305  C CG  . ASN A 1 45  ? -10.946 -2.365  -6.870  1.00 47.70  ? 188 ASN A CG  1 
ATOM   306  O OD1 . ASN A 1 45  ? -11.559 -2.994  -6.007  1.00 47.70  ? 188 ASN A OD1 1 
ATOM   307  N ND2 . ASN A 1 45  ? -10.559 -2.913  -8.015  1.00 47.70  ? 188 ASN A ND2 1 
ATOM   308  N N   . LEU A 1 46  ? -10.171 0.185   -3.913  1.00 4.50   ? 189 LEU A N   1 
ATOM   309  C CA  . LEU A 1 46  ? -9.723  0.094   -2.526  1.00 4.50   ? 189 LEU A CA  1 
ATOM   310  C C   . LEU A 1 46  ? -10.747 0.628   -1.539  1.00 4.50   ? 189 LEU A C   1 
ATOM   311  O O   . LEU A 1 46  ? -10.983 0.018   -0.498  1.00 18.68  ? 189 LEU A O   1 
ATOM   312  C CB  . LEU A 1 46  ? -8.394  0.838   -2.343  1.00 18.68  ? 189 LEU A CB  1 
ATOM   313  C CG  . LEU A 1 46  ? -7.144  0.203   -2.959  1.00 18.68  ? 189 LEU A CG  1 
ATOM   314  C CD1 . LEU A 1 46  ? -6.049  1.249   -3.132  1.00 18.68  ? 189 LEU A CD1 1 
ATOM   315  C CD2 . LEU A 1 46  ? -6.659  -0.967  -2.112  1.00 18.68  ? 189 LEU A CD2 1 
ATOM   316  N N   . ARG A 1 47  ? -11.336 1.774   -1.861  1.00 14.90  ? 190 ARG A N   1 
ATOM   317  C CA  . ARG A 1 47  ? -12.346 2.414   -1.018  1.00 14.90  ? 190 ARG A CA  1 
ATOM   318  C C   . ARG A 1 47  ? -13.490 1.436   -0.715  1.00 14.90  ? 190 ARG A C   1 
ATOM   319  O O   . ARG A 1 47  ? -13.870 1.251   0.439   1.00 37.14  ? 190 ARG A O   1 
ATOM   320  C CB  . ARG A 1 47  ? -12.870 3.668   -1.734  1.00 37.14  ? 190 ARG A CB  1 
ATOM   321  C CG  . ARG A 1 47  ? -13.927 4.470   -0.988  1.00 37.14  ? 190 ARG A CG  1 
ATOM   322  C CD  . ARG A 1 47  ? -14.238 5.778   -1.717  1.00 37.14  ? 190 ARG A CD  1 
ATOM   323  N NE  . ARG A 1 47  ? -15.375 6.495   -1.137  1.00 37.14  ? 190 ARG A NE  1 
ATOM   324  C CZ  . ARG A 1 47  ? -15.310 7.320   -0.090  1.00 37.14  ? 190 ARG A CZ  1 
ATOM   325  N NH1 . ARG A 1 47  ? -14.155 7.554   0.524   1.00 37.14  ? 190 ARG A NH1 1 
ATOM   326  N NH2 . ARG A 1 47  ? -16.413 7.915   0.344   1.00 37.14  ? 190 ARG A NH2 1 
ATOM   327  N N   . GLU A 1 48  ? -13.983 0.761   -1.752  1.00 8.54   ? 191 GLU A N   1 
ATOM   328  C CA  . GLU A 1 48  ? -15.073 -0.200  -1.607  1.00 8.54   ? 191 GLU A CA  1 
ATOM   329  C C   . GLU A 1 48  ? -14.684 -1.397  -0.754  1.00 8.54   ? 191 GLU A C   1 
ATOM   330  O O   . GLU A 1 48  ? -15.385 -1.746  0.197   1.00 38.15  ? 191 GLU A O   1 
ATOM   331  C CB  . GLU A 1 48  ? -15.545 -0.688  -2.979  1.00 38.15  ? 191 GLU A CB  1 
ATOM   332  C CG  . GLU A 1 48  ? -16.820 -0.033  -3.483  1.00 38.15  ? 191 GLU A CG  1 
ATOM   333  C CD  . GLU A 1 48  ? -18.059 -0.498  -2.739  1.00 38.15  ? 191 GLU A CD  1 
ATOM   334  O OE1 . GLU A 1 48  ? -18.509 -1.639  -2.984  1.00 38.15  ? 191 GLU A OE1 1 
ATOM   335  O OE2 . GLU A 1 48  ? -18.595 0.281   -1.925  1.00 38.15  ? 191 GLU A OE2 1 
ATOM   336  N N   . THR A 1 49  ? -13.567 -2.026  -1.101  1.00 19.96  ? 192 THR A N   1 
ATOM   337  C CA  . THR A 1 49  ? -13.083 -3.193  -0.382  1.00 19.96  ? 192 THR A CA  1 
ATOM   338  C C   . THR A 1 49  ? -12.937 -2.895  1.110   1.00 19.96  ? 192 THR A C   1 
ATOM   339  O O   . THR A 1 49  ? -13.608 -3.507  1.943   1.00 18.35  ? 192 THR A O   1 
ATOM   340  C CB  . THR A 1 49  ? -11.751 -3.677  -0.976  1.00 18.35  ? 192 THR A CB  1 
ATOM   341  O OG1 . THR A 1 49  ? -11.907 -3.859  -2.389  1.00 18.35  ? 192 THR A OG1 1 
ATOM   342  C CG2 . THR A 1 49  ? -11.322 -5.000  -0.346  1.00 18.35  ? 192 THR A CG2 1 
ATOM   343  N N   . PHE A 1 50  ? -12.130 -1.900  1.446   1.00 2.00   ? 193 PHE A N   1 
ATOM   344  C CA  . PHE A 1 50  ? -11.934 -1.561  2.848   1.00 2.00   ? 193 PHE A CA  1 
ATOM   345  C C   . PHE A 1 50  ? -13.203 -1.072  3.527   1.00 2.00   ? 193 PHE A C   1 
ATOM   346  O O   . PHE A 1 50  ? -13.326 -1.155  4.749   1.00 15.98  ? 193 PHE A O   1 
ATOM   347  C CB  . PHE A 1 50  ? -10.758 -0.593  3.025   1.00 15.98  ? 193 PHE A CB  1 
ATOM   348  C CG  . PHE A 1 50  ? -9.409  -1.267  2.925   1.00 15.98  ? 193 PHE A CG  1 
ATOM   349  C CD1 . PHE A 1 50  ? -8.872  -1.942  4.017   1.00 15.98  ? 193 PHE A CD1 1 
ATOM   350  C CD2 . PHE A 1 50  ? -8.698  -1.273  1.730   1.00 15.98  ? 193 PHE A CD2 1 
ATOM   351  C CE1 . PHE A 1 50  ? -7.652  -2.613  3.923   1.00 15.98  ? 193 PHE A CE1 1 
ATOM   352  C CE2 . PHE A 1 50  ? -7.473  -1.943  1.629   1.00 15.98  ? 193 PHE A CE2 1 
ATOM   353  C CZ  . PHE A 1 50  ? -6.955  -2.614  2.729   1.00 15.98  ? 193 PHE A CZ  1 
ATOM   354  N N   . ARG A 1 51  ? -14.156 -0.588  2.741   1.00 2.00   ? 194 ARG A N   1 
ATOM   355  C CA  . ARG A 1 51  ? -15.430 -0.144  3.298   1.00 2.00   ? 194 ARG A CA  1 
ATOM   356  C C   . ARG A 1 51  ? -16.157 -1.403  3.787   1.00 2.00   ? 194 ARG A C   1 
ATOM   357  O O   . ARG A 1 51  ? -16.618 -1.474  4.925   1.00 25.23  ? 194 ARG A O   1 
ATOM   358  C CB  . ARG A 1 51  ? -16.283 0.546   2.226   1.00 25.23  ? 194 ARG A CB  1 
ATOM   359  C CG  . ARG A 1 51  ? -17.577 1.158   2.769   1.00 25.23  ? 194 ARG A CG  1 
ATOM   360  C CD  . ARG A 1 51  ? -18.456 1.722   1.675   1.00 25.23  ? 194 ARG A CD  1 
ATOM   361  N NE  . ARG A 1 51  ? -19.065 0.675   0.859   1.00 25.23  ? 194 ARG A NE  1 
ATOM   362  C CZ  . ARG A 1 51  ? -20.293 0.194   1.042   1.00 25.23  ? 194 ARG A CZ  1 
ATOM   363  N NH1 . ARG A 1 51  ? -21.062 0.656   2.020   1.00 25.23  ? 194 ARG A NH1 1 
ATOM   364  N NH2 . ARG A 1 51  ? -20.766 -0.738  0.225   1.00 25.23  ? 194 ARG A NH2 1 
ATOM   365  N N   . ASN A 1 52  ? -16.184 -2.419  2.931   1.00 6.96   ? 195 ASN A N   1 
ATOM   366  C CA  . ASN A 1 52  ? -16.829 -3.680  3.258   1.00 6.96   ? 195 ASN A CA  1 
ATOM   367  C C   . ASN A 1 52  ? -16.120 -4.446  4.374   1.00 6.96   ? 195 ASN A C   1 
ATOM   368  O O   . ASN A 1 52  ? -16.606 -5.484  4.828   1.00 25.81  ? 195 ASN A O   1 
ATOM   369  C CB  . ASN A 1 52  ? -16.974 -4.548  2.008   1.00 25.81  ? 195 ASN A CB  1 
ATOM   370  C CG  . ASN A 1 52  ? -18.128 -4.107  1.124   1.00 25.81  ? 195 ASN A CG  1 
ATOM   371  O OD1 . ASN A 1 52  ? -19.208 -3.777  1.614   1.00 25.81  ? 195 ASN A OD1 1 
ATOM   372  N ND2 . ASN A 1 52  ? -17.908 -4.106  -0.184  1.00 25.81  ? 195 ASN A ND2 1 
ATOM   373  N N   . LEU A 1 53  ? -14.969 -3.936  4.805   1.00 10.83  ? 196 LEU A N   1 
ATOM   374  C CA  . LEU A 1 53  ? -14.216 -4.554  5.889   1.00 10.83  ? 196 LEU A CA  1 
ATOM   375  C C   . LEU A 1 53  ? -14.435 -3.779  7.185   1.00 10.83  ? 196 LEU A C   1 
ATOM   376  O O   . LEU A 1 53  ? -13.784 -4.055  8.189   1.00 31.33  ? 196 LEU A O   1 
ATOM   377  C CB  . LEU A 1 53  ? -12.725 -4.608  5.560   1.00 31.33  ? 196 LEU A CB  1 
ATOM   378  C CG  . LEU A 1 53  ? -12.273 -5.548  4.442   1.00 31.33  ? 196 LEU A CG  1 
ATOM   379  C CD1 . LEU A 1 53  ? -10.761 -5.519  4.349   1.00 31.33  ? 196 LEU A CD1 1 
ATOM   380  C CD2 . LEU A 1 53  ? -12.745 -6.960  4.716   1.00 31.33  ? 196 LEU A CD2 1 
ATOM   381  N N   . LYS A 1 54  ? -15.349 -2.807  7.148   1.00 6.06   ? 197 LYS A N   1 
ATOM   382  C CA  . LYS A 1 54  ? -15.704 -1.971  8.304   1.00 6.06   ? 197 LYS A CA  1 
ATOM   383  C C   . LYS A 1 54  ? -14.661 -0.960  8.793   1.00 6.06   ? 197 LYS A C   1 
ATOM   384  O O   . LYS A 1 54  ? -14.670 -0.557  9.967   1.00 37.87  ? 197 LYS A O   1 
ATOM   385  C CB  . LYS A 1 54  ? -16.231 -2.816  9.474   1.00 37.87  ? 197 LYS A CB  1 
ATOM   386  C CG  . LYS A 1 54  ? -17.708 -3.188  9.374   1.00 37.87  ? 197 LYS A CG  1 
ATOM   387  C CD  . LYS A 1 54  ? -17.999 -4.028  8.146   1.00 37.87  ? 197 LYS A CD  1 
ATOM   388  C CE  . LYS A 1 54  ? -19.457 -4.446  8.094   1.00 37.87  ? 197 LYS A CE  1 
ATOM   389  N NZ  . LYS A 1 54  ? -19.747 -5.263  6.880   1.00 37.87  ? 197 LYS A NZ  1 
ATOM   390  N N   . TYR A 1 55  ? -13.800 -0.521  7.876   1.00 2.00   ? 198 TYR A N   1 
ATOM   391  C CA  . TYR A 1 55  ? -12.769 0.476   8.166   1.00 2.00   ? 198 TYR A CA  1 
ATOM   392  C C   . TYR A 1 55  ? -13.304 1.879   7.860   1.00 2.00   ? 198 TYR A C   1 
ATOM   393  O O   . TYR A 1 55  ? -14.187 2.045   7.014   1.00 14.25  ? 198 TYR A O   1 
ATOM   394  C CB  . TYR A 1 55  ? -11.536 0.233   7.284   1.00 14.25  ? 198 TYR A CB  1 
ATOM   395  C CG  . TYR A 1 55  ? -10.590 -0.837  7.786   1.00 14.25  ? 198 TYR A CG  1 
ATOM   396  C CD1 . TYR A 1 55  ? -10.777 -2.184  7.459   1.00 14.25  ? 198 TYR A CD1 1 
ATOM   397  C CD2 . TYR A 1 55  ? -9.510  -0.501  8.597   1.00 14.25  ? 198 TYR A CD2 1 
ATOM   398  C CE1 . TYR A 1 55  ? -9.912  -3.161  7.935   1.00 14.25  ? 198 TYR A CE1 1 
ATOM   399  C CE2 . TYR A 1 55  ? -8.643  -1.473  9.077   1.00 14.25  ? 198 TYR A CE2 1 
ATOM   400  C CZ  . TYR A 1 55  ? -8.848  -2.791  8.745   1.00 14.25  ? 198 TYR A CZ  1 
ATOM   401  O OH  . TYR A 1 55  ? -7.980  -3.732  9.232   1.00 14.25  ? 198 TYR A OH  1 
ATOM   402  N N   . GLU A 1 56  ? -12.787 2.887   8.551   1.00 18.04  ? 199 GLU A N   1 
ATOM   403  C CA  . GLU A 1 56  ? -13.203 4.257   8.286   1.00 18.04  ? 199 GLU A CA  1 
ATOM   404  C C   . GLU A 1 56  ? -12.253 4.780   7.209   1.00 18.04  ? 199 GLU A C   1 
ATOM   405  O O   . GLU A 1 56  ? -11.141 5.225   7.501   1.00 58.95  ? 199 GLU A O   1 
ATOM   406  C CB  . GLU A 1 56  ? -13.118 5.130   9.539   1.00 58.95  ? 199 GLU A CB  1 
ATOM   407  C CG  . GLU A 1 56  ? -13.799 6.482   9.358   1.00 58.95  ? 199 GLU A CG  1 
ATOM   408  C CD  . GLU A 1 56  ? -13.411 7.496   10.414  1.00 58.95  ? 199 GLU A CD  1 
ATOM   409  O OE1 . GLU A 1 56  ? -13.423 7.151   11.616  1.00 58.95  ? 199 GLU A OE1 1 
ATOM   410  O OE2 . GLU A 1 56  ? -13.098 8.646   10.037  1.00 58.95  ? 199 GLU A OE2 1 
ATOM   411  N N   . VAL A 1 57  ? -12.689 4.665   5.960   1.00 20.46  ? 200 VAL A N   1 
ATOM   412  C CA  . VAL A 1 57  ? -11.913 5.098   4.803   1.00 20.46  ? 200 VAL A CA  1 
ATOM   413  C C   . VAL A 1 57  ? -11.900 6.615   4.628   1.00 20.46  ? 200 VAL A C   1 
ATOM   414  O O   . VAL A 1 57  ? -12.913 7.288   4.834   1.00 18.25  ? 200 VAL A O   1 
ATOM   415  C CB  . VAL A 1 57  ? -12.459 4.450   3.496   1.00 18.25  ? 200 VAL A CB  1 
ATOM   416  C CG1 . VAL A 1 57  ? -11.611 4.840   2.296   1.00 18.25  ? 200 VAL A CG1 1 
ATOM   417  C CG2 . VAL A 1 57  ? -12.493 2.939   3.634   1.00 18.25  ? 200 VAL A CG2 1 
ATOM   418  N N   . ARG A 1 58  ? -10.734 7.141   4.262   1.00 12.03  ? 201 ARG A N   1 
ATOM   419  C CA  . ARG A 1 58  ? -10.543 8.567   4.017   1.00 12.03  ? 201 ARG A CA  1 
ATOM   420  C C   . ARG A 1 58  ? -9.692  8.708   2.762   1.00 12.03  ? 201 ARG A C   1 
ATOM   421  O O   . ARG A 1 58  ? -8.542  8.272   2.737   1.00 12.82  ? 201 ARG A O   1 
ATOM   422  C CB  . ARG A 1 58  ? -9.811  9.230   5.182   1.00 12.82  ? 201 ARG A CB  1 
ATOM   423  C CG  . ARG A 1 58  ? -10.483 9.078   6.515   1.00 12.82  ? 201 ARG A CG  1 
ATOM   424  C CD  . ARG A 1 58  ? -9.899  10.065  7.497   1.00 12.82  ? 201 ARG A CD  1 
ATOM   425  N NE  . ARG A 1 58  ? -10.506 9.955   8.820   1.00 12.82  ? 201 ARG A NE  1 
ATOM   426  C CZ  . ARG A 1 58  ? -9.967  10.448  9.929   1.00 12.82  ? 201 ARG A CZ  1 
ATOM   427  N NH1 . ARG A 1 58  ? -8.807  11.095  9.883   1.00 12.82  ? 201 ARG A NH1 1 
ATOM   428  N NH2 . ARG A 1 58  ? -10.567 10.249  11.089  1.00 12.82  ? 201 ARG A NH2 1 
ATOM   429  N N   . ASN A 1 59  ? -10.260 9.285   1.712   1.00 19.30  ? 202 ASN A N   1 
ATOM   430  C CA  . ASN A 1 59  ? -9.526  9.476   0.471   1.00 19.30  ? 202 ASN A CA  1 
ATOM   431  C C   . ASN A 1 59  ? -8.929  10.852  0.386   1.00 19.30  ? 202 ASN A C   1 
ATOM   432  O O   . ASN A 1 59  ? -9.626  11.854  0.533   1.00 29.93  ? 202 ASN A O   1 
ATOM   433  C CB  . ASN A 1 59  ? -10.426 9.277   -0.733  1.00 29.93  ? 202 ASN A CB  1 
ATOM   434  C CG  . ASN A 1 59  ? -10.729 7.844   -0.976  1.00 29.93  ? 202 ASN A CG  1 
ATOM   435  O OD1 . ASN A 1 59  ? -11.320 7.178   -0.131  1.00 29.93  ? 202 ASN A OD1 1 
ATOM   436  N ND2 . ASN A 1 59  ? -10.312 7.343   -2.127  1.00 29.93  ? 202 ASN A ND2 1 
ATOM   437  N N   . LYS A 1 60  ? -7.629  10.897  0.152   1.00 22.50  ? 203 LYS A N   1 
ATOM   438  C CA  . LYS A 1 60  ? -6.928  12.157  0.009   1.00 22.50  ? 203 LYS A CA  1 
ATOM   439  C C   . LYS A 1 60  ? -6.275  12.098  -1.362  1.00 22.50  ? 203 LYS A C   1 
ATOM   440  O O   . LYS A 1 60  ? -5.566  11.139  -1.673  1.00 29.62  ? 203 LYS A O   1 
ATOM   441  C CB  . LYS A 1 60  ? -5.892  12.324  1.119   1.00 29.62  ? 203 LYS A CB  1 
ATOM   442  C CG  . LYS A 1 60  ? -6.489  12.623  2.489   1.00 29.62  ? 203 LYS A CG  1 
ATOM   443  C CD  . LYS A 1 60  ? -7.086  14.026  2.561   1.00 29.62  ? 203 LYS A CD  1 
ATOM   444  C CE  . LYS A 1 60  ? -7.617  14.339  3.963   1.00 29.62  ? 203 LYS A CE  1 
ATOM   445  N NZ  . LYS A 1 60  ? -8.039  15.766  4.116   1.00 29.62  ? 203 LYS A NZ  1 
ATOM   446  N N   . ASN A 1 61  ? -6.589  13.077  -2.209  1.00 12.13  ? 204 ASN A N   1 
ATOM   447  C CA  . ASN A 1 61  ? -6.045  13.143  -3.566  1.00 12.13  ? 204 ASN A CA  1 
ATOM   448  C C   . ASN A 1 61  ? -5.050  14.276  -3.753  1.00 12.13  ? 204 ASN A C   1 
ATOM   449  O O   . ASN A 1 61  ? -5.188  15.340  -3.152  1.00 50.24  ? 204 ASN A O   1 
ATOM   450  C CB  . ASN A 1 61  ? -7.171  13.305  -4.590  1.00 50.24  ? 204 ASN A CB  1 
ATOM   451  C CG  . ASN A 1 61  ? -7.986  12.048  -4.762  1.00 50.24  ? 204 ASN A CG  1 
ATOM   452  O OD1 . ASN A 1 61  ? -9.146  11.986  -4.360  1.00 50.24  ? 204 ASN A OD1 1 
ATOM   453  N ND2 . ASN A 1 61  ? -7.390  11.037  -5.371  1.00 50.24  ? 204 ASN A ND2 1 
ATOM   454  N N   . ASP A 1 62  ? -4.055  14.028  -4.602  1.00 6.36   ? 205 ASP A N   1 
ATOM   455  C CA  . ASP A 1 62  ? -3.016  15.001  -4.946  1.00 6.36   ? 205 ASP A CA  1 
ATOM   456  C C   . ASP A 1 62  ? -2.482  15.850  -3.780  1.00 6.36   ? 205 ASP A C   1 
ATOM   457  O O   . ASP A 1 62  ? -2.696  17.061  -3.718  1.00 20.11  ? 205 ASP A O   1 
ATOM   458  C CB  . ASP A 1 62  ? -3.502  15.906  -6.099  1.00 20.11  ? 205 ASP A CB  1 
ATOM   459  C CG  . ASP A 1 62  ? -3.836  15.128  -7.372  1.00 20.11  ? 205 ASP A CG  1 
ATOM   460  O OD1 . ASP A 1 62  ? -3.460  13.950  -7.491  1.00 20.11  ? 205 ASP A OD1 1 
ATOM   461  O OD2 . ASP A 1 62  ? -4.483  15.705  -8.267  1.00 20.11  ? 205 ASP A OD2 1 
ATOM   462  N N   . LEU A 1 63  ? -1.750  15.213  -2.877  1.00 20.43  ? 206 LEU A N   1 
ATOM   463  C CA  . LEU A 1 63  ? -1.187  15.908  -1.725  1.00 20.43  ? 206 LEU A CA  1 
ATOM   464  C C   . LEU A 1 63  ? 0.292   16.245  -1.933  1.00 20.43  ? 206 LEU A C   1 
ATOM   465  O O   . LEU A 1 63  ? 1.037   15.473  -2.541  1.00 15.27  ? 206 LEU A O   1 
ATOM   466  C CB  . LEU A 1 63  ? -1.343  15.054  -0.467  1.00 15.27  ? 206 LEU A CB  1 
ATOM   467  C CG  . LEU A 1 63  ? -2.749  14.653  -0.030  1.00 15.27  ? 206 LEU A CG  1 
ATOM   468  C CD1 . LEU A 1 63  ? -2.666  13.933  1.305   1.00 15.27  ? 206 LEU A CD1 1 
ATOM   469  C CD2 . LEU A 1 63  ? -3.634  15.873  0.094   1.00 15.27  ? 206 LEU A CD2 1 
ATOM   470  N N   . THR A 1 64  ? 0.714   17.406  -1.442  1.00 11.56  ? 207 THR A N   1 
ATOM   471  C CA  . THR A 1 64  ? 2.109   17.817  -1.561  1.00 11.56  ? 207 THR A CA  1 
ATOM   472  C C   . THR A 1 64  ? 2.887   17.085  -0.478  1.00 11.56  ? 207 THR A C   1 
ATOM   473  O O   . THR A 1 64  ? 2.294   16.642  0.512   1.00 20.23  ? 207 THR A O   1 
ATOM   474  C CB  . THR A 1 64  ? 2.266   19.335  -1.349  1.00 20.23  ? 207 THR A CB  1 
ATOM   475  O OG1 . THR A 1 64  ? 1.689   19.715  -0.092  1.00 20.23  ? 207 THR A OG1 1 
ATOM   476  C CG2 . THR A 1 64  ? 1.594   20.105  -2.479  1.00 20.23  ? 207 THR A CG2 1 
ATOM   477  N N   . ARG A 1 65  ? 4.202   16.967  -0.638  1.00 17.16  ? 208 ARG A N   1 
ATOM   478  C CA  . ARG A 1 65  ? 5.019   16.288  0.363   1.00 17.16  ? 208 ARG A CA  1 
ATOM   479  C C   . ARG A 1 65  ? 4.707   16.787  1.786   1.00 17.16  ? 208 ARG A C   1 
ATOM   480  O O   . ARG A 1 65  ? 4.639   15.993  2.724   1.00 43.85  ? 208 ARG A O   1 
ATOM   481  C CB  . ARG A 1 65  ? 6.516   16.434  0.048   1.00 43.85  ? 208 ARG A CB  1 
ATOM   482  C CG  . ARG A 1 65  ? 7.070   17.842  0.155   1.00 43.85  ? 208 ARG A CG  1 
ATOM   483  C CD  . ARG A 1 65  ? 8.531   17.834  0.594   1.00 43.85  ? 208 ARG A CD  1 
ATOM   484  N NE  . ARG A 1 65  ? 9.476   17.895  -0.519  1.00 43.85  ? 208 ARG A NE  1 
ATOM   485  C CZ  . ARG A 1 65  ? 10.081  19.012  -0.924  1.00 43.85  ? 208 ARG A CZ  1 
ATOM   486  N NH1 . ARG A 1 65  ? 9.842   20.170  -0.310  1.00 43.85  ? 208 ARG A NH1 1 
ATOM   487  N NH2 . ARG A 1 65  ? 10.947  18.974  -1.932  1.00 43.85  ? 208 ARG A NH2 1 
ATOM   488  N N   . GLU A 1 66  ? 4.456   18.090  1.922   1.00 18.31  ? 209 GLU A N   1 
ATOM   489  C CA  . GLU A 1 66  ? 4.136   18.689  3.218   1.00 18.31  ? 209 GLU A CA  1 
ATOM   490  C C   . GLU A 1 66  ? 2.790   18.208  3.742   1.00 18.31  ? 209 GLU A C   1 
ATOM   491  O O   . GLU A 1 66  ? 2.663   17.859  4.914   1.00 41.23  ? 209 GLU A O   1 
ATOM   492  C CB  . GLU A 1 66  ? 4.105   20.217  3.138   1.00 41.23  ? 209 GLU A CB  1 
ATOM   493  C CG  . GLU A 1 66  ? 5.459   20.883  2.991   1.00 41.23  ? 209 GLU A CG  1 
ATOM   494  C CD  . GLU A 1 66  ? 5.977   20.882  1.568   1.00 41.23  ? 209 GLU A CD  1 
ATOM   495  O OE1 . GLU A 1 66  ? 5.163   20.801  0.623   1.00 41.23  ? 209 GLU A OE1 1 
ATOM   496  O OE2 . GLU A 1 66  ? 7.210   20.981  1.394   1.00 41.23  ? 209 GLU A OE2 1 
ATOM   497  N N   . GLU A 1 67  ? 1.786   18.207  2.870   1.00 10.97  ? 210 GLU A N   1 
ATOM   498  C CA  . GLU A 1 67  ? 0.440   17.783  3.248   1.00 10.97  ? 210 GLU A CA  1 
ATOM   499  C C   . GLU A 1 67  ? 0.405   16.313  3.628   1.00 10.97  ? 210 GLU A C   1 
ATOM   500  O O   . GLU A 1 67  ? -0.439  15.900  4.423   1.00 32.31  ? 210 GLU A O   1 
ATOM   501  C CB  . GLU A 1 67  ? -0.561  18.089  2.131   1.00 32.31  ? 210 GLU A CB  1 
ATOM   502  C CG  . GLU A 1 67  ? -0.702  19.583  1.850   1.00 32.31  ? 210 GLU A CG  1 
ATOM   503  C CD  . GLU A 1 67  ? -1.662  19.896  0.719   1.00 32.31  ? 210 GLU A CD  1 
ATOM   504  O OE1 . GLU A 1 67  ? -1.295  19.698  -0.458  1.00 32.31  ? 210 GLU A OE1 1 
ATOM   505  O OE2 . GLU A 1 67  ? -2.784  20.356  1.008   1.00 32.31  ? 210 GLU A OE2 1 
ATOM   506  N N   . ILE A 1 68  ? 1.332   15.530  3.079   1.00 13.55  ? 211 ILE A N   1 
ATOM   507  C CA  . ILE A 1 68  ? 1.407   14.111  3.409   1.00 13.55  ? 211 ILE A CA  1 
ATOM   508  C C   . ILE A 1 68  ? 1.872   13.983  4.853   1.00 13.55  ? 211 ILE A C   1 
ATOM   509  O O   . ILE A 1 68  ? 1.171   13.411  5.688   1.00 20.96  ? 211 ILE A O   1 
ATOM   510  C CB  . ILE A 1 68  ? 2.347   13.328  2.473   1.00 20.96  ? 211 ILE A CB  1 
ATOM   511  C CG1 . ILE A 1 68  ? 1.719   13.221  1.076   1.00 20.96  ? 211 ILE A CG1 1 
ATOM   512  C CG2 . ILE A 1 68  ? 2.604   11.941  3.040   1.00 20.96  ? 211 ILE A CG2 1 
ATOM   513  C CD1 . ILE A 1 68  ? 2.525   12.426  0.069   1.00 20.96  ? 211 ILE A CD1 1 
ATOM   514  N N   . VAL A 1 69  ? 3.022   14.571  5.162   1.00 8.27   ? 212 VAL A N   1 
ATOM   515  C CA  . VAL A 1 69  ? 3.557   14.531  6.517   1.00 8.27   ? 212 VAL A CA  1 
ATOM   516  C C   . VAL A 1 69  ? 2.529   15.101  7.502   1.00 8.27   ? 212 VAL A C   1 
ATOM   517  O O   . VAL A 1 69  ? 2.269   14.520  8.554   1.00 25.16  ? 212 VAL A O   1 
ATOM   518  C CB  . VAL A 1 69  ? 4.869   15.341  6.611   1.00 25.16  ? 212 VAL A CB  1 
ATOM   519  C CG1 . VAL A 1 69  ? 5.443   15.262  8.017   1.00 25.16  ? 212 VAL A CG1 1 
ATOM   520  C CG2 . VAL A 1 69  ? 5.879   14.826  5.585   1.00 25.16  ? 212 VAL A CG2 1 
ATOM   521  N N   . GLU A 1 70  ? 1.925   16.220  7.120   1.00 24.36  ? 213 GLU A N   1 
ATOM   522  C CA  . GLU A 1 70  ? 0.915   16.904  7.920   1.00 24.36  ? 213 GLU A CA  1 
ATOM   523  C C   . GLU A 1 70  ? -0.234  15.955  8.270   1.00 24.36  ? 213 GLU A C   1 
ATOM   524  O O   . GLU A 1 70  ? -0.643  15.852  9.429   1.00 113.47 ? 213 GLU A O   1 
ATOM   525  C CB  . GLU A 1 70  ? 0.387   18.097  7.123   1.00 113.47 ? 213 GLU A CB  1 
ATOM   526  C CG  . GLU A 1 70  ? -0.646  18.951  7.825   1.00 113.47 ? 213 GLU A CG  1 
ATOM   527  C CD  . GLU A 1 70  ? -1.186  20.047  6.921   1.00 113.47 ? 213 GLU A CD  1 
ATOM   528  O OE1 . GLU A 1 70  ? -0.376  20.794  6.329   1.00 113.47 ? 213 GLU A OE1 1 
ATOM   529  O OE2 . GLU A 1 70  ? -2.425  20.154  6.795   1.00 113.47 ? 213 GLU A OE2 1 
ATOM   530  N N   . LEU A 1 71  ? -0.734  15.249  7.262   1.00 15.25  ? 214 LEU A N   1 
ATOM   531  C CA  . LEU A 1 71  ? -1.829  14.309  7.447   1.00 15.25  ? 214 LEU A CA  1 
ATOM   532  C C   . LEU A 1 71  ? -1.419  13.162  8.365   1.00 15.25  ? 214 LEU A C   1 
ATOM   533  O O   . LEU A 1 71  ? -2.141  12.822  9.302   1.00 12.76  ? 214 LEU A O   1 
ATOM   534  C CB  . LEU A 1 71  ? -2.289  13.757  6.093   1.00 12.76  ? 214 LEU A CB  1 
ATOM   535  C CG  . LEU A 1 71  ? -3.429  12.741  6.134   1.00 12.76  ? 214 LEU A CG  1 
ATOM   536  C CD1 . LEU A 1 71  ? -4.697  13.388  6.648   1.00 12.76  ? 214 LEU A CD1 1 
ATOM   537  C CD2 . LEU A 1 71  ? -3.647  12.187  4.750   1.00 12.76  ? 214 LEU A CD2 1 
ATOM   538  N N   . MET A 1 72  ? -0.258  12.572  8.095   1.00 3.51   ? 215 MET A N   1 
ATOM   539  C CA  . MET A 1 72  ? 0.248   11.464  8.898   1.00 3.51   ? 215 MET A CA  1 
ATOM   540  C C   . MET A 1 72  ? 0.504   11.887  10.344  1.00 3.51   ? 215 MET A C   1 
ATOM   541  O O   . MET A 1 72  ? 0.316   11.103  11.271  1.00 20.84  ? 215 MET A O   1 
ATOM   542  C CB  . MET A 1 72  ? 1.517   10.888  8.274   1.00 20.84  ? 215 MET A CB  1 
ATOM   543  C CG  . MET A 1 72  ? 1.308   10.301  6.885   1.00 20.84  ? 215 MET A CG  1 
ATOM   544  S SD  . MET A 1 72  ? 0.222   8.851   6.851   1.00 20.84  ? 215 MET A SD  1 
ATOM   545  C CE  . MET A 1 72  ? -1.331  9.580   6.360   1.00 20.84  ? 215 MET A CE  1 
ATOM   546  N N   . ARG A 1 73  ? 0.904   13.139  10.530  1.00 24.02  ? 216 ARG A N   1 
ATOM   547  C CA  . ARG A 1 73  ? 1.174   13.684  11.854  1.00 24.02  ? 216 ARG A CA  1 
ATOM   548  C C   . ARG A 1 73  ? -0.141  13.788  12.619  1.00 24.02  ? 216 ARG A C   1 
ATOM   549  O O   . ARG A 1 73  ? -0.240  13.375  13.773  1.00 51.98  ? 216 ARG A O   1 
ATOM   550  C CB  . ARG A 1 73  ? 1.813   15.072  11.716  1.00 51.98  ? 216 ARG A CB  1 
ATOM   551  C CG  . ARG A 1 73  ? 2.276   15.714  13.019  1.00 51.98  ? 216 ARG A CG  1 
ATOM   552  C CD  . ARG A 1 73  ? 2.795   17.139  12.785  1.00 51.98  ? 216 ARG A CD  1 
ATOM   553  N NE  . ARG A 1 73  ? 1.732   18.062  12.379  1.00 51.98  ? 216 ARG A NE  1 
ATOM   554  C CZ  . ARG A 1 73  ? 1.778   18.856  11.308  1.00 51.98  ? 216 ARG A CZ  1 
ATOM   555  N NH1 . ARG A 1 73  ? 2.841   18.861  10.508  1.00 51.98  ? 216 ARG A NH1 1 
ATOM   556  N NH2 . ARG A 1 73  ? 0.741   19.635  11.022  1.00 51.98  ? 216 ARG A NH2 1 
ATOM   557  N N   . ASP A 1 74  ? -1.161  14.314  11.953  1.00 9.45   ? 217 ASP A N   1 
ATOM   558  C CA  . ASP A 1 74  ? -2.461  14.485  12.578  1.00 9.45   ? 217 ASP A CA  1 
ATOM   559  C C   . ASP A 1 74  ? -3.166  13.164  12.849  1.00 9.45   ? 217 ASP A C   1 
ATOM   560  O O   . ASP A 1 74  ? -3.806  13.005  13.889  1.00 50.60  ? 217 ASP A O   1 
ATOM   561  C CB  . ASP A 1 74  ? -3.337  15.423  11.742  1.00 50.60  ? 217 ASP A CB  1 
ATOM   562  C CG  . ASP A 1 74  ? -2.864  16.874  11.802  1.00 50.60  ? 217 ASP A CG  1 
ATOM   563  O OD1 . ASP A 1 74  ? -1.829  17.157  12.445  1.00 50.60  ? 217 ASP A OD1 1 
ATOM   564  O OD2 . ASP A 1 74  ? -3.539  17.742  11.210  1.00 50.60  ? 217 ASP A OD2 1 
ATOM   565  N N   . VAL A 1 75  ? -3.010  12.204  11.941  1.00 16.99  ? 218 VAL A N   1 
ATOM   566  C CA  . VAL A 1 75  ? -3.637  10.897  12.104  1.00 16.99  ? 218 VAL A CA  1 
ATOM   567  C C   . VAL A 1 75  ? -3.028  10.130  13.283  1.00 16.99  ? 218 VAL A C   1 
ATOM   568  O O   . VAL A 1 75  ? -3.732  9.381   13.977  1.00 8.98   ? 218 VAL A O   1 
ATOM   569  C CB  . VAL A 1 75  ? -3.560  10.063  10.807  1.00 8.98   ? 218 VAL A CB  1 
ATOM   570  C CG1 . VAL A 1 75  ? -4.070  8.665   11.044  1.00 8.98   ? 218 VAL A CG1 1 
ATOM   571  C CG2 . VAL A 1 75  ? -4.392  10.724  9.728   1.00 8.98   ? 218 VAL A CG2 1 
ATOM   572  N N   . SER A 1 76  ? -1.742  10.350  13.542  1.00 58.58  ? 219 SER A N   1 
ATOM   573  C CA  . SER A 1 76  ? -1.061  9.680   14.651  1.00 58.58  ? 219 SER A CA  1 
ATOM   574  C C   . SER A 1 76  ? -1.453  10.273  16.005  1.00 58.58  ? 219 SER A C   1 
ATOM   575  O O   . SER A 1 76  ? -1.441  9.580   17.027  1.00 61.95  ? 219 SER A O   1 
ATOM   576  C CB  . SER A 1 76  ? 0.462   9.745   14.475  1.00 61.95  ? 219 SER A CB  1 
ATOM   577  O OG  . SER A 1 76  ? 0.924   11.080  14.370  1.00 61.95  ? 219 SER A OG  1 
ATOM   578  N N   . LYS A 1 77  ? -1.814  11.553  16.001  1.00 21.84  ? 220 LYS A N   1 
ATOM   579  C CA  . LYS A 1 77  ? -2.204  12.238  17.224  1.00 21.84  ? 220 LYS A CA  1 
ATOM   580  C C   . LYS A 1 77  ? -3.656  11.975  17.635  1.00 21.84  ? 220 LYS A C   1 
ATOM   581  O O   . LYS A 1 77  ? -4.098  12.420  18.693  1.00 51.34  ? 220 LYS A O   1 
ATOM   582  C CB  . LYS A 1 77  ? -1.900  13.737  17.107  1.00 51.34  ? 220 LYS A CB  1 
ATOM   583  C CG  . LYS A 1 77  ? -0.402  14.043  17.170  1.00 51.34  ? 220 LYS A CG  1 
ATOM   584  C CD  . LYS A 1 77  ? -0.045  15.387  16.549  1.00 51.34  ? 220 LYS A CD  1 
ATOM   585  C CE  . LYS A 1 77  ? -0.640  16.558  17.311  1.00 51.34  ? 220 LYS A CE  1 
ATOM   586  N NZ  . LYS A 1 77  ? -0.275  17.863  16.686  1.00 51.34  ? 220 LYS A NZ  1 
ATOM   587  N N   . GLU A 1 78  ? -4.392  11.243  16.807  1.00 26.81  ? 221 GLU A N   1 
ATOM   588  C CA  . GLU A 1 78  ? -5.779  10.909  17.122  1.00 26.81  ? 221 GLU A CA  1 
ATOM   589  C C   . GLU A 1 78  ? -5.793  9.763   18.131  1.00 26.81  ? 221 GLU A C   1 
ATOM   590  O O   . GLU A 1 78  ? -4.775  9.104   18.342  1.00 32.19  ? 221 GLU A O   1 
ATOM   591  C CB  . GLU A 1 78  ? -6.534  10.470  15.867  1.00 32.19  ? 221 GLU A CB  1 
ATOM   592  C CG  . GLU A 1 78  ? -6.820  11.567  14.863  1.00 32.19  ? 221 GLU A CG  1 
ATOM   593  C CD  . GLU A 1 78  ? -7.570  11.058  13.644  1.00 32.19  ? 221 GLU A CD  1 
ATOM   594  O OE1 . GLU A 1 78  ? -8.357  10.094  13.777  1.00 32.19  ? 221 GLU A OE1 1 
ATOM   595  O OE2 . GLU A 1 78  ? -7.372  11.627  12.550  1.00 32.19  ? 221 GLU A OE2 1 
ATOM   596  N N   . ASP A 1 79  ? -6.957  9.498   18.717  1.00 17.19  ? 222 ASP A N   1 
ATOM   597  C CA  . ASP A 1 79  ? -7.093  8.413   19.682  1.00 17.19  ? 222 ASP A CA  1 
ATOM   598  C C   . ASP A 1 79  ? -7.590  7.167   18.959  1.00 17.19  ? 222 ASP A C   1 
ATOM   599  O O   . ASP A 1 79  ? -8.671  7.161   18.366  1.00 42.04  ? 222 ASP A O   1 
ATOM   600  C CB  . ASP A 1 79  ? -8.060  8.804   20.807  1.00 42.04  ? 222 ASP A CB  1 
ATOM   601  C CG  . ASP A 1 79  ? -8.079  7.794   21.948  1.00 42.04  ? 222 ASP A CG  1 
ATOM   602  O OD1 . ASP A 1 79  ? -7.069  7.078   22.136  1.00 42.04  ? 222 ASP A OD1 1 
ATOM   603  O OD2 . ASP A 1 79  ? -9.105  7.728   22.664  1.00 42.04  ? 222 ASP A OD2 1 
ATOM   604  N N   . HIS A 1 80  ? -6.776  6.118   19.002  1.00 17.97  ? 224 HIS A N   1 
ATOM   605  C CA  . HIS A 1 80  ? -7.100  4.858   18.348  1.00 17.97  ? 224 HIS A CA  1 
ATOM   606  C C   . HIS A 1 80  ? -7.431  3.743   19.341  1.00 17.97  ? 224 HIS A C   1 
ATOM   607  O O   . HIS A 1 80  ? -7.508  2.578   18.958  1.00 27.80  ? 224 HIS A O   1 
ATOM   608  C CB  . HIS A 1 80  ? -5.924  4.408   17.479  1.00 27.80  ? 224 HIS A CB  1 
ATOM   609  C CG  . HIS A 1 80  ? -5.498  5.413   16.451  1.00 27.80  ? 224 HIS A CG  1 
ATOM   610  N ND1 . HIS A 1 80  ? -5.937  5.374   15.145  1.00 27.80  ? 224 HIS A ND1 1 
ATOM   611  C CD2 . HIS A 1 80  ? -4.649  6.463   16.531  1.00 27.80  ? 224 HIS A CD2 1 
ATOM   612  C CE1 . HIS A 1 80  ? -5.373  6.358   14.463  1.00 27.80  ? 224 HIS A CE1 1 
ATOM   613  N NE2 . HIS A 1 80  ? -4.588  7.032   15.283  1.00 27.80  ? 224 HIS A NE2 1 
ATOM   614  N N   . SER A 1 81  ? -7.653  4.097   20.605  1.00 55.46  ? 225 SER A N   1 
ATOM   615  C CA  . SER A 1 81  ? -7.952  3.109   21.644  1.00 55.46  ? 225 SER A CA  1 
ATOM   616  C C   . SER A 1 81  ? -9.170  2.223   21.373  1.00 55.46  ? 225 SER A C   1 
ATOM   617  O O   . SER A 1 81  ? -9.254  1.107   21.885  1.00 66.51  ? 225 SER A O   1 
ATOM   618  C CB  . SER A 1 81  ? -8.090  3.794   23.007  1.00 66.51  ? 225 SER A CB  1 
ATOM   619  O OG  . SER A 1 81  ? -6.914  4.519   23.339  1.00 66.51  ? 225 SER A OG  1 
ATOM   620  N N   . LYS A 1 82  ? -10.127 2.732   20.599  1.00 11.68  ? 226 LYS A N   1 
ATOM   621  C CA  . LYS A 1 82  ? -11.329 1.974   20.262  1.00 11.68  ? 226 LYS A CA  1 
ATOM   622  C C   . LYS A 1 82  ? -11.223 1.365   18.864  1.00 11.68  ? 226 LYS A C   1 
ATOM   623  O O   . LYS A 1 82  ? -12.192 0.808   18.344  1.00 104.90 ? 226 LYS A O   1 
ATOM   624  C CB  . LYS A 1 82  ? -12.573 2.867   20.354  1.00 104.90 ? 226 LYS A CB  1 
ATOM   625  C CG  . LYS A 1 82  ? -13.006 3.246   21.777  1.00 104.90 ? 226 LYS A CG  1 
ATOM   626  C CD  . LYS A 1 82  ? -12.136 4.340   22.398  1.00 104.90 ? 226 LYS A CD  1 
ATOM   627  C CE  . LYS A 1 82  ? -12.635 4.728   23.789  1.00 104.90 ? 226 LYS A CE  1 
ATOM   628  N NZ  . LYS A 1 82  ? -11.866 5.862   24.382  1.00 104.90 ? 226 LYS A NZ  1 
ATOM   629  N N   . ARG A 1 83  ? -10.034 1.460   18.272  1.00 29.30  ? 227 ARG A N   1 
ATOM   630  C CA  . ARG A 1 83  ? -9.782  0.948   16.929  1.00 29.30  ? 227 ARG A CA  1 
ATOM   631  C C   . ARG A 1 83  ? -8.892  -0.291  16.974  1.00 29.30  ? 227 ARG A C   1 
ATOM   632  O O   . ARG A 1 83  ? -8.020  -0.409  17.828  1.00 26.82  ? 227 ARG A O   1 
ATOM   633  C CB  . ARG A 1 83  ? -9.157  2.044   16.060  1.00 26.82  ? 227 ARG A CB  1 
ATOM   634  C CG  . ARG A 1 83  ? -10.062 3.261   15.885  1.00 26.82  ? 227 ARG A CG  1 
ATOM   635  C CD  . ARG A 1 83  ? -9.383  4.412   15.148  1.00 26.82  ? 227 ARG A CD  1 
ATOM   636  N NE  . ARG A 1 83  ? -10.297 5.538   14.931  1.00 26.82  ? 227 ARG A NE  1 
ATOM   637  C CZ  . ARG A 1 83  ? -9.920  6.786   14.659  1.00 26.82  ? 227 ARG A CZ  1 
ATOM   638  N NH1 . ARG A 1 83  ? -8.632  7.097   14.564  1.00 26.82  ? 227 ARG A NH1 1 
ATOM   639  N NH2 . ARG A 1 83  ? -10.834 7.732   14.478  1.00 26.82  ? 227 ARG A NH2 1 
ATOM   640  N N   . SER A 1 84  ? -9.128  -1.220  16.056  1.00 27.53  ? 228 SER A N   1 
ATOM   641  C CA  . SER A 1 84  ? -8.373  -2.465  16.005  1.00 27.53  ? 228 SER A CA  1 
ATOM   642  C C   . SER A 1 84  ? -7.051  -2.374  15.237  1.00 27.53  ? 228 SER A C   1 
ATOM   643  O O   . SER A 1 84  ? -6.028  -2.904  15.682  1.00 17.35  ? 228 SER A O   1 
ATOM   644  C CB  . SER A 1 84  ? -9.239  -3.575  15.393  1.00 17.35  ? 228 SER A CB  1 
ATOM   645  O OG  . SER A 1 84  ? -10.468 -3.728  16.091  1.00 17.35  ? 228 SER A OG  1 
ATOM   646  N N   . SER A 1 85  ? -7.073  -1.709  14.086  1.00 7.14   ? 229 SER A N   1 
ATOM   647  C CA  . SER A 1 85  ? -5.893  -1.594  13.256  1.00 7.14   ? 229 SER A CA  1 
ATOM   648  C C   . SER A 1 85  ? -5.796  -0.251  12.567  1.00 7.14   ? 229 SER A C   1 
ATOM   649  O O   . SER A 1 85  ? -6.575  0.664   12.837  1.00 18.78  ? 229 SER A O   1 
ATOM   650  C CB  . SER A 1 85  ? -5.933  -2.695  12.207  1.00 18.78  ? 229 SER A CB  1 
ATOM   651  O OG  . SER A 1 85  ? -7.160  -2.647  11.510  1.00 18.78  ? 229 SER A OG  1 
ATOM   652  N N   . PHE A 1 86  ? -4.802  -0.134  11.696  1.00 2.00   ? 230 PHE A N   1 
ATOM   653  C CA  . PHE A 1 86  ? -4.562  1.072   10.924  1.00 2.00   ? 230 PHE A CA  1 
ATOM   654  C C   . PHE A 1 86  ? -4.050  0.628   9.585   1.00 2.00   ? 230 PHE A C   1 
ATOM   655  O O   . PHE A 1 86  ? -3.128  -0.167  9.515   1.00 6.00   ? 230 PHE A O   1 
ATOM   656  C CB  . PHE A 1 86  ? -3.502  1.947   11.574  1.00 6.00   ? 230 PHE A CB  1 
ATOM   657  C CG  . PHE A 1 86  ? -3.114  3.126   10.734  1.00 6.00   ? 230 PHE A CG  1 
ATOM   658  C CD1 . PHE A 1 86  ? -3.975  4.211   10.595  1.00 6.00   ? 230 PHE A CD1 1 
ATOM   659  C CD2 . PHE A 1 86  ? -1.904  3.147   10.059  1.00 6.00   ? 230 PHE A CD2 1 
ATOM   660  C CE1 . PHE A 1 86  ? -3.629  5.291   9.795   1.00 6.00   ? 230 PHE A CE1 1 
ATOM   661  C CE2 . PHE A 1 86  ? -1.553  4.218   9.263   1.00 6.00   ? 230 PHE A CE2 1 
ATOM   662  C CZ  . PHE A 1 86  ? -2.417  5.292   9.131   1.00 6.00   ? 230 PHE A CZ  1 
ATOM   663  N N   . VAL A 1 87  ? -4.675  1.096   8.519   1.00 11.91  ? 231 VAL A N   1 
ATOM   664  C CA  . VAL A 1 87  ? -4.239  0.740   7.182   1.00 11.91  ? 231 VAL A CA  1 
ATOM   665  C C   . VAL A 1 87  ? -3.915  2.041   6.477   1.00 11.91  ? 231 VAL A C   1 
ATOM   666  O O   . VAL A 1 87  ? -4.618  3.040   6.648   1.00 7.46   ? 231 VAL A O   1 
ATOM   667  C CB  . VAL A 1 87  ? -5.339  -0.001  6.410   1.00 7.46   ? 231 VAL A CB  1 
ATOM   668  C CG1 . VAL A 1 87  ? -4.845  -0.399  5.037   1.00 7.46   ? 231 VAL A CG1 1 
ATOM   669  C CG2 . VAL A 1 87  ? -5.771  -1.229  7.177   1.00 7.46   ? 231 VAL A CG2 1 
ATOM   670  N N   . CYS A 1 88  ? -2.806  2.057   5.760   1.00 2.00   ? 232 CYS A N   1 
ATOM   671  C CA  . CYS A 1 88  ? -2.408  3.241   5.032   1.00 2.00   ? 232 CYS A CA  1 
ATOM   672  C C   . CYS A 1 88  ? -2.008  2.768   3.651   1.00 2.00   ? 232 CYS A C   1 
ATOM   673  O O   . CYS A 1 88  ? -1.221  1.832   3.507   1.00 20.41  ? 232 CYS A O   1 
ATOM   674  C CB  . CYS A 1 88  ? -1.242  3.925   5.727   1.00 20.41  ? 232 CYS A CB  1 
ATOM   675  S SG  . CYS A 1 88  ? -0.738  5.440   4.917   1.00 20.41  ? 232 CYS A SG  1 
ATOM   676  N N   . VAL A 1 89  ? -2.626  3.355   2.638   1.00 6.36   ? 233 VAL A N   1 
ATOM   677  C CA  . VAL A 1 89  ? -2.354  2.987   1.265   1.00 6.36   ? 233 VAL A CA  1 
ATOM   678  C C   . VAL A 1 89  ? -1.743  4.200   0.603   1.00 6.36   ? 233 VAL A C   1 
ATOM   679  O O   . VAL A 1 89  ? -2.216  5.315   0.799   1.00 2.00   ? 233 VAL A O   1 
ATOM   680  C CB  . VAL A 1 89  ? -3.656  2.612   0.528   1.00 2.00   ? 233 VAL A CB  1 
ATOM   681  C CG1 . VAL A 1 89  ? -3.346  2.063   -0.850  1.00 2.00   ? 233 VAL A CG1 1 
ATOM   682  C CG2 . VAL A 1 89  ? -4.462  1.596   1.341   1.00 2.00   ? 233 VAL A CG2 1 
ATOM   683  N N   . LEU A 1 90  ? -0.693  3.991   -0.177  1.00 14.67  ? 234 LEU A N   1 
ATOM   684  C CA  . LEU A 1 90  ? -0.035  5.091   -0.863  1.00 14.67  ? 234 LEU A CA  1 
ATOM   685  C C   . LEU A 1 90  ? 0.083   4.769   -2.346  1.00 14.67  ? 234 LEU A C   1 
ATOM   686  O O   . LEU A 1 90  ? 0.767   3.821   -2.732  1.00 14.01  ? 234 LEU A O   1 
ATOM   687  C CB  . LEU A 1 90  ? 1.351   5.332   -0.260  1.00 14.01  ? 234 LEU A CB  1 
ATOM   688  C CG  . LEU A 1 90  ? 1.356   5.688   1.226   1.00 14.01  ? 234 LEU A CG  1 
ATOM   689  C CD1 . LEU A 1 90  ? 2.706   5.421   1.832   1.00 14.01  ? 234 LEU A CD1 1 
ATOM   690  C CD2 . LEU A 1 90  ? 0.965   7.134   1.406   1.00 14.01  ? 234 LEU A CD2 1 
ATOM   691  N N   . LEU A 1 91  ? -0.644  5.515   -3.170  1.00 10.56  ? 235 LEU A N   1 
ATOM   692  C CA  . LEU A 1 91  ? -0.615  5.321   -4.614  1.00 10.56  ? 235 LEU A CA  1 
ATOM   693  C C   . LEU A 1 91  ? 0.101   6.533   -5.172  1.00 10.56  ? 235 LEU A C   1 
ATOM   694  O O   . LEU A 1 91  ? -0.400  7.657   -5.066  1.00 7.86   ? 235 LEU A O   1 
ATOM   695  C CB  . LEU A 1 91  ? -2.035  5.246   -5.169  1.00 7.86   ? 235 LEU A CB  1 
ATOM   696  C CG  . LEU A 1 91  ? -2.964  4.262   -4.460  1.00 7.86   ? 235 LEU A CG  1 
ATOM   697  C CD1 . LEU A 1 91  ? -4.345  4.330   -5.073  1.00 7.86   ? 235 LEU A CD1 1 
ATOM   698  C CD2 . LEU A 1 91  ? -2.404  2.851   -4.559  1.00 7.86   ? 235 LEU A CD2 1 
ATOM   699  N N   . SER A 1 92  ? 1.277   6.304   -5.751  1.00 9.79   ? 236 SER A N   1 
ATOM   700  C CA  . SER A 1 92  ? 2.075   7.393   -6.292  1.00 9.79   ? 236 SER A CA  1 
ATOM   701  C C   . SER A 1 92  ? 3.359   6.899   -6.965  1.00 9.79   ? 236 SER A C   1 
ATOM   702  O O   . SER A 1 92  ? 3.562   5.702   -7.132  1.00 15.70  ? 236 SER A O   1 
ATOM   703  C CB  . SER A 1 92  ? 2.431   8.352   -5.150  1.00 15.70  ? 236 SER A CB  1 
ATOM   704  O OG  . SER A 1 92  ? 3.193   9.446   -5.618  1.00 15.70  ? 236 SER A OG  1 
ATOM   705  N N   . HIS A 1 93  ? 4.176   7.840   -7.431  1.00 17.00  ? 237 HIS A N   1 
ATOM   706  C CA  . HIS A 1 93  ? 5.466   7.527   -8.044  1.00 17.00  ? 237 HIS A CA  1 
ATOM   707  C C   . HIS A 1 93  ? 6.421   7.353   -6.873  1.00 17.00  ? 237 HIS A C   1 
ATOM   708  O O   . HIS A 1 93  ? 6.111   7.761   -5.752  1.00 10.70  ? 237 HIS A O   1 
ATOM   709  C CB  . HIS A 1 93  ? 5.983   8.705   -8.876  1.00 10.70  ? 237 HIS A CB  1 
ATOM   710  C CG  . HIS A 1 93  ? 5.445   8.757   -10.268 1.00 10.70  ? 237 HIS A CG  1 
ATOM   711  N ND1 . HIS A 1 93  ? 5.882   7.913   -11.264 1.00 10.70  ? 237 HIS A ND1 1 
ATOM   712  C CD2 . HIS A 1 93  ? 4.532   9.576   -10.842 1.00 10.70  ? 237 HIS A CD2 1 
ATOM   713  C CE1 . HIS A 1 93  ? 5.263   8.209   -12.393 1.00 10.70  ? 237 HIS A CE1 1 
ATOM   714  N NE2 . HIS A 1 93  ? 4.439   9.214   -12.161 1.00 10.70  ? 237 HIS A NE2 1 
ATOM   715  N N   . GLY A 1 94  ? 7.603   6.814   -7.132  1.00 17.84  ? 238 GLY A N   1 
ATOM   716  C CA  . GLY A 1 94  ? 8.549   6.652   -6.050  1.00 17.84  ? 238 GLY A CA  1 
ATOM   717  C C   . GLY A 1 94  ? 9.789   5.885   -6.415  1.00 17.84  ? 238 GLY A C   1 
ATOM   718  O O   . GLY A 1 94  ? 9.985   5.507   -7.569  1.00 2.00   ? 238 GLY A O   1 
ATOM   719  N N   . GLU A 1 95  ? 10.642  5.702   -5.416  1.00 15.24  ? 239 GLU A N   1 
ATOM   720  C CA  . GLU A 1 95  ? 11.889  4.961   -5.537  1.00 15.24  ? 239 GLU A CA  1 
ATOM   721  C C   . GLU A 1 95  ? 12.126  4.270   -4.199  1.00 15.24  ? 239 GLU A C   1 
ATOM   722  O O   . GLU A 1 95  ? 11.328  4.420   -3.270  1.00 53.04  ? 239 GLU A O   1 
ATOM   723  C CB  . GLU A 1 95  ? 13.039  5.893   -5.886  1.00 53.04  ? 239 GLU A CB  1 
ATOM   724  C CG  . GLU A 1 95  ? 12.978  6.357   -7.317  1.00 53.04  ? 239 GLU A CG  1 
ATOM   725  C CD  . GLU A 1 95  ? 14.123  7.252   -7.684  1.00 53.04  ? 239 GLU A CD  1 
ATOM   726  O OE1 . GLU A 1 95  ? 15.213  6.721   -7.990  1.00 53.04  ? 239 GLU A OE1 1 
ATOM   727  O OE2 . GLU A 1 95  ? 13.927  8.487   -7.670  1.00 53.04  ? 239 GLU A OE2 1 
ATOM   728  N N   . GLU A 1 96  ? 13.218  3.525   -4.088  1.00 30.42  ? 240 GLU A N   1 
ATOM   729  C CA  . GLU A 1 96  ? 13.494  2.809   -2.851  1.00 30.42  ? 240 GLU A CA  1 
ATOM   730  C C   . GLU A 1 96  ? 13.494  3.713   -1.610  1.00 30.42  ? 240 GLU A C   1 
ATOM   731  O O   . GLU A 1 96  ? 14.291  4.651   -1.500  1.00 26.40  ? 240 GLU A O   1 
ATOM   732  C CB  . GLU A 1 96  ? 14.801  2.020   -2.963  1.00 26.40  ? 240 GLU A CB  1 
ATOM   733  C CG  . GLU A 1 96  ? 15.007  0.981   -1.853  1.00 26.40  ? 240 GLU A CG  1 
ATOM   734  C CD  . GLU A 1 96  ? 13.934  -0.108  -1.820  1.00 26.40  ? 240 GLU A CD  1 
ATOM   735  O OE1 . GLU A 1 96  ? 13.641  -0.698  -2.882  1.00 26.40  ? 240 GLU A OE1 1 
ATOM   736  O OE2 . GLU A 1 96  ? 13.393  -0.384  -0.724  1.00 26.40  ? 240 GLU A OE2 1 
ATOM   737  N N   . GLY A 1 97  ? 12.536  3.452   -0.721  1.00 6.95   ? 241 GLY A N   1 
ATOM   738  C CA  . GLY A 1 97  ? 12.406  4.202   0.517   1.00 6.95   ? 241 GLY A CA  1 
ATOM   739  C C   . GLY A 1 97  ? 11.816  5.596   0.383   1.00 6.95   ? 241 GLY A C   1 
ATOM   740  O O   . GLY A 1 97  ? 11.755  6.347   1.367   1.00 36.01  ? 241 GLY A O   1 
ATOM   741  N N   . ILE A 1 98  ? 11.283  5.897   -0.798  1.00 23.94  ? 242 ILE A N   1 
ATOM   742  C CA  . ILE A 1 98  ? 10.729  7.213   -1.092  1.00 23.94  ? 242 ILE A CA  1 
ATOM   743  C C   . ILE A 1 98  ? 9.440   7.153   -1.905  1.00 23.94  ? 242 ILE A C   1 
ATOM   744  O O   . ILE A 1 98  ? 9.329   6.366   -2.846  1.00 30.80  ? 242 ILE A O   1 
ATOM   745  C CB  . ILE A 1 98  ? 11.758  8.041   -1.928  1.00 30.80  ? 242 ILE A CB  1 
ATOM   746  C CG1 . ILE A 1 98  ? 13.014  8.325   -1.110  1.00 30.80  ? 242 ILE A CG1 1 
ATOM   747  C CG2 . ILE A 1 98  ? 11.148  9.333   -2.426  1.00 30.80  ? 242 ILE A CG2 1 
ATOM   748  C CD1 . ILE A 1 98  ? 14.148  8.876   -1.932  1.00 30.80  ? 242 ILE A CD1 1 
ATOM   749  N N   . ILE A 1 99  ? 8.466   7.978   -1.533  1.00 11.14  ? 243 ILE A N   1 
ATOM   750  C CA  . ILE A 1 99  ? 7.221   8.080   -2.282  1.00 11.14  ? 243 ILE A CA  1 
ATOM   751  C C   . ILE A 1 99  ? 7.072   9.563   -2.595  1.00 11.14  ? 243 ILE A C   1 
ATOM   752  O O   . ILE A 1 99  ? 7.473   10.416  -1.794  1.00 16.06  ? 243 ILE A O   1 
ATOM   753  C CB  . ILE A 1 99  ? 5.972   7.535   -1.527  1.00 16.06  ? 243 ILE A CB  1 
ATOM   754  C CG1 . ILE A 1 99  ? 5.646   8.387   -0.308  1.00 16.06  ? 243 ILE A CG1 1 
ATOM   755  C CG2 . ILE A 1 99  ? 6.174   6.080   -1.142  1.00 16.06  ? 243 ILE A CG2 1 
ATOM   756  C CD1 . ILE A 1 99  ? 4.522   9.351   -0.555  1.00 16.06  ? 243 ILE A CD1 1 
ATOM   757  N N   . PHE A 1 100 ? 6.547   9.864   -3.776  1.00 9.39   ? 244 PHE A N   1 
ATOM   758  C CA  . PHE A 1 100 ? 6.377   11.240  -4.210  1.00 9.39   ? 244 PHE A CA  1 
ATOM   759  C C   . PHE A 1 100 ? 5.084   11.942  -3.840  1.00 9.39   ? 244 PHE A C   1 
ATOM   760  O O   . PHE A 1 100 ? 3.996   11.382  -3.950  1.00 23.42  ? 244 PHE A O   1 
ATOM   761  C CB  . PHE A 1 100 ? 6.544   11.341  -5.725  1.00 23.42  ? 244 PHE A CB  1 
ATOM   762  C CG  . PHE A 1 100 ? 7.963   11.359  -6.180  1.00 23.42  ? 244 PHE A CG  1 
ATOM   763  C CD1 . PHE A 1 100 ? 8.687   12.540  -6.173  1.00 23.42  ? 244 PHE A CD1 1 
ATOM   764  C CD2 . PHE A 1 100 ? 8.571   10.205  -6.641  1.00 23.42  ? 244 PHE A CD2 1 
ATOM   765  C CE1 . PHE A 1 100 ? 9.997   12.568  -6.623  1.00 23.42  ? 244 PHE A CE1 1 
ATOM   766  C CE2 . PHE A 1 100 ? 9.880   10.222  -7.092  1.00 23.42  ? 244 PHE A CE2 1 
ATOM   767  C CZ  . PHE A 1 100 ? 10.597  11.404  -7.084  1.00 23.42  ? 244 PHE A CZ  1 
ATOM   768  N N   . GLY A 1 101 ? 5.231   13.171  -3.364  1.00 9.77   ? 245 GLY A N   1 
ATOM   769  C CA  . GLY A 1 101 ? 4.084   14.000  -3.065  1.00 9.77   ? 245 GLY A CA  1 
ATOM   770  C C   . GLY A 1 101 ? 3.935   14.713  -4.397  1.00 9.77   ? 245 GLY A C   1 
ATOM   771  O O   . GLY A 1 101 ? 4.728   14.475  -5.310  1.00 20.49  ? 245 GLY A O   1 
ATOM   772  N N   . THR A 1 102 ? 2.960   15.595  -4.544  1.00 21.43  ? 246 THR A N   1 
ATOM   773  C CA  . THR A 1 102 ? 2.804   16.284  -5.821  1.00 21.43  ? 246 THR A CA  1 
ATOM   774  C C   . THR A 1 102 ? 3.962   17.233  -6.159  1.00 21.43  ? 246 THR A C   1 
ATOM   775  O O   . THR A 1 102 ? 4.218   17.515  -7.336  1.00 23.45  ? 246 THR A O   1 
ATOM   776  C CB  . THR A 1 102 ? 1.480   17.059  -5.877  1.00 23.45  ? 246 THR A CB  1 
ATOM   777  O OG1 . THR A 1 102 ? 1.355   17.898  -4.719  1.00 23.45  ? 246 THR A OG1 1 
ATOM   778  C CG2 . THR A 1 102 ? 0.306   16.092  -5.949  1.00 23.45  ? 246 THR A CG2 1 
ATOM   779  N N   . ASN A 1 103 ? 4.681   17.691  -5.136  1.00 17.54  ? 247 ASN A N   1 
ATOM   780  C CA  . ASN A 1 103 ? 5.780   18.633  -5.331  1.00 17.54  ? 247 ASN A CA  1 
ATOM   781  C C   . ASN A 1 103 ? 7.161   18.142  -4.925  1.00 17.54  ? 247 ASN A C   1 
ATOM   782  O O   . ASN A 1 103 ? 8.128   18.896  -5.014  1.00 16.39  ? 247 ASN A O   1 
ATOM   783  C CB  . ASN A 1 103 ? 5.490   19.941  -4.584  1.00 16.39  ? 247 ASN A CB  1 
ATOM   784  C CG  . ASN A 1 103 ? 5.410   19.749  -3.084  1.00 16.39  ? 247 ASN A CG  1 
ATOM   785  O OD1 . ASN A 1 103 ? 5.081   18.670  -2.614  1.00 16.39  ? 247 ASN A OD1 1 
ATOM   786  N ND2 . ASN A 1 103 ? 5.707   20.794  -2.330  1.00 16.39  ? 247 ASN A ND2 1 
ATOM   787  N N   . GLY A 1 104 ? 7.264   16.905  -4.458  1.00 43.98  ? 254 GLY A N   1 
ATOM   788  C CA  . GLY A 1 104 ? 8.563   16.401  -4.051  1.00 43.98  ? 254 GLY A CA  1 
ATOM   789  C C   . GLY A 1 104 ? 8.465   15.106  -3.278  1.00 43.98  ? 254 GLY A C   1 
ATOM   790  O O   . GLY A 1 104 ? 7.384   14.752  -2.801  1.00 37.87  ? 254 GLY A O   1 
ATOM   791  N N   . PRO A 1 105 ? 9.585   14.384  -3.123  1.00 34.74  ? 255 PRO A N   1 
ATOM   792  C CA  . PRO A 1 105 ? 9.695   13.105  -2.416  1.00 34.74  ? 255 PRO A CA  1 
ATOM   793  C C   . PRO A 1 105 ? 9.601   13.159  -0.890  1.00 34.74  ? 255 PRO A C   1 
ATOM   794  O O   . PRO A 1 105 ? 10.059  14.108  -0.249  1.00 59.09  ? 255 PRO A O   1 
ATOM   795  C CB  . PRO A 1 105 ? 11.063  12.608  -2.859  1.00 59.09  ? 255 PRO A CB  1 
ATOM   796  C CG  . PRO A 1 105 ? 11.843  13.867  -2.948  1.00 59.09  ? 255 PRO A CG  1 
ATOM   797  C CD  . PRO A 1 105 ? 10.890  14.771  -3.690  1.00 59.09  ? 255 PRO A CD  1 
ATOM   798  N N   . VAL A 1 106 ? 9.006   12.117  -0.323  1.00 14.16  ? 256 VAL A N   1 
ATOM   799  C CA  . VAL A 1 106 ? 8.859   11.974  1.115   1.00 14.16  ? 256 VAL A CA  1 
ATOM   800  C C   . VAL A 1 106 ? 9.448   10.597  1.378   1.00 14.16  ? 256 VAL A C   1 
ATOM   801  O O   . VAL A 1 106 ? 9.070   9.630   0.715   1.00 27.21  ? 256 VAL A O   1 
ATOM   802  C CB  . VAL A 1 106 ? 7.372   11.942  1.550   1.00 27.21  ? 256 VAL A CB  1 
ATOM   803  C CG1 . VAL A 1 106 ? 7.266   11.801  3.062   1.00 27.21  ? 256 VAL A CG1 1 
ATOM   804  C CG2 . VAL A 1 106 ? 6.656   13.190  1.099   1.00 27.21  ? 256 VAL A CG2 1 
ATOM   805  N N   . ASP A 1 107 ? 10.408  10.502  2.288   1.00 20.21  ? 257 ASP A N   1 
ATOM   806  C CA  . ASP A 1 107 ? 10.991  9.202   2.584   1.00 20.21  ? 257 ASP A CA  1 
ATOM   807  C C   . ASP A 1 107 ? 10.050  8.440   3.501   1.00 20.21  ? 257 ASP A C   1 
ATOM   808  O O   . ASP A 1 107 ? 9.619   8.952   4.537   1.00 56.70  ? 257 ASP A O   1 
ATOM   809  C CB  . ASP A 1 107 ? 12.408  9.319   3.172   1.00 56.70  ? 257 ASP A CB  1 
ATOM   810  C CG  . ASP A 1 107 ? 12.469  10.198  4.405   1.00 56.70  ? 257 ASP A CG  1 
ATOM   811  O OD1 . ASP A 1 107 ? 12.178  11.407  4.292   1.00 56.70  ? 257 ASP A OD1 1 
ATOM   812  O OD2 . ASP A 1 107 ? 12.829  9.682   5.485   1.00 56.70  ? 257 ASP A OD2 1 
ATOM   813  N N   . LEU A 1 108 ? 9.692   7.235   3.072   1.00 4.99   ? 258 LEU A N   1 
ATOM   814  C CA  . LEU A 1 108 ? 8.784   6.373   3.811   1.00 4.99   ? 258 LEU A CA  1 
ATOM   815  C C   . LEU A 1 108 ? 9.071   6.332   5.301   1.00 4.99   ? 258 LEU A C   1 
ATOM   816  O O   . LEU A 1 108 ? 8.166   6.475   6.124   1.00 23.02  ? 258 LEU A O   1 
ATOM   817  C CB  . LEU A 1 108 ? 8.827   4.958   3.245   1.00 23.02  ? 258 LEU A CB  1 
ATOM   818  C CG  . LEU A 1 108 ? 7.959   4.708   2.018   1.00 23.02  ? 258 LEU A CG  1 
ATOM   819  C CD1 . LEU A 1 108 ? 8.204   3.302   1.530   1.00 23.02  ? 258 LEU A CD1 1 
ATOM   820  C CD2 . LEU A 1 108 ? 6.487   4.908   2.373   1.00 23.02  ? 258 LEU A CD2 1 
ATOM   821  N N   . LYS A 1 109 ? 10.341  6.143   5.636   1.00 18.09  ? 259 LYS A N   1 
ATOM   822  C CA  . LYS A 1 109 ? 10.785  6.073   7.020   1.00 18.09  ? 259 LYS A CA  1 
ATOM   823  C C   . LYS A 1 109 ? 10.185  7.210   7.855   1.00 18.09  ? 259 LYS A C   1 
ATOM   824  O O   . LYS A 1 109 ? 9.670   6.977   8.947   1.00 66.32  ? 259 LYS A O   1 
ATOM   825  C CB  . LYS A 1 109 ? 12.318  6.109   7.060   1.00 66.32  ? 259 LYS A CB  1 
ATOM   826  C CG  . LYS A 1 109 ? 12.942  5.912   8.427   1.00 66.32  ? 259 LYS A CG  1 
ATOM   827  C CD  . LYS A 1 109 ? 14.458  6.050   8.351   1.00 66.32  ? 259 LYS A CD  1 
ATOM   828  C CE  . LYS A 1 109 ? 15.092  6.101   9.743   1.00 66.32  ? 259 LYS A CE  1 
ATOM   829  N NZ  . LYS A 1 109 ? 16.577  6.288   9.695   1.00 66.32  ? 259 LYS A NZ  1 
ATOM   830  N N   . LYS A 1 110 ? 10.166  8.415   7.291   1.00 16.14  ? 260 LYS A N   1 
ATOM   831  C CA  . LYS A 1 110 ? 9.643   9.589   7.991   1.00 16.14  ? 260 LYS A CA  1 
ATOM   832  C C   . LYS A 1 110 ? 8.184   9.493   8.415   1.00 16.14  ? 260 LYS A C   1 
ATOM   833  O O   . LYS A 1 110 ? 7.849   9.760   9.572   1.00 46.56  ? 260 LYS A O   1 
ATOM   834  C CB  . LYS A 1 110 ? 9.853   10.856  7.157   1.00 46.56  ? 260 LYS A CB  1 
ATOM   835  C CG  . LYS A 1 110 ? 9.330   12.116  7.822   1.00 46.56  ? 260 LYS A CG  1 
ATOM   836  C CD  . LYS A 1 110 ? 9.812   13.355  7.106   1.00 46.56  ? 260 LYS A CD  1 
ATOM   837  C CE  . LYS A 1 110 ? 9.334   14.610  7.822   1.00 46.56  ? 260 LYS A CE  1 
ATOM   838  N NZ  . LYS A 1 110 ? 9.930   15.851  7.245   1.00 46.56  ? 260 LYS A NZ  1 
ATOM   839  N N   . ILE A 1 111 ? 7.313   9.141   7.478   1.00 13.14  ? 261 ILE A N   1 
ATOM   840  C CA  . ILE A 1 111 ? 5.889   9.022   7.777   1.00 13.14  ? 261 ILE A CA  1 
ATOM   841  C C   . ILE A 1 111 ? 5.563   7.733   8.529   1.00 13.14  ? 261 ILE A C   1 
ATOM   842  O O   . ILE A 1 111 ? 4.557   7.651   9.230   1.00 31.11  ? 261 ILE A O   1 
ATOM   843  C CB  . ILE A 1 111 ? 5.019   9.199   6.506   1.00 31.11  ? 261 ILE A CB  1 
ATOM   844  C CG1 . ILE A 1 111 ? 5.469   8.244   5.395   1.00 31.11  ? 261 ILE A CG1 1 
ATOM   845  C CG2 . ILE A 1 111 ? 5.103   10.651  6.034   1.00 31.11  ? 261 ILE A CG2 1 
ATOM   846  C CD1 . ILE A 1 111 ? 4.846   8.528   4.043   1.00 31.11  ? 261 ILE A CD1 1 
ATOM   847  N N   . THR A 1 112 ? 6.449   6.749   8.427   1.00 28.69  ? 262 THR A N   1 
ATOM   848  C CA  . THR A 1 112 ? 6.280   5.480   9.123   1.00 28.69  ? 262 THR A CA  1 
ATOM   849  C C   . THR A 1 112 ? 6.554   5.699   10.619  1.00 28.69  ? 262 THR A C   1 
ATOM   850  O O   . THR A 1 112 ? 5.826   5.190   11.474  1.00 17.94  ? 262 THR A O   1 
ATOM   851  C CB  . THR A 1 112 ? 7.243   4.416   8.558   1.00 17.94  ? 262 THR A CB  1 
ATOM   852  O OG1 . THR A 1 112 ? 6.866   4.093   7.216   1.00 17.94  ? 262 THR A OG1 1 
ATOM   853  C CG2 . THR A 1 112 ? 7.202   3.167   9.384   1.00 17.94  ? 262 THR A CG2 1 
ATOM   854  N N   . ASN A 1 113 ? 7.574   6.496   10.927  1.00 42.32  ? 263 ASN A N   1 
ATOM   855  C CA  . ASN A 1 113 ? 7.946   6.793   12.313  1.00 42.32  ? 263 ASN A CA  1 
ATOM   856  C C   . ASN A 1 113 ? 6.805   7.362   13.158  1.00 42.32  ? 263 ASN A C   1 
ATOM   857  O O   . ASN A 1 113 ? 6.730   7.095   14.358  1.00 46.26  ? 263 ASN A O   1 
ATOM   858  C CB  . ASN A 1 113 ? 9.140   7.759   12.368  1.00 46.26  ? 263 ASN A CB  1 
ATOM   859  C CG  . ASN A 1 113 ? 10.486  7.061   12.181  1.00 46.26  ? 263 ASN A CG  1 
ATOM   860  O OD1 . ASN A 1 113 ? 10.565  5.836   12.052  1.00 46.26  ? 263 ASN A OD1 1 
ATOM   861  N ND2 . ASN A 1 113 ? 11.551  7.846   12.177  1.00 46.26  ? 263 ASN A ND2 1 
ATOM   862  N N   . PHE A 1 114 ? 5.908   8.125   12.534  1.00 2.00   ? 264 PHE A N   1 
ATOM   863  C CA  . PHE A 1 114 ? 4.784   8.729   13.254  1.00 2.00   ? 264 PHE A CA  1 
ATOM   864  C C   . PHE A 1 114 ? 3.930   7.700   13.979  1.00 2.00   ? 264 PHE A C   1 
ATOM   865  O O   . PHE A 1 114 ? 3.229   8.031   14.935  1.00 29.80  ? 264 PHE A O   1 
ATOM   866  C CB  . PHE A 1 114 ? 3.891   9.531   12.304  1.00 29.80  ? 264 PHE A CB  1 
ATOM   867  C CG  . PHE A 1 114 ? 4.516   10.794  11.809  1.00 29.80  ? 264 PHE A CG  1 
ATOM   868  C CD1 . PHE A 1 114 ? 4.989   11.744  12.699  1.00 29.80  ? 264 PHE A CD1 1 
ATOM   869  C CD2 . PHE A 1 114 ? 4.639   11.035  10.448  1.00 29.80  ? 264 PHE A CD2 1 
ATOM   870  C CE1 . PHE A 1 114 ? 5.579   12.917  12.241  1.00 29.80  ? 264 PHE A CE1 1 
ATOM   871  C CE2 . PHE A 1 114 ? 5.229   12.207  9.980   1.00 29.80  ? 264 PHE A CE2 1 
ATOM   872  C CZ  . PHE A 1 114 ? 5.698   13.146  10.879  1.00 29.80  ? 264 PHE A CZ  1 
ATOM   873  N N   . PHE A 1 115 ? 4.025   6.448   13.550  1.00 9.87   ? 265 PHE A N   1 
ATOM   874  C CA  . PHE A 1 115 ? 3.231   5.378   14.138  1.00 9.87   ? 265 PHE A CA  1 
ATOM   875  C C   . PHE A 1 115 ? 3.989   4.333   14.964  1.00 9.87   ? 265 PHE A C   1 
ATOM   876  O O   . PHE A 1 115 ? 3.375   3.427   15.525  1.00 23.59  ? 265 PHE A O   1 
ATOM   877  C CB  . PHE A 1 115 ? 2.447   4.673   13.028  1.00 23.59  ? 265 PHE A CB  1 
ATOM   878  C CG  . PHE A 1 115 ? 1.565   5.596   12.233  1.00 23.59  ? 265 PHE A CG  1 
ATOM   879  C CD1 . PHE A 1 115 ? 0.286   5.915   12.680  1.00 23.59  ? 265 PHE A CD1 1 
ATOM   880  C CD2 . PHE A 1 115 ? 2.019   6.160   11.045  1.00 23.59  ? 265 PHE A CD2 1 
ATOM   881  C CE1 . PHE A 1 115 ? -0.521  6.780   11.956  1.00 23.59  ? 265 PHE A CE1 1 
ATOM   882  C CE2 . PHE A 1 115 ? 1.215   7.026   10.316  1.00 23.59  ? 265 PHE A CE2 1 
ATOM   883  C CZ  . PHE A 1 115 ? -0.054  7.337   10.772  1.00 23.59  ? 265 PHE A CZ  1 
ATOM   884  N N   . ARG A 1 116 ? 5.306   4.458   15.064  1.00 28.68  ? 266 ARG A N   1 
ATOM   885  C CA  . ARG A 1 116 ? 6.069   3.470   15.805  1.00 28.68  ? 266 ARG A CA  1 
ATOM   886  C C   . ARG A 1 116 ? 6.043   3.651   17.316  1.00 28.68  ? 266 ARG A C   1 
ATOM   887  O O   . ARG A 1 116 ? 6.421   4.705   17.832  1.00 44.63  ? 266 ARG A O   1 
ATOM   888  C CB  . ARG A 1 116 ? 7.509   3.384   15.285  1.00 44.63  ? 266 ARG A CB  1 
ATOM   889  C CG  . ARG A 1 116 ? 8.402   4.561   15.595  1.00 44.63  ? 266 ARG A CG  1 
ATOM   890  C CD  . ARG A 1 116 ? 9.808   4.248   15.131  1.00 44.63  ? 266 ARG A CD  1 
ATOM   891  N NE  . ARG A 1 116 ? 10.782  5.270   15.502  1.00 44.63  ? 266 ARG A NE  1 
ATOM   892  C CZ  . ARG A 1 116 ? 11.166  5.533   16.750  1.00 44.63  ? 266 ARG A CZ  1 
ATOM   893  N NH1 . ARG A 1 116 ? 10.659  4.863   17.777  1.00 44.63  ? 266 ARG A NH1 1 
ATOM   894  N NH2 . ARG A 1 116 ? 12.095  6.453   16.966  1.00 44.63  ? 266 ARG A NH2 1 
ATOM   895  N N   . GLY A 1 117 ? 5.571   2.615   18.010  1.00 30.81  ? 267 GLY A N   1 
ATOM   896  C CA  . GLY A 1 117 ? 5.495   2.614   19.465  1.00 30.81  ? 267 GLY A CA  1 
ATOM   897  C C   . GLY A 1 117 ? 5.349   3.946   20.184  1.00 30.81  ? 267 GLY A C   1 
ATOM   898  O O   . GLY A 1 117 ? 4.254   4.507   20.255  1.00 134.85 ? 267 GLY A O   1 
ATOM   899  N N   . ASP A 1 118 ? 6.474   4.475   20.667  1.00 34.17  ? 268 ASP A N   1 
ATOM   900  C CA  . ASP A 1 118 ? 6.518   5.741   21.407  1.00 34.17  ? 268 ASP A CA  1 
ATOM   901  C C   . ASP A 1 118 ? 5.774   6.932   20.804  1.00 34.17  ? 268 ASP A C   1 
ATOM   902  O O   . ASP A 1 118 ? 5.349   7.831   21.528  1.00 142.57 ? 268 ASP A O   1 
ATOM   903  C CB  . ASP A 1 118 ? 7.971   6.131   21.735  1.00 142.57 ? 268 ASP A CB  1 
ATOM   904  C CG  . ASP A 1 118 ? 8.910   6.044   20.531  1.00 142.57 ? 268 ASP A CG  1 
ATOM   905  O OD1 . ASP A 1 118 ? 8.447   5.817   19.394  1.00 142.57 ? 268 ASP A OD1 1 
ATOM   906  O OD2 . ASP A 1 118 ? 10.131  6.202   20.733  1.00 142.57 ? 268 ASP A OD2 1 
ATOM   907  N N   . ARG A 1 119 ? 5.634   6.946   19.484  1.00 32.92  ? 269 ARG A N   1 
ATOM   908  C CA  . ARG A 1 119 ? 4.931   8.030   18.803  1.00 32.92  ? 269 ARG A CA  1 
ATOM   909  C C   . ARG A 1 119 ? 3.416   7.851   18.853  1.00 32.92  ? 269 ARG A C   1 
ATOM   910  O O   . ARG A 1 119 ? 2.681   8.799   19.124  1.00 66.60  ? 269 ARG A O   1 
ATOM   911  C CB  . ARG A 1 119 ? 5.381   8.139   17.345  1.00 66.60  ? 269 ARG A CB  1 
ATOM   912  C CG  . ARG A 1 119 ? 6.610   8.999   17.109  1.00 66.60  ? 269 ARG A CG  1 
ATOM   913  C CD  . ARG A 1 119 ? 7.833   8.454   17.814  1.00 66.60  ? 269 ARG A CD  1 
ATOM   914  N NE  . ARG A 1 119 ? 9.067   9.021   17.278  1.00 66.60  ? 269 ARG A NE  1 
ATOM   915  C CZ  . ARG A 1 119 ? 10.184  9.194   17.980  1.00 66.60  ? 269 ARG A CZ  1 
ATOM   916  N NH1 . ARG A 1 119 ? 10.231  8.850   19.261  1.00 66.60  ? 269 ARG A NH1 1 
ATOM   917  N NH2 . ARG A 1 119 ? 11.265  9.692   17.394  1.00 66.60  ? 269 ARG A NH2 1 
ATOM   918  N N   . CYS A 1 120 ? 2.954   6.629   18.618  1.00 23.12  ? 270 CYS A N   1 
ATOM   919  C CA  . CYS A 1 120 ? 1.525   6.356   18.615  1.00 23.12  ? 270 CYS A CA  1 
ATOM   920  C C   . CYS A 1 120 ? 1.196   5.203   19.561  1.00 23.12  ? 270 CYS A C   1 
ATOM   921  O O   . CYS A 1 120 ? 1.015   4.060   19.136  1.00 26.02  ? 270 CYS A O   1 
ATOM   922  C CB  . CYS A 1 120 ? 1.081   6.030   17.193  1.00 26.02  ? 270 CYS A CB  1 
ATOM   923  S SG  . CYS A 1 120 ? -0.682  6.171   16.944  1.00 26.02  ? 270 CYS A SG  1 
ATOM   924  N N   . ARG A 1 121 ? 1.064   5.534   20.841  1.00 19.88  ? 271 ARG A N   1 
ATOM   925  C CA  . ARG A 1 121 ? 0.792   4.556   21.894  1.00 19.88  ? 271 ARG A CA  1 
ATOM   926  C C   . ARG A 1 121 ? -0.582  3.892   21.798  1.00 19.88  ? 271 ARG A C   1 
ATOM   927  O O   . ARG A 1 121 ? -0.783  2.782   22.286  1.00 104.36 ? 271 ARG A O   1 
ATOM   928  C CB  . ARG A 1 121 ? 0.969   5.224   23.263  1.00 104.36 ? 271 ARG A CB  1 
ATOM   929  C CG  . ARG A 1 121 ? 1.017   4.279   24.459  1.00 104.36 ? 271 ARG A CG  1 
ATOM   930  C CD  . ARG A 1 121 ? 2.309   3.468   24.518  1.00 104.36 ? 271 ARG A CD  1 
ATOM   931  N NE  . ARG A 1 121 ? 2.444   2.772   25.798  1.00 104.36 ? 271 ARG A NE  1 
ATOM   932  C CZ  . ARG A 1 121 ? 1.837   1.629   26.108  1.00 104.36 ? 271 ARG A CZ  1 
ATOM   933  N NH1 . ARG A 1 121 ? 1.047   1.023   25.229  1.00 104.36 ? 271 ARG A NH1 1 
ATOM   934  N NH2 . ARG A 1 121 ? 1.988   1.109   27.320  1.00 104.36 ? 271 ARG A NH2 1 
ATOM   935  N N   . SER A 1 122 ? -1.523  4.573   21.158  1.00 16.79  ? 272 SER A N   1 
ATOM   936  C CA  . SER A 1 122 ? -2.874  4.057   21.013  1.00 16.79  ? 272 SER A CA  1 
ATOM   937  C C   . SER A 1 122 ? -2.918  2.897   20.031  1.00 16.79  ? 272 SER A C   1 
ATOM   938  O O   . SER A 1 122 ? -3.901  2.164   19.978  1.00 24.08  ? 272 SER A O   1 
ATOM   939  C CB  . SER A 1 122 ? -3.791  5.172   20.528  1.00 24.08  ? 272 SER A CB  1 
ATOM   940  O OG  . SER A 1 122 ? -3.345  6.421   21.033  1.00 24.08  ? 272 SER A OG  1 
ATOM   941  N N   . LEU A 1 123 ? -1.870  2.754   19.227  1.00 11.90  ? 273 LEU A N   1 
ATOM   942  C CA  . LEU A 1 123 ? -1.824  1.680   18.247  1.00 11.90  ? 273 LEU A CA  1 
ATOM   943  C C   . LEU A 1 123 ? -0.814  0.603   18.622  1.00 11.90  ? 273 LEU A C   1 
ATOM   944  O O   . LEU A 1 123 ? -0.613  -0.360  17.874  1.00 10.71  ? 273 LEU A O   1 
ATOM   945  C CB  . LEU A 1 123 ? -1.513  2.237   16.855  1.00 10.71  ? 273 LEU A CB  1 
ATOM   946  C CG  . LEU A 1 123 ? -2.660  2.891   16.086  1.00 10.71  ? 273 LEU A CG  1 
ATOM   947  C CD1 . LEU A 1 123 ? -2.149  3.473   14.775  1.00 10.71  ? 273 LEU A CD1 1 
ATOM   948  C CD2 . LEU A 1 123 ? -3.745  1.878   15.820  1.00 10.71  ? 273 LEU A CD2 1 
ATOM   949  N N   . THR A 1 124 ? -0.191  0.753   19.786  1.00 14.59  ? 274 THR A N   1 
ATOM   950  C CA  . THR A 1 124 ? 0.795   -0.217  20.246  1.00 14.59  ? 274 THR A CA  1 
ATOM   951  C C   . THR A 1 124 ? 0.161   -1.592  20.366  1.00 14.59  ? 274 THR A C   1 
ATOM   952  O O   . THR A 1 124 ? -0.928  -1.736  20.918  1.00 29.94  ? 274 THR A O   1 
ATOM   953  C CB  . THR A 1 124 ? 1.355   0.172   21.613  1.00 29.94  ? 274 THR A CB  1 
ATOM   954  O OG1 . THR A 1 124 ? 1.765   1.543   21.583  1.00 29.94  ? 274 THR A OG1 1 
ATOM   955  C CG2 . THR A 1 124 ? 2.553   -0.695  21.959  1.00 29.94  ? 274 THR A CG2 1 
ATOM   956  N N   . GLY A 1 125 ? 0.842   -2.599  19.833  1.00 16.49  ? 275 GLY A N   1 
ATOM   957  C CA  . GLY A 1 125 ? 0.336   -3.957  19.892  1.00 16.49  ? 275 GLY A CA  1 
ATOM   958  C C   . GLY A 1 125 ? -0.737  -4.210  18.859  1.00 16.49  ? 275 GLY A C   1 
ATOM   959  O O   . GLY A 1 125 ? -1.362  -5.271  18.834  1.00 24.59  ? 275 GLY A O   1 
ATOM   960  N N   . LYS A 1 126 ? -0.957  -3.227  17.999  1.00 25.71  ? 276 LYS A N   1 
ATOM   961  C CA  . LYS A 1 126 ? -1.961  -3.345  16.962  1.00 25.71  ? 276 LYS A CA  1 
ATOM   962  C C   . LYS A 1 126 ? -1.260  -3.310  15.611  1.00 25.71  ? 276 LYS A C   1 
ATOM   963  O O   . LYS A 1 126 ? -0.206  -2.684  15.459  1.00 15.46  ? 276 LYS A O   1 
ATOM   964  C CB  . LYS A 1 126 ? -2.979  -2.214  17.100  1.00 15.46  ? 276 LYS A CB  1 
ATOM   965  C CG  . LYS A 1 126 ? -3.641  -2.160  18.485  1.00 15.46  ? 276 LYS A CG  1 
ATOM   966  C CD  . LYS A 1 126 ? -4.714  -1.079  18.553  1.00 15.46  ? 276 LYS A CD  1 
ATOM   967  C CE  . LYS A 1 126 ? -5.300  -0.950  19.943  1.00 15.46  ? 276 LYS A CE  1 
ATOM   968  N NZ  . LYS A 1 126 ? -6.292  0.161   19.982  1.00 15.46  ? 276 LYS A NZ  1 
ATOM   969  N N   . PRO A 1 127 ? -1.795  -4.044  14.626  1.00 2.00   ? 277 PRO A N   1 
ATOM   970  C CA  . PRO A 1 127 ? -1.188  -4.072  13.298  1.00 2.00   ? 277 PRO A CA  1 
ATOM   971  C C   . PRO A 1 127 ? -1.311  -2.778  12.501  1.00 2.00   ? 277 PRO A C   1 
ATOM   972  O O   . PRO A 1 127 ? -2.411  -2.277  12.256  1.00 7.69   ? 277 PRO A O   1 
ATOM   973  C CB  . PRO A 1 127 ? -1.911  -5.233  12.627  1.00 7.69   ? 277 PRO A CB  1 
ATOM   974  C CG  . PRO A 1 127 ? -3.249  -5.209  13.258  1.00 7.69   ? 277 PRO A CG  1 
ATOM   975  C CD  . PRO A 1 127 ? -2.937  -4.969  14.700  1.00 7.69   ? 277 PRO A CD  1 
ATOM   976  N N   . LYS A 1 128 ? -0.164  -2.248  12.103  1.00 8.54   ? 278 LYS A N   1 
ATOM   977  C CA  . LYS A 1 128 ? -0.090  -1.032  11.311  1.00 8.54   ? 278 LYS A CA  1 
ATOM   978  C C   . LYS A 1 128 ? 0.304   -1.524  9.933   1.00 8.54   ? 278 LYS A C   1 
ATOM   979  O O   . LYS A 1 128 ? 1.424   -2.000  9.734   1.00 15.17  ? 278 LYS A O   1 
ATOM   980  C CB  . LYS A 1 128 ? 0.980   -0.106  11.894  1.00 15.17  ? 278 LYS A CB  1 
ATOM   981  C CG  . LYS A 1 128 ? 0.618   0.428   13.282  1.00 15.17  ? 278 LYS A CG  1 
ATOM   982  C CD  . LYS A 1 128 ? 1.845   0.769   14.110  1.00 15.17  ? 278 LYS A CD  1 
ATOM   983  C CE  . LYS A 1 128 ? 2.324   -0.423  14.936  1.00 15.17  ? 278 LYS A CE  1 
ATOM   984  N NZ  . LYS A 1 128 ? 1.503   -0.602  16.158  1.00 15.17  ? 278 LYS A NZ  1 
ATOM   985  N N   . LEU A 1 129 ? -0.643  -1.475  9.002   1.00 12.12  ? 279 LEU A N   1 
ATOM   986  C CA  . LEU A 1 129 ? -0.414  -1.965  7.647   1.00 12.12  ? 279 LEU A CA  1 
ATOM   987  C C   . LEU A 1 129 ? -0.208  -0.838  6.645   1.00 12.12  ? 279 LEU A C   1 
ATOM   988  O O   . LEU A 1 129 ? -0.967  0.129   6.614   1.00 7.54   ? 279 LEU A O   1 
ATOM   989  C CB  . LEU A 1 129 ? -1.594  -2.838  7.208   1.00 7.54   ? 279 LEU A CB  1 
ATOM   990  C CG  . LEU A 1 129 ? -2.183  -3.771  8.277   1.00 7.54   ? 279 LEU A CG  1 
ATOM   991  C CD1 . LEU A 1 129 ? -3.496  -4.364  7.807   1.00 7.54   ? 279 LEU A CD1 1 
ATOM   992  C CD2 . LEU A 1 129 ? -1.195  -4.860  8.610   1.00 7.54   ? 279 LEU A CD2 1 
ATOM   993  N N   . PHE A 1 130 ? 0.832   -0.967  5.834   1.00 2.00   ? 280 PHE A N   1 
ATOM   994  C CA  . PHE A 1 130 ? 1.151   0.018   4.816   1.00 2.00   ? 280 PHE A CA  1 
ATOM   995  C C   . PHE A 1 130 ? 1.181   -0.703  3.510   1.00 2.00   ? 280 PHE A C   1 
ATOM   996  O O   . PHE A 1 130 ? 1.965   -1.617  3.331   1.00 7.92   ? 280 PHE A O   1 
ATOM   997  C CB  . PHE A 1 130 ? 2.503   0.666   5.096   1.00 7.92   ? 280 PHE A CB  1 
ATOM   998  C CG  . PHE A 1 130 ? 2.479   1.584   6.264   1.00 7.92   ? 280 PHE A CG  1 
ATOM   999  C CD1 . PHE A 1 130 ? 2.584   1.087   7.549   1.00 7.92   ? 280 PHE A CD1 1 
ATOM   1000 C CD2 . PHE A 1 130 ? 2.257   2.938   6.084   1.00 7.92   ? 280 PHE A CD2 1 
ATOM   1001 C CE1 . PHE A 1 130 ? 2.459   1.920   8.647   1.00 7.92   ? 280 PHE A CE1 1 
ATOM   1002 C CE2 . PHE A 1 130 ? 2.132   3.781   7.172   1.00 7.92   ? 280 PHE A CE2 1 
ATOM   1003 C CZ  . PHE A 1 130 ? 2.230   3.269   8.460   1.00 7.92   ? 280 PHE A CZ  1 
ATOM   1004 N N   . ILE A 1 131 ? 0.270   -0.331  2.628   1.00 7.19   ? 281 ILE A N   1 
ATOM   1005 C CA  . ILE A 1 131 ? 0.155   -0.935  1.317   1.00 7.19   ? 281 ILE A CA  1 
ATOM   1006 C C   . ILE A 1 131 ? 0.682   0.157   0.407   1.00 7.19   ? 281 ILE A C   1 
ATOM   1007 O O   . ILE A 1 131 ? 0.235   1.304   0.489   1.00 11.48  ? 281 ILE A O   1 
ATOM   1008 C CB  . ILE A 1 131 ? -1.322  -1.305  1.050   1.00 11.48  ? 281 ILE A CB  1 
ATOM   1009 C CG1 . ILE A 1 131 ? -1.771  -2.336  2.090   1.00 11.48  ? 281 ILE A CG1 1 
ATOM   1010 C CG2 . ILE A 1 131 ? -1.489  -1.896  -0.328  1.00 11.48  ? 281 ILE A CG2 1 
ATOM   1011 C CD1 . ILE A 1 131 ? -3.227  -2.640  2.092   1.00 11.48  ? 281 ILE A CD1 1 
ATOM   1012 N N   . ILE A 1 132 ? 1.657   -0.183  -0.432  1.00 4.06   ? 282 ILE A N   1 
ATOM   1013 C CA  . ILE A 1 132 ? 2.300   0.800   -1.294  1.00 4.06   ? 282 ILE A CA  1 
ATOM   1014 C C   . ILE A 1 132 ? 2.397   0.441   -2.760  1.00 4.06   ? 282 ILE A C   1 
ATOM   1015 O O   . ILE A 1 132 ? 3.068   -0.524  -3.128  1.00 2.00   ? 282 ILE A O   1 
ATOM   1016 C CB  . ILE A 1 132 ? 3.735   1.043   -0.821  1.00 2.00   ? 282 ILE A CB  1 
ATOM   1017 C CG1 . ILE A 1 132 ? 3.744   1.271   0.688   1.00 2.00   ? 282 ILE A CG1 1 
ATOM   1018 C CG2 . ILE A 1 132 ? 4.354   2.225   -1.569  1.00 2.00   ? 282 ILE A CG2 1 
ATOM   1019 C CD1 . ILE A 1 132 ? 5.111   1.265   1.305   1.00 2.00   ? 282 ILE A CD1 1 
ATOM   1020 N N   . GLN A 1 133 ? 1.762   1.250   -3.600  1.00 10.73  ? 283 GLN A N   1 
ATOM   1021 C CA  . GLN A 1 133 ? 1.815   1.060   -5.037  1.00 10.73  ? 283 GLN A CA  1 
ATOM   1022 C C   . GLN A 1 133 ? 2.655   2.208   -5.581  1.00 10.73  ? 283 GLN A C   1 
ATOM   1023 O O   . GLN A 1 133 ? 2.178   3.337   -5.704  1.00 7.69   ? 283 GLN A O   1 
ATOM   1024 C CB  . GLN A 1 133 ? 0.416   1.084   -5.648  1.00 7.69   ? 283 GLN A CB  1 
ATOM   1025 C CG  . GLN A 1 133 ? 0.397   1.200   -7.169  1.00 7.69   ? 283 GLN A CG  1 
ATOM   1026 C CD  . GLN A 1 133 ? 1.148   0.085   -7.869  1.00 7.69   ? 283 GLN A CD  1 
ATOM   1027 O OE1 . GLN A 1 133 ? 1.178   -1.048  -7.406  1.00 7.69   ? 283 GLN A OE1 1 
ATOM   1028 N NE2 . GLN A 1 133 ? 1.734   0.399   -9.009  1.00 7.69   ? 283 GLN A NE2 1 
ATOM   1029 N N   . ALA A 1 134 ? 3.921   1.913   -5.848  1.00 9.46   ? 284 ALA A N   1 
ATOM   1030 C CA  . ALA A 1 134 ? 4.872   2.878   -6.378  1.00 9.46   ? 284 ALA A CA  1 
ATOM   1031 C C   . ALA A 1 134 ? 6.110   2.110   -6.830  1.00 9.46   ? 284 ALA A C   1 
ATOM   1032 O O   . ALA A 1 134 ? 6.292   0.945   -6.455  1.00 13.94  ? 284 ALA A O   1 
ATOM   1033 C CB  . ALA A 1 134 ? 5.243   3.883   -5.311  1.00 13.94  ? 284 ALA A CB  1 
ATOM   1034 N N   . CYS A 1 135 ? 6.937   2.729   -7.672  1.00 15.12  ? 285 CYS A N   1 
ATOM   1035 C CA  . CYS A 1 135 ? 8.153   2.069   -8.141  1.00 15.12  ? 285 CYS A CA  1 
ATOM   1036 C C   . CYS A 1 135 ? 9.170   2.085   -7.024  1.00 15.12  ? 285 CYS A C   1 
ATOM   1037 O O   . CYS A 1 135 ? 9.135   2.957   -6.162  1.00 16.28  ? 285 CYS A O   1 
ATOM   1038 C CB  . CYS A 1 135 ? 8.740   2.777   -9.353  1.00 16.28  ? 285 CYS A CB  1 
ATOM   1039 S SG  . CYS A 1 135 ? 7.687   2.646   -10.767 1.00 16.28  ? 285 CYS A SG  1 
ATOM   1040 N N   . ARG A 1 136 ? 10.061  1.101   -7.029  1.00 10.01  ? 286 ARG A N   1 
ATOM   1041 C CA  . ARG A 1 136 ? 11.094  1.000   -6.013  1.00 10.01  ? 286 ARG A CA  1 
ATOM   1042 C C   . ARG A 1 136 ? 12.473  1.023   -6.667  1.00 10.01  ? 286 ARG A C   1 
ATOM   1043 O O   . ARG A 1 136 ? 13.476  0.643   -6.058  1.00 20.65  ? 286 ARG A O   1 
ATOM   1044 C CB  . ARG A 1 136 ? 10.905  -0.291  -5.220  1.00 20.65  ? 286 ARG A CB  1 
ATOM   1045 C CG  . ARG A 1 136 ? 9.562   -0.389  -4.521  1.00 20.65  ? 286 ARG A CG  1 
ATOM   1046 C CD  . ARG A 1 136 ? 9.448   -1.670  -3.737  1.00 20.65  ? 286 ARG A CD  1 
ATOM   1047 N NE  . ARG A 1 136 ? 10.312  -1.671  -2.563  1.00 20.65  ? 286 ARG A NE  1 
ATOM   1048 C CZ  . ARG A 1 136 ? 10.509  -2.732  -1.789  1.00 20.65  ? 286 ARG A CZ  1 
ATOM   1049 N NH1 . ARG A 1 136 ? 9.906   -3.877  -2.070  1.00 20.65  ? 286 ARG A NH1 1 
ATOM   1050 N NH2 . ARG A 1 136 ? 11.286  -2.642  -0.717  1.00 20.65  ? 286 ARG A NH2 1 
ATOM   1051 N N   . GLY A 1 137 ? 12.521  1.472   -7.912  1.00 19.88  ? 287 GLY A N   1 
ATOM   1052 C CA  . GLY A 1 137 ? 13.774  1.521   -8.627  1.00 19.88  ? 287 GLY A CA  1 
ATOM   1053 C C   . GLY A 1 137 ? 13.453  1.554   -10.098 1.00 19.88  ? 287 GLY A C   1 
ATOM   1054 O O   . GLY A 1 137 ? 12.345  1.950   -10.465 1.00 2.00   ? 287 GLY A O   1 
ATOM   1055 N N   . THR A 1 138 ? 14.375  1.062   -10.924 1.00 17.63  ? 288 THR A N   1 
ATOM   1056 C CA  . THR A 1 138 ? 14.206  1.069   -12.369 1.00 17.63  ? 288 THR A CA  1 
ATOM   1057 C C   . THR A 1 138 ? 14.553  -0.242  -13.051 1.00 17.63  ? 288 THR A C   1 
ATOM   1058 O O   . THR A 1 138 ? 14.754  -0.278  -14.265 1.00 15.92  ? 288 THR A O   1 
ATOM   1059 C CB  . THR A 1 138 ? 15.080  2.149   -13.006 1.00 15.92  ? 288 THR A CB  1 
ATOM   1060 O OG1 . THR A 1 138 ? 16.401  2.067   -12.450 1.00 15.92  ? 288 THR A OG1 1 
ATOM   1061 C CG2 . THR A 1 138 ? 14.490  3.533   -12.775 1.00 15.92  ? 288 THR A CG2 1 
ATOM   1062 N N   . GLU A 1 139 ? 14.683  -1.313  -12.287 1.00 13.33  ? 289 GLU A N   1 
ATOM   1063 C CA  . GLU A 1 139 ? 14.998  -2.588  -12.907 1.00 13.33  ? 289 GLU A CA  1 
ATOM   1064 C C   . GLU A 1 139 ? 13.755  -3.184  -13.544 1.00 13.33  ? 289 GLU A C   1 
ATOM   1065 O O   . GLU A 1 139 ? 12.628  -2.840  -13.172 1.00 34.13  ? 289 GLU A O   1 
ATOM   1066 C CB  . GLU A 1 139 ? 15.582  -3.550  -11.882 1.00 34.13  ? 289 GLU A CB  1 
ATOM   1067 C CG  . GLU A 1 139 ? 16.919  -3.108  -11.332 1.00 34.13  ? 289 GLU A CG  1 
ATOM   1068 C CD  . GLU A 1 139 ? 17.469  -4.077  -10.310 1.00 34.13  ? 289 GLU A CD  1 
ATOM   1069 O OE1 . GLU A 1 139 ? 17.779  -5.228  -10.687 1.00 34.13  ? 289 GLU A OE1 1 
ATOM   1070 O OE2 . GLU A 1 139 ? 17.588  -3.687  -9.129  1.00 34.13  ? 289 GLU A OE2 1 
ATOM   1071 N N   . LEU A 1 140 ? 13.967  -4.057  -14.521 1.00 13.25  ? 290 LEU A N   1 
ATOM   1072 C CA  . LEU A 1 140 ? 12.874  -4.728  -15.218 1.00 13.25  ? 290 LEU A CA  1 
ATOM   1073 C C   . LEU A 1 140 ? 13.055  -6.241  -15.113 1.00 13.25  ? 290 LEU A C   1 
ATOM   1074 O O   . LEU A 1 140 ? 14.156  -6.761  -15.305 1.00 20.72  ? 290 LEU A O   1 
ATOM   1075 C CB  . LEU A 1 140 ? 12.829  -4.292  -16.680 1.00 20.72  ? 290 LEU A CB  1 
ATOM   1076 C CG  . LEU A 1 140 ? 12.261  -2.894  -16.910 1.00 20.72  ? 290 LEU A CG  1 
ATOM   1077 C CD1 . LEU A 1 140 ? 12.431  -2.487  -18.357 1.00 20.72  ? 290 LEU A CD1 1 
ATOM   1078 C CD2 . LEU A 1 140 ? 10.797  -2.881  -16.516 1.00 20.72  ? 290 LEU A CD2 1 
ATOM   1079 N N   . ASP A 1 141 ? 11.974  -6.936  -14.773 1.00 7.76   ? 291 ASP A N   1 
ATOM   1080 C CA  . ASP A 1 141 ? 11.992  -8.389  -14.619 1.00 7.76   ? 291 ASP A CA  1 
ATOM   1081 C C   . ASP A 1 141 ? 11.606  -9.068  -15.941 1.00 7.76   ? 291 ASP A C   1 
ATOM   1082 O O   . ASP A 1 141 ? 10.437  -9.071  -16.317 1.00 20.44  ? 291 ASP A O   1 
ATOM   1083 C CB  . ASP A 1 141 ? 11.014  -8.777  -13.511 1.00 20.44  ? 291 ASP A CB  1 
ATOM   1084 C CG  . ASP A 1 141 ? 11.268  -10.156 -12.960 1.00 20.44  ? 291 ASP A CG  1 
ATOM   1085 O OD1 . ASP A 1 141 ? 11.329  -11.115 -13.751 1.00 20.44  ? 291 ASP A OD1 1 
ATOM   1086 O OD2 . ASP A 1 141 ? 11.396  -10.284 -11.725 1.00 20.44  ? 291 ASP A OD2 1 
ATOM   1087 N N   . CYS A 1 142 ? 12.582  -9.675  -16.614 1.00 20.16  ? 292 CYS A N   1 
ATOM   1088 C CA  . CYS A 1 142 ? 12.362  -10.328 -17.915 1.00 20.16  ? 292 CYS A CA  1 
ATOM   1089 C C   . CYS A 1 142 ? 11.642  -11.676 -17.943 1.00 20.16  ? 292 CYS A C   1 
ATOM   1090 O O   . CYS A 1 142 ? 11.448  -12.250 -19.015 1.00 55.17  ? 292 CYS A O   1 
ATOM   1091 C CB  . CYS A 1 142 ? 13.683  -10.447 -18.677 1.00 55.17  ? 292 CYS A CB  1 
ATOM   1092 S SG  . CYS A 1 142 ? 14.423  -8.852  -19.084 1.00 55.17  ? 292 CYS A SG  1 
ATOM   1093 N N   . GLY A 1 143 ? 11.254  -12.177 -16.774 1.00 10.27  ? 293 GLY A N   1 
ATOM   1094 C CA  . GLY A 1 143 ? 10.557  -13.449 -16.710 1.00 10.27  ? 293 GLY A CA  1 
ATOM   1095 C C   . GLY A 1 143 ? 11.308  -14.644 -17.280 1.00 10.27  ? 293 GLY A C   1 
ATOM   1096 O O   . GLY A 1 143 ? 12.382  -14.505 -17.880 1.00 27.77  ? 293 GLY A O   1 
ATOM   1097 N N   . ILE A 1 144 ? 10.719  -15.824 -17.098 1.00 42.92  ? 294 ILE A N   1 
ATOM   1098 C CA  . ILE A 1 144 ? 11.297  -17.079 -17.569 1.00 42.92  ? 294 ILE A CA  1 
ATOM   1099 C C   . ILE A 1 144 ? 10.190  -18.134 -17.666 1.00 42.92  ? 294 ILE A C   1 
ATOM   1100 O O   . ILE A 1 144 ? 9.144   -17.984 -17.029 1.00 29.59  ? 294 ILE A O   1 
ATOM   1101 C CB  . ILE A 1 144 ? 12.394  -17.571 -16.583 1.00 29.59  ? 294 ILE A CB  1 
ATOM   1102 C CG1 . ILE A 1 144 ? 13.113  -18.800 -17.140 1.00 29.59  ? 294 ILE A CG1 1 
ATOM   1103 C CG2 . ILE A 1 144 ? 11.788  -17.889 -15.217 1.00 29.59  ? 294 ILE A CG2 1 
ATOM   1104 C CD1 . ILE A 1 144 ? 13.851  -18.540 -18.433 1.00 29.59  ? 294 ILE A CD1 1 
ATOM   1105 N N   . GLU A 1 145 ? 10.427  -19.180 -18.461 1.00 52.56  ? 295 GLU A N   1 
ATOM   1106 C CA  . GLU A 1 145 ? 9.487   -20.287 -18.655 1.00 52.56  ? 295 GLU A CA  1 
ATOM   1107 C C   . GLU A 1 145 ? 8.181   -19.795 -19.296 1.00 52.56  ? 295 GLU A C   1 
ATOM   1108 O O   . GLU A 1 145 ? 7.072   -20.255 -18.922 1.00 68.41  ? 295 GLU A O   1 
ATOM   1109 C CB  . GLU A 1 145 ? 9.223   -21.014 -17.321 1.00 138.70 ? 295 GLU A CB  1 
ATOM   1110 C CG  . GLU A 1 145 ? 8.583   -22.396 -17.458 1.00 138.70 ? 295 GLU A CG  1 
ATOM   1111 C CD  . GLU A 1 145 ? 8.386   -23.097 -16.125 1.00 138.70 ? 295 GLU A CD  1 
ATOM   1112 O OE1 . GLU A 1 145 ? 7.885   -22.457 -15.176 1.00 138.70 ? 295 GLU A OE1 1 
ATOM   1113 O OE2 . GLU A 1 145 ? 8.726   -24.296 -16.031 1.00 138.70 ? 295 GLU A OE2 1 
ATOM   1114 N N   . LYS B 2 11  ? 7.243   -4.893  27.351  1.00 38.54  ? 320 LYS B N   1 
ATOM   1115 C CA  . LYS B 2 11  ? 8.143   -4.116  26.455  1.00 38.54  ? 320 LYS B CA  1 
ATOM   1116 C C   . LYS B 2 11  ? 8.388   -4.855  25.136  1.00 38.54  ? 320 LYS B C   1 
ATOM   1117 O O   . LYS B 2 11  ? 8.789   -6.019  25.136  1.00 32.84  ? 320 LYS B O   1 
ATOM   1118 C CB  . LYS B 2 11  ? 9.465   -3.832  27.177  1.00 32.84  ? 320 LYS B CB  1 
ATOM   1119 C CG  . LYS B 2 11  ? 10.231  -2.624  26.670  1.00 32.84  ? 320 LYS B CG  1 
ATOM   1120 C CD  . LYS B 2 11  ? 11.257  -2.180  27.701  1.00 32.84  ? 320 LYS B CD  1 
ATOM   1121 C CE  . LYS B 2 11  ? 12.121  -1.035  27.195  1.00 32.84  ? 320 LYS B CE  1 
ATOM   1122 N NZ  . LYS B 2 11  ? 13.040  -1.461  26.102  1.00 32.84  ? 320 LYS B NZ  1 
ATOM   1123 N N   . ILE B 2 12  ? 8.083   -4.191  24.022  1.00 21.97  ? 321 ILE B N   1 
ATOM   1124 C CA  . ILE B 2 12  ? 8.269   -4.760  22.680  1.00 21.97  ? 321 ILE B CA  1 
ATOM   1125 C C   . ILE B 2 12  ? 9.056   -3.793  21.793  1.00 21.97  ? 321 ILE B C   1 
ATOM   1126 O O   . ILE B 2 12  ? 9.282   -2.638  22.171  1.00 22.20  ? 321 ILE B O   1 
ATOM   1127 C CB  . ILE B 2 12  ? 6.919   -5.069  21.978  1.00 22.20  ? 321 ILE B CB  1 
ATOM   1128 C CG1 . ILE B 2 12  ? 5.982   -3.864  22.071  1.00 22.20  ? 321 ILE B CG1 1 
ATOM   1129 C CG2 . ILE B 2 12  ? 6.301   -6.334  22.548  1.00 22.20  ? 321 ILE B CG2 1 
ATOM   1130 C CD1 . ILE B 2 12  ? 4.792   -3.961  21.165  1.00 22.20  ? 321 ILE B CD1 1 
ATOM   1131 N N   . PRO B 2 13  ? 9.541   -4.263  20.630  1.00 7.46   ? 322 PRO B N   1 
ATOM   1132 C CA  . PRO B 2 13  ? 10.296  -3.366  19.752  1.00 7.46   ? 322 PRO B CA  1 
ATOM   1133 C C   . PRO B 2 13  ? 9.372   -2.300  19.167  1.00 7.46   ? 322 PRO B C   1 
ATOM   1134 O O   . PRO B 2 13  ? 8.182   -2.537  18.985  1.00 15.20  ? 322 PRO B O   1 
ATOM   1135 C CB  . PRO B 2 13  ? 10.805  -4.310  18.664  1.00 15.20  ? 322 PRO B CB  1 
ATOM   1136 C CG  . PRO B 2 13  ? 10.907  -5.624  19.367  1.00 15.20  ? 322 PRO B CG  1 
ATOM   1137 C CD  . PRO B 2 13  ? 9.632   -5.654  20.153  1.00 15.20  ? 322 PRO B CD  1 
ATOM   1138 N N   . VAL B 2 14  ? 9.917   -1.129  18.869  1.00 15.10  ? 323 VAL B N   1 
ATOM   1139 C CA  . VAL B 2 14  ? 9.119   -0.057  18.289  1.00 15.10  ? 323 VAL B CA  1 
ATOM   1140 C C   . VAL B 2 14  ? 8.746   -0.320  16.827  1.00 15.10  ? 323 VAL B C   1 
ATOM   1141 O O   . VAL B 2 14  ? 7.771   0.234   16.332  1.00 25.05  ? 323 VAL B O   1 
ATOM   1142 C CB  . VAL B 2 14  ? 9.825   1.323   18.400  1.00 25.05  ? 323 VAL B CB  1 
ATOM   1143 C CG1 . VAL B 2 14  ? 9.924   1.747   19.848  1.00 25.05  ? 323 VAL B CG1 1 
ATOM   1144 C CG2 . VAL B 2 14  ? 11.201  1.278   17.765  1.00 25.05  ? 323 VAL B CG2 1 
ATOM   1145 N N   . GLU B 2 15  ? 9.513   -1.166  16.145  1.00 10.38  ? 324 GLU B N   1 
ATOM   1146 C CA  . GLU B 2 15  ? 9.262   -1.490  14.737  1.00 10.38  ? 324 GLU B CA  1 
ATOM   1147 C C   . GLU B 2 15  ? 8.353   -2.716  14.568  1.00 10.38  ? 324 GLU B C   1 
ATOM   1148 O O   . GLU B 2 15  ? 7.998   -3.095  13.453  1.00 35.84  ? 324 GLU B O   1 
ATOM   1149 C CB  . GLU B 2 15  ? 10.592  -1.728  14.012  1.00 35.84  ? 324 GLU B CB  1 
ATOM   1150 C CG  . GLU B 2 15  ? 11.524  -0.527  13.985  1.00 35.84  ? 324 GLU B CG  1 
ATOM   1151 C CD  . GLU B 2 15  ? 11.104  0.517   12.975  1.00 35.84  ? 324 GLU B CD  1 
ATOM   1152 O OE1 . GLU B 2 15  ? 10.146  1.267   13.248  1.00 35.84  ? 324 GLU B OE1 1 
ATOM   1153 O OE2 . GLU B 2 15  ? 11.731  0.588   11.901  1.00 35.84  ? 324 GLU B OE2 1 
ATOM   1154 N N   . ALA B 2 16  ? 7.997   -3.336  15.685  1.00 17.47  ? 325 ALA B N   1 
ATOM   1155 C CA  . ALA B 2 16  ? 7.147   -4.512  15.667  1.00 17.47  ? 325 ALA B CA  1 
ATOM   1156 C C   . ALA B 2 16  ? 5.746   -4.140  15.230  1.00 17.47  ? 325 ALA B C   1 
ATOM   1157 O O   . ALA B 2 16  ? 5.342   -2.984  15.322  1.00 10.75  ? 325 ALA B O   1 
ATOM   1158 C CB  . ALA B 2 16  ? 7.105   -5.143  17.045  1.00 10.75  ? 325 ALA B CB  1 
ATOM   1159 N N   . ASP B 2 17  ? 5.008   -5.138  14.769  1.00 12.82  ? 326 ASP B N   1 
ATOM   1160 C CA  . ASP B 2 17  ? 3.636   -4.963  14.329  1.00 12.82  ? 326 ASP B CA  1 
ATOM   1161 C C   . ASP B 2 17  ? 3.466   -4.088  13.086  1.00 12.82  ? 326 ASP B C   1 
ATOM   1162 O O   . ASP B 2 17  ? 2.451   -3.412  12.925  1.00 8.12   ? 326 ASP B O   1 
ATOM   1163 C CB  . ASP B 2 17  ? 2.772   -4.453  15.489  1.00 8.12   ? 326 ASP B CB  1 
ATOM   1164 C CG  . ASP B 2 17  ? 2.837   -5.363  16.706  1.00 8.12   ? 326 ASP B CG  1 
ATOM   1165 O OD1 . ASP B 2 17  ? 2.748   -6.598  16.542  1.00 8.12   ? 326 ASP B OD1 1 
ATOM   1166 O OD2 . ASP B 2 17  ? 2.986   -4.847  17.831  1.00 8.12   ? 326 ASP B OD2 1 
ATOM   1167 N N   . PHE B 2 18  ? 4.453   -4.122  12.196  1.00 2.00   ? 327 PHE B N   1 
ATOM   1168 C CA  . PHE B 2 18  ? 4.380   -3.373  10.953  1.00 2.00   ? 327 PHE B CA  1 
ATOM   1169 C C   . PHE B 2 18  ? 4.342   -4.350  9.807   1.00 2.00   ? 327 PHE B C   1 
ATOM   1170 O O   . PHE B 2 18  ? 4.918   -5.435  9.886   1.00 18.58  ? 327 PHE B O   1 
ATOM   1171 C CB  . PHE B 2 18  ? 5.591   -2.474  10.781  1.00 18.58  ? 327 PHE B CB  1 
ATOM   1172 C CG  . PHE B 2 18  ? 5.407   -1.101  11.340  1.00 18.58  ? 327 PHE B CG  1 
ATOM   1173 C CD1 . PHE B 2 18  ? 4.824   -0.098  10.573  1.00 18.58  ? 327 PHE B CD1 1 
ATOM   1174 C CD2 . PHE B 2 18  ? 5.834   -0.798  12.625  1.00 18.58  ? 327 PHE B CD2 1 
ATOM   1175 C CE1 . PHE B 2 18  ? 4.673   1.186   11.081  1.00 18.58  ? 327 PHE B CE1 1 
ATOM   1176 C CE2 . PHE B 2 18  ? 5.688   0.477   13.139  1.00 18.58  ? 327 PHE B CE2 1 
ATOM   1177 C CZ  . PHE B 2 18  ? 5.108   1.475   12.366  1.00 18.58  ? 327 PHE B CZ  1 
ATOM   1178 N N   . LEU B 2 19  ? 3.624   -3.981  8.759   1.00 13.28  ? 328 LEU B N   1 
ATOM   1179 C CA  . LEU B 2 19  ? 3.519   -4.807  7.569   1.00 13.28  ? 328 LEU B CA  1 
ATOM   1180 C C   . LEU B 2 19  ? 3.540   -3.886  6.369   1.00 13.28  ? 328 LEU B C   1 
ATOM   1181 O O   . LEU B 2 19  ? 2.711   -2.985  6.259   1.00 12.19  ? 328 LEU B O   1 
ATOM   1182 C CB  . LEU B 2 19  ? 2.212   -5.595  7.550   1.00 12.19  ? 328 LEU B CB  1 
ATOM   1183 C CG  . LEU B 2 19  ? 1.983   -6.269  6.196   1.00 12.19  ? 328 LEU B CG  1 
ATOM   1184 C CD1 . LEU B 2 19  ? 2.854   -7.481  6.042   1.00 12.19  ? 328 LEU B CD1 1 
ATOM   1185 C CD2 . LEU B 2 19  ? 0.576   -6.656  6.082   1.00 12.19  ? 328 LEU B CD2 1 
ATOM   1186 N N   . TYR B 2 20  ? 4.487   -4.107  5.473   1.00 2.00   ? 329 TYR B N   1 
ATOM   1187 C CA  . TYR B 2 20  ? 4.597   -3.292  4.284   1.00 2.00   ? 329 TYR B CA  1 
ATOM   1188 C C   . TYR B 2 20  ? 4.340   -4.223  3.128   1.00 2.00   ? 329 TYR B C   1 
ATOM   1189 O O   . TYR B 2 20  ? 5.064   -5.199  2.939   1.00 15.23  ? 329 TYR B O   1 
ATOM   1190 C CB  . TYR B 2 20  ? 5.999   -2.698  4.160   1.00 15.23  ? 329 TYR B CB  1 
ATOM   1191 C CG  . TYR B 2 20  ? 6.470   -1.945  5.380   1.00 15.23  ? 329 TYR B CG  1 
ATOM   1192 C CD1 . TYR B 2 20  ? 7.011   -2.614  6.467   1.00 15.23  ? 329 TYR B CD1 1 
ATOM   1193 C CD2 . TYR B 2 20  ? 6.365   -0.566  5.450   1.00 15.23  ? 329 TYR B CD2 1 
ATOM   1194 C CE1 . TYR B 2 20  ? 7.433   -1.926  7.601   1.00 15.23  ? 329 TYR B CE1 1 
ATOM   1195 C CE2 . TYR B 2 20  ? 6.786   0.135   6.580   1.00 15.23  ? 329 TYR B CE2 1 
ATOM   1196 C CZ  . TYR B 2 20  ? 7.319   -0.549  7.650   1.00 15.23  ? 329 TYR B CZ  1 
ATOM   1197 O OH  . TYR B 2 20  ? 7.731   0.145   8.767   1.00 15.23  ? 329 TYR B OH  1 
ATOM   1198 N N   . ALA B 2 21  ? 3.259   -3.977  2.405   1.00 6.12   ? 330 ALA B N   1 
ATOM   1199 C CA  . ALA B 2 21  ? 2.928   -4.793  1.254   1.00 6.12   ? 330 ALA B CA  1 
ATOM   1200 C C   . ALA B 2 21  ? 3.307   -3.970  0.027   1.00 6.12   ? 330 ALA B C   1 
ATOM   1201 O O   . ALA B 2 21  ? 2.629   -3.001  -0.321  1.00 8.41   ? 330 ALA B O   1 
ATOM   1202 C CB  . ALA B 2 21  ? 1.441   -5.134  1.255   1.00 8.41   ? 330 ALA B CB  1 
ATOM   1203 N N   . TYR B 2 22  ? 4.436   -4.315  -0.574  1.00 2.00   ? 331 TYR B N   1 
ATOM   1204 C CA  . TYR B 2 22  ? 4.919   -3.613  -1.746  1.00 2.00   ? 331 TYR B CA  1 
ATOM   1205 C C   . TYR B 2 22  ? 4.435   -4.278  -3.009  1.00 2.00   ? 331 TYR B C   1 
ATOM   1206 O O   . TYR B 2 22  ? 4.325   -5.501  -3.092  1.00 15.68  ? 331 TYR B O   1 
ATOM   1207 C CB  . TYR B 2 22  ? 6.443   -3.546  -1.769  1.00 15.68  ? 331 TYR B CB  1 
ATOM   1208 C CG  . TYR B 2 22  ? 7.072   -2.811  -0.609  1.00 15.68  ? 331 TYR B CG  1 
ATOM   1209 C CD1 . TYR B 2 22  ? 7.205   -1.424  -0.621  1.00 15.68  ? 331 TYR B CD1 1 
ATOM   1210 C CD2 . TYR B 2 22  ? 7.595   -3.510  0.475   1.00 15.68  ? 331 TYR B CD2 1 
ATOM   1211 C CE1 . TYR B 2 22  ? 7.852   -0.754  0.420   1.00 15.68  ? 331 TYR B CE1 1 
ATOM   1212 C CE2 . TYR B 2 22  ? 8.244   -2.850  1.516   1.00 15.68  ? 331 TYR B CE2 1 
ATOM   1213 C CZ  . TYR B 2 22  ? 8.371   -1.477  1.481   1.00 15.68  ? 331 TYR B CZ  1 
ATOM   1214 O OH  . TYR B 2 22  ? 9.051   -0.833  2.494   1.00 15.68  ? 331 TYR B OH  1 
ATOM   1215 N N   . SER B 2 23  ? 4.186   -3.447  -4.010  1.00 9.85   ? 332 SER B N   1 
ATOM   1216 C CA  . SER B 2 23  ? 3.694   -3.882  -5.302  1.00 9.85   ? 332 SER B CA  1 
ATOM   1217 C C   . SER B 2 23  ? 4.733   -4.604  -6.122  1.00 9.85   ? 332 SER B C   1 
ATOM   1218 O O   . SER B 2 23  ? 4.398   -5.422  -6.978  1.00 33.02  ? 332 SER B O   1 
ATOM   1219 C CB  . SER B 2 23  ? 3.209   -2.669  -6.097  1.00 33.02  ? 332 SER B CB  1 
ATOM   1220 O OG  . SER B 2 23  ? 4.257   -1.735  -6.318  1.00 33.02  ? 332 SER B OG  1 
ATOM   1221 N N   . THR B 2 24  ? 5.997   -4.322  -5.835  1.00 6.44   ? 333 THR B N   1 
ATOM   1222 C CA  . THR B 2 24  ? 7.081   -4.904  -6.596  1.00 6.44   ? 333 THR B CA  1 
ATOM   1223 C C   . THR B 2 24  ? 8.299   -5.203  -5.734  1.00 6.44   ? 333 THR B C   1 
ATOM   1224 O O   . THR B 2 24  ? 8.375   -4.769  -4.578  1.00 2.00   ? 333 THR B O   1 
ATOM   1225 C CB  . THR B 2 24  ? 7.449   -3.938  -7.722  1.00 2.00   ? 333 THR B CB  1 
ATOM   1226 O OG1 . THR B 2 24  ? 8.292   -4.586  -8.675  1.00 2.00   ? 333 THR B OG1 1 
ATOM   1227 C CG2 . THR B 2 24  ? 8.127   -2.718  -7.176  1.00 2.00   ? 333 THR B CG2 1 
ATOM   1228 N N   . ALA B 2 25  ? 9.248   -5.941  -6.309  1.00 9.85   ? 334 ALA B N   1 
ATOM   1229 C CA  . ALA B 2 25  ? 10.480  -6.320  -5.625  1.00 9.85   ? 334 ALA B CA  1 
ATOM   1230 C C   . ALA B 2 25  ? 11.421  -5.129  -5.502  1.00 9.85   ? 334 ALA B C   1 
ATOM   1231 O O   . ALA B 2 25  ? 11.355  -4.189  -6.299  1.00 26.15  ? 334 ALA B O   1 
ATOM   1232 C CB  . ALA B 2 25  ? 11.170  -7.457  -6.374  1.00 26.15  ? 334 ALA B CB  1 
ATOM   1233 N N   . PRO B 2 26  ? 12.312  -5.149  -4.497  1.00 21.98  ? 335 PRO B N   1 
ATOM   1234 C CA  . PRO B 2 26  ? 13.269  -4.060  -4.274  1.00 21.98  ? 335 PRO B CA  1 
ATOM   1235 C C   . PRO B 2 26  ? 14.090  -3.692  -5.505  1.00 21.98  ? 335 PRO B C   1 
ATOM   1236 O O   . PRO B 2 26  ? 14.692  -4.563  -6.133  1.00 14.21  ? 335 PRO B O   1 
ATOM   1237 C CB  . PRO B 2 26  ? 14.147  -4.615  -3.157  1.00 14.21  ? 335 PRO B CB  1 
ATOM   1238 C CG  . PRO B 2 26  ? 13.157  -5.398  -2.347  1.00 14.21  ? 335 PRO B CG  1 
ATOM   1239 C CD  . PRO B 2 26  ? 12.408  -6.151  -3.418  1.00 14.21  ? 335 PRO B CD  1 
ATOM   1240 N N   . GLY B 2 27  ? 14.088  -2.407  -5.853  1.00 13.32  ? 336 GLY B N   1 
ATOM   1241 C CA  . GLY B 2 27  ? 14.844  -1.936  -7.003  1.00 13.32  ? 336 GLY B CA  1 
ATOM   1242 C C   . GLY B 2 27  ? 14.190  -2.080  -8.369  1.00 13.32  ? 336 GLY B C   1 
ATOM   1243 O O   . GLY B 2 27  ? 14.797  -1.729  -9.389  1.00 48.45  ? 336 GLY B O   1 
ATOM   1244 N N   . TYR B 2 28  ? 12.946  -2.551  -8.402  1.00 12.02  ? 337 TYR B N   1 
ATOM   1245 C CA  . TYR B 2 28  ? 12.232  -2.743  -9.661  1.00 12.02  ? 337 TYR B CA  1 
ATOM   1246 C C   . TYR B 2 28  ? 11.126  -1.740  -9.910  1.00 12.02  ? 337 TYR B C   1 
ATOM   1247 O O   . TYR B 2 28  ? 10.659  -1.057  -8.993  1.00 11.52  ? 337 TYR B O   1 
ATOM   1248 C CB  . TYR B 2 28  ? 11.616  -4.140  -9.718  1.00 11.52  ? 337 TYR B CB  1 
ATOM   1249 C CG  . TYR B 2 28  ? 12.594  -5.243  -10.024 1.00 11.52  ? 337 TYR B CG  1 
ATOM   1250 C CD1 . TYR B 2 28  ? 13.403  -5.782  -9.026  1.00 11.52  ? 337 TYR B CD1 1 
ATOM   1251 C CD2 . TYR B 2 28  ? 12.715  -5.750  -11.319 1.00 11.52  ? 337 TYR B CD2 1 
ATOM   1252 C CE1 . TYR B 2 28  ? 14.309  -6.798  -9.312  1.00 11.52  ? 337 TYR B CE1 1 
ATOM   1253 C CE2 . TYR B 2 28  ? 13.618  -6.764  -11.619 1.00 11.52  ? 337 TYR B CE2 1 
ATOM   1254 C CZ  . TYR B 2 28  ? 14.410  -7.286  -10.610 1.00 11.52  ? 337 TYR B CZ  1 
ATOM   1255 O OH  . TYR B 2 28  ? 15.282  -8.310  -10.893 1.00 11.52  ? 337 TYR B OH  1 
ATOM   1256 N N   . TYR B 2 29  ? 10.735  -1.641  -11.175 1.00 8.15   ? 338 TYR B N   1 
ATOM   1257 C CA  . TYR B 2 29  ? 9.644   -0.776  -11.593 1.00 8.15   ? 338 TYR B CA  1 
ATOM   1258 C C   . TYR B 2 29  ? 8.366   -1.488  -11.128 1.00 8.15   ? 338 TYR B C   1 
ATOM   1259 O O   . TYR B 2 29  ? 8.392   -2.687  -10.819 1.00 13.57  ? 338 TYR B O   1 
ATOM   1260 C CB  . TYR B 2 29  ? 9.599   -0.706  -13.115 1.00 13.57  ? 338 TYR B CB  1 
ATOM   1261 C CG  . TYR B 2 29  ? 10.427  0.361   -13.772 1.00 13.57  ? 338 TYR B CG  1 
ATOM   1262 C CD1 . TYR B 2 29  ? 10.221  1.706   -13.486 1.00 13.57  ? 338 TYR B CD1 1 
ATOM   1263 C CD2 . TYR B 2 29  ? 11.340  0.034   -14.769 1.00 13.57  ? 338 TYR B CD2 1 
ATOM   1264 C CE1 . TYR B 2 29  ? 10.897  2.698   -14.187 1.00 13.57  ? 338 TYR B CE1 1 
ATOM   1265 C CE2 . TYR B 2 29  ? 12.018  1.012   -15.473 1.00 13.57  ? 338 TYR B CE2 1 
ATOM   1266 C CZ  . TYR B 2 29  ? 11.794  2.344   -15.183 1.00 13.57  ? 338 TYR B CZ  1 
ATOM   1267 O OH  . TYR B 2 29  ? 12.465  3.327   -15.881 1.00 13.57  ? 338 TYR B OH  1 
ATOM   1268 N N   . SER B 2 30  ? 7.249   -0.769  -11.110 1.00 2.00   ? 339 SER B N   1 
ATOM   1269 C CA  . SER B 2 30  ? 5.969   -1.339  -10.709 1.00 2.00   ? 339 SER B CA  1 
ATOM   1270 C C   . SER B 2 30  ? 5.035   -0.952  -11.833 1.00 2.00   ? 339 SER B C   1 
ATOM   1271 O O   . SER B 2 30  ? 5.057   0.190   -12.294 1.00 20.29  ? 339 SER B O   1 
ATOM   1272 C CB  . SER B 2 30  ? 5.493   -0.735  -9.395  1.00 20.29  ? 339 SER B CB  1 
ATOM   1273 O OG  . SER B 2 30  ? 4.254   -1.298  -9.014  1.00 20.29  ? 339 SER B OG  1 
ATOM   1274 N N   . TRP B 2 31  ? 4.223   -1.903  -12.274 1.00 2.72   ? 340 TRP B N   1 
ATOM   1275 C CA  . TRP B 2 31  ? 3.307   -1.701  -13.383 1.00 2.72   ? 340 TRP B CA  1 
ATOM   1276 C C   . TRP B 2 31  ? 1.903   -1.240  -13.035 1.00 2.72   ? 340 TRP B C   1 
ATOM   1277 O O   . TRP B 2 31  ? 1.270   -1.736  -12.099 1.00 2.00   ? 340 TRP B O   1 
ATOM   1278 C CB  . TRP B 2 31  ? 3.249   -2.971  -14.206 1.00 2.00   ? 340 TRP B CB  1 
ATOM   1279 C CG  . TRP B 2 31  ? 4.545   -3.272  -14.876 1.00 2.00   ? 340 TRP B CG  1 
ATOM   1280 C CD1 . TRP B 2 31  ? 5.532   -4.107  -14.432 1.00 2.00   ? 340 TRP B CD1 1 
ATOM   1281 C CD2 . TRP B 2 31  ? 5.024   -2.696  -16.096 1.00 2.00   ? 340 TRP B CD2 1 
ATOM   1282 N NE1 . TRP B 2 31  ? 6.597   -4.078  -15.303 1.00 2.00   ? 340 TRP B NE1 1 
ATOM   1283 C CE2 . TRP B 2 31  ? 6.309   -3.220  -16.331 1.00 2.00   ? 340 TRP B CE2 1 
ATOM   1284 C CE3 . TRP B 2 31  ? 4.486   -1.778  -17.014 1.00 2.00   ? 340 TRP B CE3 1 
ATOM   1285 C CZ2 . TRP B 2 31  ? 7.070   -2.863  -17.447 1.00 2.00   ? 340 TRP B CZ2 1 
ATOM   1286 C CZ3 . TRP B 2 31  ? 5.245   -1.422  -18.129 1.00 2.00   ? 340 TRP B CZ3 1 
ATOM   1287 C CH2 . TRP B 2 31  ? 6.523   -1.963  -18.332 1.00 2.00   ? 340 TRP B CH2 1 
ATOM   1288 N N   . ARG B 2 32  ? 1.399   -0.329  -13.853 1.00 22.34  ? 341 ARG B N   1 
ATOM   1289 C CA  . ARG B 2 32  ? 0.073   0.253   -13.695 1.00 22.34  ? 341 ARG B CA  1 
ATOM   1290 C C   . ARG B 2 32  ? -0.551  0.270   -15.091 1.00 22.34  ? 341 ARG B C   1 
ATOM   1291 O O   . ARG B 2 32  ? 0.155   0.367   -16.096 1.00 16.96  ? 341 ARG B O   1 
ATOM   1292 C CB  . ARG B 2 32  ? 0.225   1.681   -13.169 1.00 16.96  ? 341 ARG B CB  1 
ATOM   1293 C CG  . ARG B 2 32  ? -1.030  2.324   -12.631 1.00 16.96  ? 341 ARG B CG  1 
ATOM   1294 C CD  . ARG B 2 32  ? -0.753  3.768   -12.257 1.00 16.96  ? 341 ARG B CD  1 
ATOM   1295 N NE  . ARG B 2 32  ? -0.631  4.612   -13.441 1.00 16.96  ? 341 ARG B NE  1 
ATOM   1296 C CZ  . ARG B 2 32  ? 0.516   4.994   -13.991 1.00 16.96  ? 341 ARG B CZ  1 
ATOM   1297 N NH1 . ARG B 2 32  ? 1.670   4.625   -13.466 1.00 16.96  ? 341 ARG B NH1 1 
ATOM   1298 N NH2 . ARG B 2 32  ? 0.504   5.710   -15.104 1.00 16.96  ? 341 ARG B NH2 1 
ATOM   1299 N N   . ASN B 2 33  ? -1.866  0.120   -15.162 1.00 23.82  ? 342 ASN B N   1 
ATOM   1300 C CA  . ASN B 2 33  ? -2.554  0.128   -16.446 1.00 23.82  ? 342 ASN B CA  1 
ATOM   1301 C C   . ASN B 2 33  ? -3.446  1.366   -16.554 1.00 23.82  ? 342 ASN B C   1 
ATOM   1302 O O   . ASN B 2 33  ? -4.205  1.665   -15.630 1.00 17.95  ? 342 ASN B O   1 
ATOM   1303 C CB  . ASN B 2 33  ? -3.390  -1.134  -16.598 1.00 17.95  ? 342 ASN B CB  1 
ATOM   1304 C CG  . ASN B 2 33  ? -4.008  -1.252  -17.963 1.00 17.95  ? 342 ASN B CG  1 
ATOM   1305 O OD1 . ASN B 2 33  ? -4.938  -0.524  -18.303 1.00 17.95  ? 342 ASN B OD1 1 
ATOM   1306 N ND2 . ASN B 2 33  ? -3.495  -2.167  -18.760 1.00 17.95  ? 342 ASN B ND2 1 
ATOM   1307 N N   . SER B 2 34  ? -3.368  2.057   -17.690 1.00 18.65  ? 343 SER B N   1 
ATOM   1308 C CA  . SER B 2 34  ? -4.145  3.273   -17.940 1.00 18.65  ? 343 SER B CA  1 
ATOM   1309 C C   . SER B 2 34  ? -5.636  3.201   -17.609 1.00 18.65  ? 343 SER B C   1 
ATOM   1310 O O   . SER B 2 34  ? -6.204  4.177   -17.112 1.00 44.22  ? 343 SER B O   1 
ATOM   1311 C CB  . SER B 2 34  ? -3.981  3.714   -19.392 1.00 44.22  ? 343 SER B CB  1 
ATOM   1312 O OG  . SER B 2 34  ? -2.626  4.000   -19.679 1.00 44.22  ? 343 SER B OG  1 
ATOM   1313 N N   . LYS B 2 35  ? -6.273  2.064   -17.895 1.00 23.23  ? 344 LYS B N   1 
ATOM   1314 C CA  . LYS B 2 35  ? -7.704  1.906   -17.633 1.00 23.23  ? 344 LYS B CA  1 
ATOM   1315 C C   . LYS B 2 35  ? -8.067  0.929   -16.512 1.00 23.23  ? 344 LYS B C   1 
ATOM   1316 O O   . LYS B 2 35  ? -8.991  1.181   -15.740 1.00 62.42  ? 344 LYS B O   1 
ATOM   1317 C CB  . LYS B 2 35  ? -8.440  1.525   -18.925 1.00 62.42  ? 344 LYS B CB  1 
ATOM   1318 C CG  . LYS B 2 35  ? -7.922  0.262   -19.594 1.00 62.42  ? 344 LYS B CG  1 
ATOM   1319 C CD  . LYS B 2 35  ? -8.809  -0.180  -20.748 1.00 62.42  ? 344 LYS B CD  1 
ATOM   1320 C CE  . LYS B 2 35  ? -8.371  -1.541  -21.280 1.00 62.42  ? 344 LYS B CE  1 
ATOM   1321 N NZ  . LYS B 2 35  ? -9.247  -2.041  -22.375 1.00 62.42  ? 344 LYS B NZ  1 
ATOM   1322 N N   . ASP B 2 36  ? -7.327  -0.173  -16.414 1.00 16.25  ? 345 ASP B N   1 
ATOM   1323 C CA  . ASP B 2 36  ? -7.585  -1.207  -15.406 1.00 16.25  ? 345 ASP B CA  1 
ATOM   1324 C C   . ASP B 2 36  ? -7.064  -0.911  -13.990 1.00 16.25  ? 345 ASP B C   1 
ATOM   1325 O O   . ASP B 2 36  ? -7.591  -1.435  -13.001 1.00 37.54  ? 345 ASP B O   1 
ATOM   1326 C CB  . ASP B 2 36  ? -7.017  -2.555  -15.877 1.00 37.54  ? 345 ASP B CB  1 
ATOM   1327 C CG  . ASP B 2 36  ? -7.549  -2.987  -17.241 1.00 37.54  ? 345 ASP B CG  1 
ATOM   1328 O OD1 . ASP B 2 36  ? -8.707  -2.655  -17.582 1.00 37.54  ? 345 ASP B OD1 1 
ATOM   1329 O OD2 . ASP B 2 36  ? -6.805  -3.682  -17.967 1.00 37.54  ? 345 ASP B OD2 1 
ATOM   1330 N N   . GLY B 2 37  ? -6.036  -0.076  -13.891 1.00 18.41  ? 346 GLY B N   1 
ATOM   1331 C CA  . GLY B 2 37  ? -5.460  0.229   -12.594 1.00 18.41  ? 346 GLY B CA  1 
ATOM   1332 C C   . GLY B 2 37  ? -4.136  -0.499  -12.482 1.00 18.41  ? 346 GLY B C   1 
ATOM   1333 O O   . GLY B 2 37  ? -3.638  -1.036  -13.475 1.00 13.35  ? 346 GLY B O   1 
ATOM   1334 N N   . SER B 2 38  ? -3.553  -0.533  -11.290 1.00 6.60   ? 347 SER B N   1 
ATOM   1335 C CA  . SER B 2 38  ? -2.274  -1.201  -11.115 1.00 6.60   ? 347 SER B CA  1 
ATOM   1336 C C   . SER B 2 38  ? -2.463  -2.694  -10.877 1.00 6.60   ? 347 SER B C   1 
ATOM   1337 O O   . SER B 2 38  ? -3.410  -3.104  -10.206 1.00 10.05  ? 347 SER B O   1 
ATOM   1338 C CB  . SER B 2 38  ? -1.501  -0.566  -9.962  1.00 10.05  ? 347 SER B CB  1 
ATOM   1339 O OG  . SER B 2 38  ? -2.170  -0.772  -8.737  1.00 10.05  ? 347 SER B OG  1 
ATOM   1340 N N   . TRP B 2 39  ? -1.545  -3.495  -11.411 1.00 2.00   ? 348 TRP B N   1 
ATOM   1341 C CA  . TRP B 2 39  ? -1.586  -4.948  -11.281 1.00 2.00   ? 348 TRP B CA  1 
ATOM   1342 C C   . TRP B 2 39  ? -1.754  -5.373  -9.837  1.00 2.00   ? 348 TRP B C   1 
ATOM   1343 O O   . TRP B 2 39  ? -2.556  -6.253  -9.508  1.00 9.01   ? 348 TRP B O   1 
ATOM   1344 C CB  . TRP B 2 39  ? -0.276  -5.551  -11.767 1.00 9.01   ? 348 TRP B CB  1 
ATOM   1345 C CG  . TRP B 2 39  ? 0.044   -5.339  -13.209 1.00 9.01   ? 348 TRP B CG  1 
ATOM   1346 C CD1 . TRP B 2 39  ? -0.703  -4.670  -14.147 1.00 9.01   ? 348 TRP B CD1 1 
ATOM   1347 C CD2 . TRP B 2 39  ? 1.192   -5.841  -13.895 1.00 9.01   ? 348 TRP B CD2 1 
ATOM   1348 N NE1 . TRP B 2 39  ? -0.088  -4.737  -15.373 1.00 9.01   ? 348 TRP B NE1 1 
ATOM   1349 C CE2 . TRP B 2 39  ? 1.076   -5.451  -15.247 1.00 9.01   ? 348 TRP B CE2 1 
ATOM   1350 C CE3 . TRP B 2 39  ? 2.310   -6.589  -13.496 1.00 9.01   ? 348 TRP B CE3 1 
ATOM   1351 C CZ2 . TRP B 2 39  ? 2.037   -5.783  -16.202 1.00 9.01   ? 348 TRP B CZ2 1 
ATOM   1352 C CZ3 . TRP B 2 39  ? 3.262   -6.918  -14.443 1.00 9.01   ? 348 TRP B CZ3 1 
ATOM   1353 C CH2 . TRP B 2 39  ? 3.121   -6.519  -15.781 1.00 9.01   ? 348 TRP B CH2 1 
ATOM   1354 N N   . PHE B 2 40  ? -0.951  -4.760  -8.979  1.00 2.27   ? 349 PHE B N   1 
ATOM   1355 C CA  . PHE B 2 40  ? -0.955  -5.072  -7.568  1.00 2.27   ? 349 PHE B CA  1 
ATOM   1356 C C   . PHE B 2 40  ? -2.272  -4.771  -6.881  1.00 2.27   ? 349 PHE B C   1 
ATOM   1357 O O   . PHE B 2 40  ? -2.877  -5.650  -6.264  1.00 2.00   ? 349 PHE B O   1 
ATOM   1358 C CB  . PHE B 2 40  ? 0.190   -4.325  -6.888  1.00 2.00   ? 349 PHE B CB  1 
ATOM   1359 C CG  . PHE B 2 40  ? 0.266   -4.539  -5.412  1.00 2.00   ? 349 PHE B CG  1 
ATOM   1360 C CD1 . PHE B 2 40  ? 0.533   -5.799  -4.895  1.00 2.00   ? 349 PHE B CD1 1 
ATOM   1361 C CD2 . PHE B 2 40  ? 0.086   -3.475  -4.538  1.00 2.00   ? 349 PHE B CD2 1 
ATOM   1362 C CE1 . PHE B 2 40  ? 0.621   -6.003  -3.519  1.00 2.00   ? 349 PHE B CE1 1 
ATOM   1363 C CE2 . PHE B 2 40  ? 0.169   -3.657  -3.159  1.00 2.00   ? 349 PHE B CE2 1 
ATOM   1364 C CZ  . PHE B 2 40  ? 0.437   -4.926  -2.648  1.00 2.00   ? 349 PHE B CZ  1 
ATOM   1365 N N   . ILE B 2 41  ? -2.739  -3.538  -7.005  1.00 14.71  ? 350 ILE B N   1 
ATOM   1366 C CA  . ILE B 2 41  ? -3.976  -3.157  -6.343  1.00 14.71  ? 350 ILE B CA  1 
ATOM   1367 C C   . ILE B 2 41  ? -5.194  -3.954  -6.798  1.00 14.71  ? 350 ILE B C   1 
ATOM   1368 O O   . ILE B 2 41  ? -5.917  -4.507  -5.964  1.00 8.98   ? 350 ILE B O   1 
ATOM   1369 C CB  . ILE B 2 41  ? -4.219  -1.642  -6.441  1.00 8.98   ? 350 ILE B CB  1 
ATOM   1370 C CG1 . ILE B 2 41  ? -3.056  -0.887  -5.787  1.00 8.98   ? 350 ILE B CG1 1 
ATOM   1371 C CG2 . ILE B 2 41  ? -5.521  -1.267  -5.766  1.00 8.98   ? 350 ILE B CG2 1 
ATOM   1372 C CD1 . ILE B 2 41  ? -2.906  -1.124  -4.292  1.00 8.98   ? 350 ILE B CD1 1 
ATOM   1373 N N   . GLN B 2 42  ? -5.400  -4.079  -8.105  1.00 14.66  ? 351 GLN B N   1 
ATOM   1374 C CA  . GLN B 2 42  ? -6.553  -4.827  -8.586  1.00 14.66  ? 351 GLN B CA  1 
ATOM   1375 C C   . GLN B 2 42  ? -6.533  -6.279  -8.110  1.00 14.66  ? 351 GLN B C   1 
ATOM   1376 O O   . GLN B 2 42  ? -7.585  -6.844  -7.803  1.00 49.70  ? 351 GLN B O   1 
ATOM   1377 C CB  . GLN B 2 42  ? -6.706  -4.718  -10.110 1.00 49.70  ? 351 GLN B CB  1 
ATOM   1378 C CG  . GLN B 2 42  ? -5.574  -5.290  -10.943 1.00 49.70  ? 351 GLN B CG  1 
ATOM   1379 C CD  . GLN B 2 42  ? -5.781  -5.060  -12.437 1.00 49.70  ? 351 GLN B CD  1 
ATOM   1380 O OE1 . GLN B 2 42  ? -5.179  -4.164  -13.029 1.00 49.70  ? 351 GLN B OE1 1 
ATOM   1381 N NE2 . GLN B 2 42  ? -6.638  -5.871  -13.049 1.00 49.70  ? 351 GLN B NE2 1 
ATOM   1382 N N   . SER B 2 43  ? -5.339  -6.860  -7.994  1.00 7.87   ? 352 SER B N   1 
ATOM   1383 C CA  . SER B 2 43  ? -5.194  -8.241  -7.520  1.00 7.87   ? 352 SER B CA  1 
ATOM   1384 C C   . SER B 2 43  ? -5.448  -8.267  -6.025  1.00 7.87   ? 352 SER B C   1 
ATOM   1385 O O   . SER B 2 43  ? -6.077  -9.183  -5.509  1.00 21.67  ? 352 SER B O   1 
ATOM   1386 C CB  . SER B 2 43  ? -3.788  -8.784  -7.801  1.00 21.67  ? 352 SER B CB  1 
ATOM   1387 O OG  . SER B 2 43  ? -3.541  -8.929  -9.190  1.00 21.67  ? 352 SER B OG  1 
ATOM   1388 N N   . LEU B 2 44  ? -4.969  -7.243  -5.334  1.00 13.21  ? 353 LEU B N   1 
ATOM   1389 C CA  . LEU B 2 44  ? -5.149  -7.141  -3.895  1.00 13.21  ? 353 LEU B CA  1 
ATOM   1390 C C   . LEU B 2 44  ? -6.631  -7.140  -3.524  1.00 13.21  ? 353 LEU B C   1 
ATOM   1391 O O   . LEU B 2 44  ? -7.076  -7.952  -2.711  1.00 16.37  ? 353 LEU B O   1 
ATOM   1392 C CB  . LEU B 2 44  ? -4.486  -5.871  -3.372  1.00 16.37  ? 353 LEU B CB  1 
ATOM   1393 C CG  . LEU B 2 44  ? -4.811  -5.480  -1.929  1.00 16.37  ? 353 LEU B CG  1 
ATOM   1394 C CD1 . LEU B 2 44  ? -4.127  -6.417  -0.955  1.00 16.37  ? 353 LEU B CD1 1 
ATOM   1395 C CD2 . LEU B 2 44  ? -4.379  -4.039  -1.682  1.00 16.37  ? 353 LEU B CD2 1 
ATOM   1396 N N   . CYS B 2 45  ? -7.396  -6.239  -4.128  1.00 6.05   ? 354 CYS B N   1 
ATOM   1397 C CA  . CYS B 2 45  ? -8.824  -6.137  -3.838  1.00 6.05   ? 354 CYS B CA  1 
ATOM   1398 C C   . CYS B 2 45  ? -9.592  -7.412  -4.177  1.00 6.05   ? 354 CYS B C   1 
ATOM   1399 O O   . CYS B 2 45  ? -10.448 -7.847  -3.411  1.00 14.93  ? 354 CYS B O   1 
ATOM   1400 C CB  . CYS B 2 45  ? -9.420  -4.932  -4.567  1.00 14.93  ? 354 CYS B CB  1 
ATOM   1401 S SG  . CYS B 2 45  ? -8.621  -3.377  -4.122  1.00 14.93  ? 354 CYS B SG  1 
ATOM   1402 N N   . ALA B 2 46  ? -9.264  -8.023  -5.313  1.00 8.81   ? 355 ALA B N   1 
ATOM   1403 C CA  . ALA B 2 46  ? -9.913  -9.258  -5.751  1.00 8.81   ? 355 ALA B CA  1 
ATOM   1404 C C   . ALA B 2 46  ? -9.813  -10.307 -4.655  1.00 8.81   ? 355 ALA B C   1 
ATOM   1405 O O   . ALA B 2 46  ? -10.823 -10.828 -4.170  1.00 13.33  ? 355 ALA B O   1 
ATOM   1406 C CB  . ALA B 2 46  ? -9.249  -9.770  -7.019  1.00 13.33  ? 355 ALA B CB  1 
ATOM   1407 N N   . MET B 2 47  ? -8.579  -10.555 -4.233  1.00 11.74  ? 356 MET B N   1 
ATOM   1408 C CA  . MET B 2 47  ? -8.281  -11.535 -3.200  1.00 11.74  ? 356 MET B CA  1 
ATOM   1409 C C   . MET B 2 47  ? -8.907  -11.192 -1.858  1.00 11.74  ? 356 MET B C   1 
ATOM   1410 O O   . MET B 2 47  ? -9.393  -12.073 -1.151  1.00 17.01  ? 356 MET B O   1 
ATOM   1411 C CB  . MET B 2 47  ? -6.773  -11.694 -3.066  1.00 17.01  ? 356 MET B CB  1 
ATOM   1412 C CG  . MET B 2 47  ? -6.099  -12.149 -4.341  1.00 17.01  ? 356 MET B CG  1 
ATOM   1413 S SD  . MET B 2 47  ? -6.621  -13.785 -4.801  1.00 17.01  ? 356 MET B SD  1 
ATOM   1414 C CE  . MET B 2 47  ? -7.676  -13.458 -6.229  1.00 17.01  ? 356 MET B CE  1 
ATOM   1415 N N   . LEU B 2 48  ? -8.905  -9.921  -1.493  1.00 8.60   ? 357 LEU B N   1 
ATOM   1416 C CA  . LEU B 2 48  ? -9.517  -9.545  -0.229  1.00 8.60   ? 357 LEU B CA  1 
ATOM   1417 C C   . LEU B 2 48  ? -10.992 -9.931  -0.233  1.00 8.60   ? 357 LEU B C   1 
ATOM   1418 O O   . LEU B 2 48  ? -11.433 -10.666 0.640   1.00 20.66  ? 357 LEU B O   1 
ATOM   1419 C CB  . LEU B 2 48  ? -9.333  -8.056  0.068   1.00 20.66  ? 357 LEU B CB  1 
ATOM   1420 C CG  . LEU B 2 48  ? -8.051  -7.727  0.848   1.00 20.66  ? 357 LEU B CG  1 
ATOM   1421 C CD1 . LEU B 2 48  ? -7.880  -6.229  0.989   1.00 20.66  ? 357 LEU B CD1 1 
ATOM   1422 C CD2 . LEU B 2 48  ? -8.087  -8.387  2.229   1.00 20.66  ? 357 LEU B CD2 1 
ATOM   1423 N N   . LYS B 2 49  ? -11.722 -9.528  -1.269  1.00 15.84  ? 358 LYS B N   1 
ATOM   1424 C CA  . LYS B 2 49  ? -13.151 -9.827  -1.391  1.00 15.84  ? 358 LYS B CA  1 
ATOM   1425 C C   . LYS B 2 49  ? -13.486 -11.310 -1.221  1.00 15.84  ? 358 LYS B C   1 
ATOM   1426 O O   . LYS B 2 49  ? -14.428 -11.672 -0.517  1.00 41.00  ? 358 LYS B O   1 
ATOM   1427 C CB  . LYS B 2 49  ? -13.666 -9.367  -2.758  1.00 41.00  ? 358 LYS B CB  1 
ATOM   1428 C CG  . LYS B 2 49  ? -13.509 -7.884  -3.033  1.00 41.00  ? 358 LYS B CG  1 
ATOM   1429 C CD  . LYS B 2 49  ? -13.700 -7.587  -4.514  1.00 41.00  ? 358 LYS B CD  1 
ATOM   1430 C CE  . LYS B 2 49  ? -13.317 -6.150  -4.862  1.00 41.00  ? 358 LYS B CE  1 
ATOM   1431 N NZ  . LYS B 2 49  ? -13.198 -5.943  -6.342  1.00 41.00  ? 358 LYS B NZ  1 
ATOM   1432 N N   . GLN B 2 50  ? -12.705 -12.158 -1.879  1.00 8.42   ? 359 GLN B N   1 
ATOM   1433 C CA  . GLN B 2 50  ? -12.914 -13.595 -1.852  1.00 8.42   ? 359 GLN B CA  1 
ATOM   1434 C C   . GLN B 2 50  ? -12.450 -14.318 -0.597  1.00 8.42   ? 359 GLN B C   1 
ATOM   1435 O O   . GLN B 2 50  ? -13.109 -15.250 -0.144  1.00 59.67  ? 359 GLN B O   1 
ATOM   1436 C CB  . GLN B 2 50  ? -12.215 -14.238 -3.048  1.00 59.67  ? 359 GLN B CB  1 
ATOM   1437 C CG  . GLN B 2 50  ? -12.574 -13.640 -4.389  1.00 59.67  ? 359 GLN B CG  1 
ATOM   1438 C CD  . GLN B 2 50  ? -11.714 -14.188 -5.512  1.00 59.67  ? 359 GLN B CD  1 
ATOM   1439 O OE1 . GLN B 2 50  ? -11.210 -13.435 -6.348  1.00 59.67  ? 359 GLN B OE1 1 
ATOM   1440 N NE2 . GLN B 2 50  ? -11.533 -15.506 -5.534  1.00 59.67  ? 359 GLN B NE2 1 
ATOM   1441 N N   . TYR B 2 51  ? -11.318 -13.894 -0.037  1.00 10.53  ? 360 TYR B N   1 
ATOM   1442 C CA  . TYR B 2 51  ? -10.746 -14.579 1.122   1.00 10.53  ? 360 TYR B CA  1 
ATOM   1443 C C   . TYR B 2 51  ? -10.647 -13.858 2.458   1.00 10.53  ? 360 TYR B C   1 
ATOM   1444 O O   . TYR B 2 51  ? -10.248 -14.468 3.446   1.00 32.38  ? 360 TYR B O   1 
ATOM   1445 C CB  . TYR B 2 51  ? -9.363  -15.115 0.753   1.00 32.38  ? 360 TYR B CB  1 
ATOM   1446 C CG  . TYR B 2 51  ? -9.358  -16.004 -0.465  1.00 32.38  ? 360 TYR B CG  1 
ATOM   1447 C CD1 . TYR B 2 51  ? -9.709  -17.346 -0.370  1.00 32.38  ? 360 TYR B CD1 1 
ATOM   1448 C CD2 . TYR B 2 51  ? -9.013  -15.502 -1.716  1.00 32.38  ? 360 TYR B CD2 1 
ATOM   1449 C CE1 . TYR B 2 51  ? -9.720  -18.170 -1.491  1.00 32.38  ? 360 TYR B CE1 1 
ATOM   1450 C CE2 . TYR B 2 51  ? -9.020  -16.318 -2.846  1.00 32.38  ? 360 TYR B CE2 1 
ATOM   1451 C CZ  . TYR B 2 51  ? -9.376  -17.650 -2.725  1.00 32.38  ? 360 TYR B CZ  1 
ATOM   1452 O OH  . TYR B 2 51  ? -9.399  -18.467 -3.834  1.00 32.38  ? 360 TYR B OH  1 
ATOM   1453 N N   . ALA B 2 52  ? -11.030 -12.589 2.516   1.00 2.00   ? 361 ALA B N   1 
ATOM   1454 C CA  . ALA B 2 52  ? -10.940 -11.841 3.771   1.00 2.00   ? 361 ALA B CA  1 
ATOM   1455 C C   . ALA B 2 52  ? -11.691 -12.515 4.917   1.00 2.00   ? 361 ALA B C   1 
ATOM   1456 O O   . ALA B 2 52  ? -11.404 -12.263 6.087   1.00 20.87  ? 361 ALA B O   1 
ATOM   1457 C CB  . ALA B 2 52  ? -11.434 -10.416 3.583   1.00 20.87  ? 361 ALA B CB  1 
ATOM   1458 N N   . ASP B 2 53  ? -12.639 -13.382 4.577   1.00 17.88  ? 362 ASP B N   1 
ATOM   1459 C CA  . ASP B 2 53  ? -13.436 -14.077 5.577   1.00 17.88  ? 362 ASP B CA  1 
ATOM   1460 C C   . ASP B 2 53  ? -13.181 -15.581 5.578   1.00 17.88  ? 362 ASP B C   1 
ATOM   1461 O O   . ASP B 2 53  ? -14.032 -16.362 5.998   1.00 47.79  ? 362 ASP B O   1 
ATOM   1462 C CB  . ASP B 2 53  ? -14.930 -13.778 5.372   1.00 47.79  ? 362 ASP B CB  1 
ATOM   1463 C CG  . ASP B 2 53  ? -15.455 -14.256 4.024   1.00 47.79  ? 362 ASP B CG  1 
ATOM   1464 O OD1 . ASP B 2 53  ? -14.794 -14.023 2.989   1.00 47.79  ? 362 ASP B OD1 1 
ATOM   1465 O OD2 . ASP B 2 53  ? -16.548 -14.857 3.994   1.00 47.79  ? 362 ASP B OD2 1 
ATOM   1466 N N   . LYS B 2 54  ? -11.995 -15.979 5.126   1.00 21.66  ? 363 LYS B N   1 
ATOM   1467 C CA  . LYS B 2 54  ? -11.625 -17.391 5.069   1.00 21.66  ? 363 LYS B CA  1 
ATOM   1468 C C   . LYS B 2 54  ? -10.152 -17.621 5.400   1.00 21.66  ? 363 LYS B C   1 
ATOM   1469 O O   . LYS B 2 54  ? -9.806  -18.604 6.058   1.00 39.17  ? 363 LYS B O   1 
ATOM   1470 C CB  . LYS B 2 54  ? -11.899 -17.957 3.673   1.00 39.17  ? 363 LYS B CB  1 
ATOM   1471 C CG  . LYS B 2 54  ? -13.327 -17.791 3.180   1.00 39.17  ? 363 LYS B CG  1 
ATOM   1472 C CD  . LYS B 2 54  ? -13.459 -18.205 1.722   1.00 39.17  ? 363 LYS B CD  1 
ATOM   1473 C CE  . LYS B 2 54  ? -14.866 -17.956 1.199   1.00 39.17  ? 363 LYS B CE  1 
ATOM   1474 N NZ  . LYS B 2 54  ? -15.235 -16.517 1.230   1.00 39.17  ? 363 LYS B NZ  1 
ATOM   1475 N N   . LEU B 2 55  ? -9.288  -16.717 4.939   1.00 31.63  ? 364 LEU B N   1 
ATOM   1476 C CA  . LEU B 2 55  ? -7.849  -16.845 5.150   1.00 31.63  ? 364 LEU B CA  1 
ATOM   1477 C C   . LEU B 2 55  ? -7.207  -15.773 6.015   1.00 31.63  ? 364 LEU B C   1 
ATOM   1478 O O   . LEU B 2 55  ? -7.760  -14.695 6.223   1.00 10.00  ? 364 LEU B O   1 
ATOM   1479 C CB  . LEU B 2 55  ? -7.119  -16.866 3.807   1.00 10.00  ? 364 LEU B CB  1 
ATOM   1480 C CG  . LEU B 2 55  ? -7.467  -17.951 2.793   1.00 10.00  ? 364 LEU B CG  1 
ATOM   1481 C CD1 . LEU B 2 55  ? -6.510  -17.845 1.610   1.00 10.00  ? 364 LEU B CD1 1 
ATOM   1482 C CD2 . LEU B 2 55  ? -7.372  -19.326 3.444   1.00 10.00  ? 364 LEU B CD2 1 
ATOM   1483 N N   . GLU B 2 56  ? -6.020  -16.091 6.515   1.00 5.66   ? 365 GLU B N   1 
ATOM   1484 C CA  . GLU B 2 56  ? -5.246  -15.175 7.337   1.00 5.66   ? 365 GLU B CA  1 
ATOM   1485 C C   . GLU B 2 56  ? -4.535  -14.249 6.359   1.00 5.66   ? 365 GLU B C   1 
ATOM   1486 O O   . GLU B 2 56  ? -4.105  -14.686 5.284   1.00 9.19   ? 365 GLU B O   1 
ATOM   1487 C CB  . GLU B 2 56  ? -4.237  -15.956 8.187   1.00 9.19   ? 365 GLU B CB  1 
ATOM   1488 C CG  . GLU B 2 56  ? -3.514  -15.133 9.251   1.00 9.19   ? 365 GLU B CG  1 
ATOM   1489 C CD  . GLU B 2 56  ? -2.213  -14.554 8.760   1.00 9.19   ? 365 GLU B CD  1 
ATOM   1490 O OE1 . GLU B 2 56  ? -1.575  -15.203 7.915   1.00 9.19   ? 365 GLU B OE1 1 
ATOM   1491 O OE2 . GLU B 2 56  ? -1.821  -13.464 9.224   1.00 9.19   ? 365 GLU B OE2 1 
ATOM   1492 N N   . PHE B 2 57  ? -4.389  -12.984 6.737   1.00 3.98   ? 366 PHE B N   1 
ATOM   1493 C CA  . PHE B 2 57  ? -3.764  -11.995 5.870   1.00 3.98   ? 366 PHE B CA  1 
ATOM   1494 C C   . PHE B 2 57  ? -2.543  -12.483 5.084   1.00 3.98   ? 366 PHE B C   1 
ATOM   1495 O O   . PHE B 2 57  ? -2.522  -12.383 3.862   1.00 17.65  ? 366 PHE B O   1 
ATOM   1496 C CB  . PHE B 2 57  ? -3.430  -10.721 6.643   1.00 17.65  ? 366 PHE B CB  1 
ATOM   1497 C CG  . PHE B 2 57  ? -3.298  -9.510  5.769   1.00 17.65  ? 366 PHE B CG  1 
ATOM   1498 C CD1 . PHE B 2 57  ? -4.054  -9.392  4.608   1.00 17.65  ? 366 PHE B CD1 1 
ATOM   1499 C CD2 . PHE B 2 57  ? -2.433  -8.479  6.103   1.00 17.65  ? 366 PHE B CD2 1 
ATOM   1500 C CE1 . PHE B 2 57  ? -3.951  -8.265  3.798   1.00 17.65  ? 366 PHE B CE1 1 
ATOM   1501 C CE2 . PHE B 2 57  ? -2.325  -7.347  5.295   1.00 17.65  ? 366 PHE B CE2 1 
ATOM   1502 C CZ  . PHE B 2 57  ? -3.082  -7.240  4.143   1.00 17.65  ? 366 PHE B CZ  1 
ATOM   1503 N N   . MET B 2 58  ? -1.553  -13.061 5.754   1.00 5.04   ? 367 MET B N   1 
ATOM   1504 C CA  . MET B 2 58  ? -0.361  -13.526 5.043   1.00 5.04   ? 367 MET B CA  1 
ATOM   1505 C C   . MET B 2 58  ? -0.677  -14.467 3.875   1.00 5.04   ? 367 MET B C   1 
ATOM   1506 O O   . MET B 2 58  ? -0.013  -14.430 2.836   1.00 30.53  ? 367 MET B O   1 
ATOM   1507 C CB  . MET B 2 58  ? 0.629   -14.195 6.000   1.00 30.53  ? 367 MET B CB  1 
ATOM   1508 C CG  . MET B 2 58  ? 1.346   -13.247 6.946   1.00 30.53  ? 367 MET B CG  1 
ATOM   1509 S SD  . MET B 2 58  ? 2.362   -12.017 6.104   1.00 30.53  ? 367 MET B SD  1 
ATOM   1510 C CE  . MET B 2 58  ? 1.427   -10.566 6.454   1.00 30.53  ? 367 MET B CE  1 
ATOM   1511 N N   . HIS B 2 59  ? -1.697  -15.305 4.046   1.00 6.41   ? 368 HIS B N   1 
ATOM   1512 C CA  . HIS B 2 59  ? -2.094  -16.241 3.001   1.00 6.41   ? 368 HIS B CA  1 
ATOM   1513 C C   . HIS B 2 59  ? -2.772  -15.522 1.842   1.00 6.41   ? 368 HIS B C   1 
ATOM   1514 O O   . HIS B 2 59  ? -2.629  -15.918 0.688   1.00 24.57  ? 368 HIS B O   1 
ATOM   1515 C CB  . HIS B 2 59  ? -2.998  -17.331 3.566   1.00 24.57  ? 368 HIS B CB  1 
ATOM   1516 C CG  . HIS B 2 59  ? -2.261  -18.377 4.333   1.00 24.57  ? 368 HIS B CG  1 
ATOM   1517 N ND1 . HIS B 2 59  ? -2.799  -19.611 4.627   1.00 24.57  ? 368 HIS B ND1 1 
ATOM   1518 C CD2 . HIS B 2 59  ? -1.003  -18.386 4.842   1.00 24.57  ? 368 HIS B CD2 1 
ATOM   1519 C CE1 . HIS B 2 59  ? -1.908  -20.333 5.280   1.00 24.57  ? 368 HIS B CE1 1 
ATOM   1520 N NE2 . HIS B 2 59  ? -0.812  -19.614 5.423   1.00 24.57  ? 368 HIS B NE2 1 
ATOM   1521 N N   . ILE B 2 60  ? -3.510  -14.466 2.159   1.00 2.00   ? 369 ILE B N   1 
ATOM   1522 C CA  . ILE B 2 60  ? -4.174  -13.668 1.146   1.00 2.00   ? 369 ILE B CA  1 
ATOM   1523 C C   . ILE B 2 60  ? -3.079  -12.999 0.289   1.00 2.00   ? 369 ILE B C   1 
ATOM   1524 O O   . ILE B 2 60  ? -3.063  -13.142 -0.941  1.00 11.70  ? 369 ILE B O   1 
ATOM   1525 C CB  . ILE B 2 60  ? -5.073  -12.593 1.797   1.00 11.70  ? 369 ILE B CB  1 
ATOM   1526 C CG1 . ILE B 2 60  ? -6.244  -13.262 2.519   1.00 11.70  ? 369 ILE B CG1 1 
ATOM   1527 C CG2 . ILE B 2 60  ? -5.570  -11.611 0.757   1.00 11.70  ? 369 ILE B CG2 1 
ATOM   1528 C CD1 . ILE B 2 60  ? -7.155  -12.301 3.251   1.00 11.70  ? 369 ILE B CD1 1 
ATOM   1529 N N   . LEU B 2 61  ? -2.135  -12.319 0.939   1.00 2.00   ? 370 LEU B N   1 
ATOM   1530 C CA  . LEU B 2 61  ? -1.049  -11.656 0.223   1.00 2.00   ? 370 LEU B CA  1 
ATOM   1531 C C   . LEU B 2 61  ? -0.290  -12.640 -0.653  1.00 2.00   ? 370 LEU B C   1 
ATOM   1532 O O   . LEU B 2 61  ? 0.099   -12.303 -1.761  1.00 8.45   ? 370 LEU B O   1 
ATOM   1533 C CB  . LEU B 2 61  ? -0.102  -10.962 1.197   1.00 8.45   ? 370 LEU B CB  1 
ATOM   1534 C CG  . LEU B 2 61  ? -0.634  -9.722  1.903   1.00 8.45   ? 370 LEU B CG  1 
ATOM   1535 C CD1 . LEU B 2 61  ? 0.313   -9.295  2.999   1.00 8.45   ? 370 LEU B CD1 1 
ATOM   1536 C CD2 . LEU B 2 61  ? -0.806  -8.607  0.898   1.00 8.45   ? 370 LEU B CD2 1 
ATOM   1537 N N   . THR B 2 62  ? -0.114  -13.870 -0.185  1.00 8.89   ? 371 THR B N   1 
ATOM   1538 C CA  . THR B 2 62  ? 0.584   -14.878 -0.985  1.00 8.89   ? 371 THR B CA  1 
ATOM   1539 C C   . THR B 2 62  ? -0.206  -15.170 -2.271  1.00 8.89   ? 371 THR B C   1 
ATOM   1540 O O   . THR B 2 62  ? 0.381   -15.387 -3.337  1.00 7.64   ? 371 THR B O   1 
ATOM   1541 C CB  . THR B 2 62  ? 0.803   -16.184 -0.197  1.00 7.64   ? 371 THR B CB  1 
ATOM   1542 O OG1 . THR B 2 62  ? 1.481   -15.889 1.032   1.00 7.64   ? 371 THR B OG1 1 
ATOM   1543 C CG2 . THR B 2 62  ? 1.664   -17.153 -1.009  1.00 7.64   ? 371 THR B CG2 1 
ATOM   1544 N N   . ARG B 2 63  ? -1.534  -15.144 -2.166  1.00 28.22  ? 372 ARG B N   1 
ATOM   1545 C CA  . ARG B 2 63  ? -2.408  -15.366 -3.316  1.00 28.22  ? 372 ARG B CA  1 
ATOM   1546 C C   . ARG B 2 63  ? -2.142  -14.244 -4.317  1.00 28.22  ? 372 ARG B C   1 
ATOM   1547 O O   . ARG B 2 63  ? -2.018  -14.491 -5.522  1.00 47.78  ? 372 ARG B O   1 
ATOM   1548 C CB  . ARG B 2 63  ? -3.881  -15.325 -2.903  1.00 47.78  ? 372 ARG B CB  1 
ATOM   1549 C CG  . ARG B 2 63  ? -4.343  -16.468 -2.025  1.00 47.78  ? 372 ARG B CG  1 
ATOM   1550 C CD  . ARG B 2 63  ? -4.350  -17.770 -2.786  1.00 47.78  ? 372 ARG B CD  1 
ATOM   1551 N NE  . ARG B 2 63  ? -5.090  -18.815 -2.083  1.00 47.78  ? 372 ARG B NE  1 
ATOM   1552 C CZ  . ARG B 2 63  ? -6.159  -19.437 -2.577  1.00 47.78  ? 372 ARG B CZ  1 
ATOM   1553 N NH1 . ARG B 2 63  ? -6.627  -19.124 -3.782  1.00 47.78  ? 372 ARG B NH1 1 
ATOM   1554 N NH2 . ARG B 2 63  ? -6.759  -20.384 -1.870  1.00 47.78  ? 372 ARG B NH2 1 
ATOM   1555 N N   . VAL B 2 64  ? -2.057  -13.012 -3.807  1.00 4.42   ? 373 VAL B N   1 
ATOM   1556 C CA  . VAL B 2 64  ? -1.789  -11.839 -4.641  1.00 4.42   ? 373 VAL B CA  1 
ATOM   1557 C C   . VAL B 2 64  ? -0.467  -12.005 -5.368  1.00 4.42   ? 373 VAL B C   1 
ATOM   1558 O O   . VAL B 2 64  ? -0.389  -11.749 -6.568  1.00 9.40   ? 373 VAL B O   1 
ATOM   1559 C CB  . VAL B 2 64  ? -1.739  -10.560 -3.828  1.00 9.40   ? 373 VAL B CB  1 
ATOM   1560 C CG1 . VAL B 2 64  ? -1.445  -9.389  -4.738  1.00 9.40   ? 373 VAL B CG1 1 
ATOM   1561 C CG2 . VAL B 2 64  ? -3.050  -10.364 -3.109  1.00 9.40   ? 373 VAL B CG2 1 
ATOM   1562 N N   . ASN B 2 65  ? 0.561   -12.453 -4.650  1.00 2.00   ? 374 ASN B N   1 
ATOM   1563 C CA  . ASN B 2 65  ? 1.869   -12.692 -5.256  1.00 2.00   ? 374 ASN B CA  1 
ATOM   1564 C C   . ASN B 2 65  ? 1.717   -13.593 -6.475  1.00 2.00   ? 374 ASN B C   1 
ATOM   1565 O O   . ASN B 2 65  ? 2.185   -13.258 -7.561  1.00 18.92  ? 374 ASN B O   1 
ATOM   1566 C CB  . ASN B 2 65  ? 2.818   -13.347 -4.259  1.00 18.92  ? 374 ASN B CB  1 
ATOM   1567 C CG  . ASN B 2 65  ? 3.339   -12.376 -3.228  1.00 18.92  ? 374 ASN B CG  1 
ATOM   1568 O OD1 . ASN B 2 65  ? 3.017   -11.188 -3.247  1.00 18.92  ? 374 ASN B OD1 1 
ATOM   1569 N ND2 . ASN B 2 65  ? 4.152   -12.878 -2.312  1.00 18.92  ? 374 ASN B ND2 1 
ATOM   1570 N N   . ARG B 2 66  ? 1.016   -14.711 -6.308  1.00 8.29   ? 375 ARG B N   1 
ATOM   1571 C CA  . ARG B 2 66  ? 0.788   -15.656 -7.404  1.00 8.29   ? 375 ARG B CA  1 
ATOM   1572 C C   . ARG B 2 66  ? -0.003  -15.039 -8.562  1.00 8.29   ? 375 ARG B C   1 
ATOM   1573 O O   . ARG B 2 66  ? 0.351   -15.217 -9.726  1.00 28.31  ? 375 ARG B O   1 
ATOM   1574 C CB  . ARG B 2 66  ? 0.066   -16.910 -6.891  1.00 28.31  ? 375 ARG B CB  1 
ATOM   1575 C CG  . ARG B 2 66  ? -0.128  -18.002 -7.941  1.00 28.31  ? 375 ARG B CG  1 
ATOM   1576 C CD  . ARG B 2 66  ? -0.290  -19.392 -7.309  1.00 28.31  ? 375 ARG B CD  1 
ATOM   1577 N NE  . ARG B 2 66  ? -1.596  -19.608 -6.683  1.00 28.31  ? 375 ARG B NE  1 
ATOM   1578 C CZ  . ARG B 2 66  ? -1.823  -19.623 -5.368  1.00 28.31  ? 375 ARG B CZ  1 
ATOM   1579 N NH1 . ARG B 2 66  ? -0.837  -19.436 -4.494  1.00 28.31  ? 375 ARG B NH1 1 
ATOM   1580 N NH2 . ARG B 2 66  ? -3.053  -19.825 -4.923  1.00 28.31  ? 375 ARG B NH2 1 
ATOM   1581 N N   . LYS B 2 67  ? -1.048  -14.286 -8.237  1.00 6.49   ? 376 LYS B N   1 
ATOM   1582 C CA  . LYS B 2 67  ? -1.886  -13.667 -9.251  1.00 6.49   ? 376 LYS B CA  1 
ATOM   1583 C C   . LYS B 2 67  ? -1.106  -12.688 -10.107 1.00 6.49   ? 376 LYS B C   1 
ATOM   1584 O O   . LYS B 2 67  ? -1.088  -12.804 -11.335 1.00 25.65  ? 376 LYS B O   1 
ATOM   1585 C CB  . LYS B 2 67  ? -3.076  -12.966 -8.609  1.00 25.65  ? 376 LYS B CB  1 
ATOM   1586 C CG  . LYS B 2 67  ? -4.174  -12.668 -9.599  1.00 25.65  ? 376 LYS B CG  1 
ATOM   1587 C CD  . LYS B 2 67  ? -5.326  -11.950 -8.951  1.00 25.65  ? 376 LYS B CD  1 
ATOM   1588 C CE  . LYS B 2 67  ? -6.435  -11.712 -9.958  1.00 25.65  ? 376 LYS B CE  1 
ATOM   1589 N NZ  . LYS B 2 67  ? -7.560  -10.961 -9.337  1.00 25.65  ? 376 LYS B NZ  1 
ATOM   1590 N N   . VAL B 2 68  ? -0.451  -11.734 -9.454  1.00 5.33   ? 377 VAL B N   1 
ATOM   1591 C CA  . VAL B 2 68  ? 0.350   -10.735 -10.150 1.00 5.33   ? 377 VAL B CA  1 
ATOM   1592 C C   . VAL B 2 68  ? 1.475   -11.404 -10.940 1.00 5.33   ? 377 VAL B C   1 
ATOM   1593 O O   . VAL B 2 68  ? 1.681   -11.084 -12.107 1.00 10.55  ? 377 VAL B O   1 
ATOM   1594 C CB  . VAL B 2 68  ? 0.964   -9.700  -9.160  1.00 10.55  ? 377 VAL B CB  1 
ATOM   1595 C CG1 . VAL B 2 68  ? 1.982   -8.812  -9.873  1.00 10.55  ? 377 VAL B CG1 1 
ATOM   1596 C CG2 . VAL B 2 68  ? -0.127  -8.844  -8.553  1.00 10.55  ? 377 VAL B CG2 1 
ATOM   1597 N N   . ALA B 2 69  ? 2.155   -12.364 -10.322 1.00 2.00   ? 378 ALA B N   1 
ATOM   1598 C CA  . ALA B 2 69  ? 3.272   -13.052 -10.963 1.00 2.00   ? 378 ALA B CA  1 
ATOM   1599 C C   . ALA B 2 69  ? 2.894   -13.979 -12.117 1.00 2.00   ? 378 ALA B C   1 
ATOM   1600 O O   . ALA B 2 69  ? 3.704   -14.241 -13.010 1.00 22.52  ? 378 ALA B O   1 
ATOM   1601 C CB  . ALA B 2 69  ? 4.065   -13.830 -9.924  1.00 22.52  ? 378 ALA B CB  1 
ATOM   1602 N N   . THR B 2 70  ? 1.663   -14.475 -12.085 1.00 23.35  ? 379 THR B N   1 
ATOM   1603 C CA  . THR B 2 70  ? 1.175   -15.411 -13.089 1.00 23.35  ? 379 THR B CA  1 
ATOM   1604 C C   . THR B 2 70  ? 0.330   -14.823 -14.212 1.00 23.35  ? 379 THR B C   1 
ATOM   1605 O O   . THR B 2 70  ? 0.633   -14.990 -15.391 1.00 27.58  ? 379 THR B O   1 
ATOM   1606 C CB  . THR B 2 70  ? 0.341   -16.505 -12.402 1.00 27.58  ? 379 THR B CB  1 
ATOM   1607 O OG1 . THR B 2 70  ? 1.145   -17.160 -11.416 1.00 27.58  ? 379 THR B OG1 1 
ATOM   1608 C CG2 . THR B 2 70  ? -0.163  -17.519 -13.403 1.00 27.58  ? 379 THR B CG2 1 
ATOM   1609 N N   . GLU B 2 71  A -0.729  -14.129 -13.831 1.00 7.42   ? 379 GLU B N   1 
ATOM   1610 C CA  . GLU B 2 71  A -1.662  -13.570 -14.788 1.00 7.42   ? 379 GLU B CA  1 
ATOM   1611 C C   . GLU B 2 71  A -1.299  -12.269 -15.499 1.00 7.42   ? 379 GLU B C   1 
ATOM   1612 O O   . GLU B 2 71  A -1.946  -11.915 -16.492 1.00 39.23  ? 379 GLU B O   1 
ATOM   1613 C CB  . GLU B 2 71  A -3.037  -13.457 -14.122 1.00 39.23  ? 379 GLU B CB  1 
ATOM   1614 C CG  . GLU B 2 71  A -3.628  -14.827 -13.776 1.00 39.23  ? 379 GLU B CG  1 
ATOM   1615 C CD  . GLU B 2 71  A -4.743  -14.785 -12.749 1.00 39.23  ? 379 GLU B CD  1 
ATOM   1616 O OE1 . GLU B 2 71  A -5.373  -13.720 -12.565 1.00 39.23  ? 379 GLU B OE1 1 
ATOM   1617 O OE2 . GLU B 2 71  A -4.987  -15.836 -12.123 1.00 39.23  ? 379 GLU B OE2 1 
ATOM   1618 N N   . PHE B 2 72  ? -0.244  -11.589 -15.052 1.00 14.28  ? 380 PHE B N   1 
ATOM   1619 C CA  . PHE B 2 72  ? 0.136   -10.314 -15.661 1.00 14.28  ? 380 PHE B CA  1 
ATOM   1620 C C   . PHE B 2 72  ? 1.484   -10.255 -16.385 1.00 14.28  ? 380 PHE B C   1 
ATOM   1621 O O   . PHE B 2 72  ? 2.488   -10.768 -15.893 1.00 11.30  ? 380 PHE B O   1 
ATOM   1622 C CB  . PHE B 2 72  ? 0.101   -9.210  -14.610 1.00 11.30  ? 380 PHE B CB  1 
ATOM   1623 C CG  . PHE B 2 72  ? -1.269  -8.928  -14.049 1.00 11.30  ? 380 PHE B CG  1 
ATOM   1624 C CD1 . PHE B 2 72  ? -2.126  -8.036  -14.687 1.00 11.30  ? 380 PHE B CD1 1 
ATOM   1625 C CD2 . PHE B 2 72  ? -1.673  -9.494  -12.847 1.00 11.30  ? 380 PHE B CD2 1 
ATOM   1626 C CE1 . PHE B 2 72  ? -3.359  -7.710  -14.133 1.00 11.30  ? 380 PHE B CE1 1 
ATOM   1627 C CE2 . PHE B 2 72  ? -2.908  -9.168  -12.286 1.00 11.30  ? 380 PHE B CE2 1 
ATOM   1628 C CZ  . PHE B 2 72  ? -3.748  -8.276  -12.932 1.00 11.30  ? 380 PHE B CZ  1 
ATOM   1629 N N   . GLU B 2 73  ? 1.495   -9.589  -17.541 1.00 8.11   ? 381 GLU B N   1 
ATOM   1630 C CA  . GLU B 2 73  ? 2.696   -9.394  -18.356 1.00 8.11   ? 381 GLU B CA  1 
ATOM   1631 C C   . GLU B 2 73  ? 2.478   -8.101  -19.146 1.00 8.11   ? 381 GLU B C   1 
ATOM   1632 O O   . GLU B 2 73  ? 1.376   -7.853  -19.634 1.00 26.42  ? 381 GLU B O   1 
ATOM   1633 C CB  . GLU B 2 73  ? 2.938   -10.560 -19.310 1.00 26.42  ? 381 GLU B CB  1 
ATOM   1634 C CG  . GLU B 2 73  ? 4.212   -10.396 -20.111 1.00 26.42  ? 381 GLU B CG  1 
ATOM   1635 C CD  . GLU B 2 73  ? 4.401   -11.455 -21.174 1.00 26.42  ? 381 GLU B CD  1 
ATOM   1636 O OE1 . GLU B 2 73  ? 4.501   -12.645 -20.805 1.00 26.42  ? 381 GLU B OE1 1 
ATOM   1637 O OE2 . GLU B 2 73  ? 4.465   -11.100 -22.378 1.00 26.42  ? 381 GLU B OE2 1 
ATOM   1638 N N   . SER B 2 74  A 3.512   -7.269  -19.248 1.00 36.78  ? 381 SER B N   1 
ATOM   1639 C CA  . SER B 2 74  A 3.395   -5.985  -19.938 1.00 36.78  ? 381 SER B CA  1 
ATOM   1640 C C   . SER B 2 74  A 3.448   -5.981  -21.467 1.00 36.78  ? 381 SER B C   1 
ATOM   1641 O O   . SER B 2 74  A 4.049   -6.853  -22.101 1.00 24.96  ? 381 SER B O   1 
ATOM   1642 C CB  . SER B 2 74  A 4.425   -4.996  -19.393 1.00 24.96  ? 381 SER B CB  1 
ATOM   1643 O OG  . SER B 2 74  A 5.742   -5.412  -19.704 1.00 24.96  ? 381 SER B OG  1 
ATOM   1644 N N   . PHE B 2 75  B 2.856   -4.942  -22.043 1.00 12.61  ? 381 PHE B N   1 
ATOM   1645 C CA  . PHE B 2 75  B 2.812   -4.747  -23.484 1.00 12.61  ? 381 PHE B CA  1 
ATOM   1646 C C   . PHE B 2 75  B 3.175   -3.295  -23.764 1.00 12.61  ? 381 PHE B C   1 
ATOM   1647 O O   . PHE B 2 75  B 2.651   -2.384  -23.111 1.00 15.34  ? 381 PHE B O   1 
ATOM   1648 C CB  . PHE B 2 75  B 1.409   -5.039  -24.036 1.00 15.34  ? 381 PHE B CB  1 
ATOM   1649 C CG  . PHE B 2 75  B 1.326   -4.964  -25.539 1.00 15.34  ? 381 PHE B CG  1 
ATOM   1650 C CD1 . PHE B 2 75  B 1.113   -3.750  -26.175 1.00 15.34  ? 381 PHE B CD1 1 
ATOM   1651 C CD2 . PHE B 2 75  B 1.528   -6.096  -26.314 1.00 15.34  ? 381 PHE B CD2 1 
ATOM   1652 C CE1 . PHE B 2 75  B 1.113   -3.662  -27.558 1.00 15.34  ? 381 PHE B CE1 1 
ATOM   1653 C CE2 . PHE B 2 75  B 1.529   -6.023  -27.697 1.00 15.34  ? 381 PHE B CE2 1 
ATOM   1654 C CZ  . PHE B 2 75  B 1.324   -4.802  -28.323 1.00 15.34  ? 381 PHE B CZ  1 
ATOM   1655 N N   . SER B 2 76  C 4.065   -3.087  -24.732 1.00 19.84  ? 381 SER B N   1 
ATOM   1656 C CA  . SER B 2 76  C 4.502   -1.749  -25.120 1.00 19.84  ? 381 SER B CA  1 
ATOM   1657 C C   . SER B 2 76  C 5.178   -1.846  -26.479 1.00 19.84  ? 381 SER B C   1 
ATOM   1658 O O   . SER B 2 76  C 5.608   -2.931  -26.880 1.00 29.85  ? 381 SER B O   1 
ATOM   1659 C CB  . SER B 2 76  C 5.478   -1.168  -24.093 1.00 29.85  ? 381 SER B CB  1 
ATOM   1660 O OG  . SER B 2 76  C 5.827   0.167   -24.417 1.00 29.85  ? 381 SER B OG  1 
ATOM   1661 N N   . PHE B 2 77  D 5.242   -0.727  -27.194 1.00 8.55   ? 381 PHE B N   1 
ATOM   1662 C CA  . PHE B 2 77  D 5.872   -0.702  -28.509 1.00 8.55   ? 381 PHE B CA  1 
ATOM   1663 C C   . PHE B 2 77  D 7.374   -0.553  -28.349 1.00 8.55   ? 381 PHE B C   1 
ATOM   1664 O O   . PHE B 2 77  D 8.147   -0.754  -29.278 1.00 20.84  ? 381 PHE B O   1 
ATOM   1665 C CB  . PHE B 2 77  D 5.278   0.426   -29.341 1.00 20.84  ? 381 PHE B CB  1 
ATOM   1666 C CG  . PHE B 2 77  D 3.794   0.309   -29.501 1.00 20.84  ? 381 PHE B CG  1 
ATOM   1667 C CD1 . PHE B 2 77  D 3.242   -0.783  -30.170 1.00 20.84  ? 381 PHE B CD1 1 
ATOM   1668 C CD2 . PHE B 2 77  D 2.943   1.240   -28.924 1.00 20.84  ? 381 PHE B CD2 1 
ATOM   1669 C CE1 . PHE B 2 77  D 1.864   -0.962  -30.257 1.00 20.84  ? 381 PHE B CE1 1 
ATOM   1670 C CE2 . PHE B 2 77  D 1.551   1.078   -29.001 1.00 20.84  ? 381 PHE B CE2 1 
ATOM   1671 C CZ  . PHE B 2 77  D 1.011   -0.029  -29.671 1.00 20.84  ? 381 PHE B CZ  1 
ATOM   1672 N N   . ASP B 2 78  E 7.769   -0.215  -27.132 1.00 6.05   ? 381 ASP B N   1 
ATOM   1673 C CA  . ASP B 2 78  E 9.161   -0.039  -26.776 1.00 6.05   ? 381 ASP B CA  1 
ATOM   1674 C C   . ASP B 2 78  E 9.674   -1.409  -26.319 1.00 6.05   ? 381 ASP B C   1 
ATOM   1675 O O   . ASP B 2 78  E 9.362   -1.856  -25.215 1.00 24.06  ? 381 ASP B O   1 
ATOM   1676 C CB  . ASP B 2 78  E 9.236   0.986   -25.640 1.00 24.06  ? 381 ASP B CB  1 
ATOM   1677 C CG  . ASP B 2 78  E 10.641  1.463   -25.355 1.00 24.06  ? 381 ASP B CG  1 
ATOM   1678 O OD1 . ASP B 2 78  E 11.612  0.922   -25.927 1.00 24.06  ? 381 ASP B OD1 1 
ATOM   1679 O OD2 . ASP B 2 78  E 10.767  2.402   -24.543 1.00 24.06  ? 381 ASP B OD2 1 
ATOM   1680 N N   . ALA B 2 79  F 10.468  -2.058  -27.166 1.00 15.66  ? 381 ALA B N   1 
ATOM   1681 C CA  . ALA B 2 79  F 11.022  -3.387  -26.876 1.00 15.66  ? 381 ALA B CA  1 
ATOM   1682 C C   . ALA B 2 79  F 11.582  -3.535  -25.469 1.00 15.66  ? 381 ALA B C   1 
ATOM   1683 O O   . ALA B 2 79  F 11.421  -4.575  -24.842 1.00 26.23  ? 381 ALA B O   1 
ATOM   1684 C CB  . ALA B 2 79  F 12.082  -3.748  -27.891 1.00 26.23  ? 381 ALA B CB  1 
ATOM   1685 N N   . THR B 2 80  G 12.216  -2.481  -24.972 1.00 23.09  ? 381 THR B N   1 
ATOM   1686 C CA  . THR B 2 80  G 12.809  -2.476  -23.640 1.00 23.09  ? 381 THR B CA  1 
ATOM   1687 C C   . THR B 2 80  G 11.811  -2.739  -22.502 1.00 23.09  ? 381 THR B C   1 
ATOM   1688 O O   . THR B 2 80  G 12.121  -3.459  -21.557 1.00 23.72  ? 381 THR B O   1 
ATOM   1689 C CB  . THR B 2 80  G 13.519  -1.127  -23.381 1.00 23.72  ? 381 THR B CB  1 
ATOM   1690 O OG1 . THR B 2 80  G 14.341  -0.802  -24.508 1.00 23.72  ? 381 THR B OG1 1 
ATOM   1691 C CG2 . THR B 2 80  G 14.393  -1.200  -22.136 1.00 23.72  ? 381 THR B CG2 1 
ATOM   1692 N N   . PHE B 2 81  H 10.618  -2.153  -22.594 1.00 8.31   ? 381 PHE B N   1 
ATOM   1693 C CA  . PHE B 2 81  H 9.592   -2.298  -21.559 1.00 8.31   ? 381 PHE B CA  1 
ATOM   1694 C C   . PHE B 2 81  H 8.542   -3.351  -21.895 1.00 8.31   ? 381 PHE B C   1 
ATOM   1695 O O   . PHE B 2 81  H 7.556   -3.505  -21.174 1.00 12.50  ? 381 PHE B O   1 
ATOM   1696 C CB  . PHE B 2 81  H 8.884   -0.961  -21.331 1.00 12.50  ? 381 PHE B CB  1 
ATOM   1697 C CG  . PHE B 2 81  H 9.769   0.107   -20.757 1.00 12.50  ? 381 PHE B CG  1 
ATOM   1698 C CD1 . PHE B 2 81  H 10.793  0.669   -21.515 1.00 12.50  ? 381 PHE B CD1 1 
ATOM   1699 C CD2 . PHE B 2 81  H 9.580   0.555   -19.455 1.00 12.50  ? 381 PHE B CD2 1 
ATOM   1700 C CE1 . PHE B 2 81  H 11.615  1.656   -20.988 1.00 12.50  ? 381 PHE B CE1 1 
ATOM   1701 C CE2 . PHE B 2 81  H 10.399  1.546   -18.919 1.00 12.50  ? 381 PHE B CE2 1 
ATOM   1702 C CZ  . PHE B 2 81  H 11.418  2.096   -19.689 1.00 12.50  ? 381 PHE B CZ  1 
ATOM   1703 N N   . HIS B 2 82  I 8.766   -4.090  -22.976 1.00 10.46  ? 381 HIS B N   1 
ATOM   1704 C CA  . HIS B 2 82  I 7.823   -5.102  -23.426 1.00 10.46  ? 381 HIS B CA  1 
ATOM   1705 C C   . HIS B 2 82  I 8.039   -6.484  -22.824 1.00 10.46  ? 381 HIS B C   1 
ATOM   1706 O O   . HIS B 2 82  I 9.172   -6.935  -22.684 1.00 6.03   ? 381 HIS B O   1 
ATOM   1707 C CB  . HIS B 2 82  I 7.854   -5.203  -24.953 1.00 6.03   ? 381 HIS B CB  1 
ATOM   1708 C CG  . HIS B 2 82  I 6.964   -6.274  -25.501 1.00 6.03   ? 381 HIS B CG  1 
ATOM   1709 N ND1 . HIS B 2 82  I 5.610   -6.319  -25.242 1.00 6.03   ? 381 HIS B ND1 1 
ATOM   1710 C CD2 . HIS B 2 82  I 7.241   -7.375  -26.234 1.00 6.03   ? 381 HIS B CD2 1 
ATOM   1711 C CE1 . HIS B 2 82  I 5.094   -7.403  -25.787 1.00 6.03   ? 381 HIS B CE1 1 
ATOM   1712 N NE2 . HIS B 2 82  I 6.063   -8.061  -26.394 1.00 6.03   ? 381 HIS B NE2 1 
ATOM   1713 N N   . ALA B 2 83  ? 6.930   -7.154  -22.503 1.00 10.94  ? 382 ALA B N   1 
ATOM   1714 C CA  . ALA B 2 83  ? 6.929   -8.507  -21.950 1.00 10.94  ? 382 ALA B CA  1 
ATOM   1715 C C   . ALA B 2 83  ? 7.691   -8.639  -20.637 1.00 10.94  ? 382 ALA B C   1 
ATOM   1716 O O   . ALA B 2 83  ? 8.497   -9.557  -20.458 1.00 46.44  ? 382 ALA B O   1 
ATOM   1717 C CB  . ALA B 2 83  ? 7.458   -9.499  -22.980 1.00 46.44  ? 382 ALA B CB  1 
ATOM   1718 N N   . LYS B 2 84  ? 7.395   -7.744  -19.703 1.00 8.37   ? 383 LYS B N   1 
ATOM   1719 C CA  . LYS B 2 84  ? 8.040   -7.755  -18.400 1.00 8.37   ? 383 LYS B CA  1 
ATOM   1720 C C   . LYS B 2 84  ? 7.055   -8.258  -17.368 1.00 8.37   ? 383 LYS B C   1 
ATOM   1721 O O   . LYS B 2 84  ? 5.844   -8.076  -17.511 1.00 8.20   ? 383 LYS B O   1 
ATOM   1722 C CB  . LYS B 2 84  ? 8.514   -6.354  -18.033 1.00 8.20   ? 383 LYS B CB  1 
ATOM   1723 C CG  . LYS B 2 84  ? 9.482   -5.787  -19.028 1.00 8.20   ? 383 LYS B CG  1 
ATOM   1724 C CD  . LYS B 2 84  ? 10.661  -6.709  -19.204 1.00 8.20   ? 383 LYS B CD  1 
ATOM   1725 C CE  . LYS B 2 84  ? 11.603  -6.162  -20.235 1.00 8.20   ? 383 LYS B CE  1 
ATOM   1726 N NZ  . LYS B 2 84  ? 12.768  -7.044  -20.408 1.00 8.20   ? 383 LYS B NZ  1 
ATOM   1727 N N   . LYS B 2 85  ? 7.595   -8.865  -16.317 1.00 15.40  ? 384 LYS B N   1 
ATOM   1728 C CA  . LYS B 2 85  ? 6.813   -9.445  -15.234 1.00 15.40  ? 384 LYS B CA  1 
ATOM   1729 C C   . LYS B 2 85  ? 7.022   -8.690  -13.927 1.00 15.40  ? 384 LYS B C   1 
ATOM   1730 O O   . LYS B 2 85  ? 7.930   -7.866  -13.821 1.00 21.02  ? 384 LYS B O   1 
ATOM   1731 C CB  . LYS B 2 85  ? 7.224   -10.908 -15.072 1.00 21.02  ? 384 LYS B CB  1 
ATOM   1732 C CG  . LYS B 2 85  ? 6.577   -11.858 -16.068 1.00 21.02  ? 384 LYS B CG  1 
ATOM   1733 C CD  . LYS B 2 85  ? 5.204   -12.241 -15.548 1.00 21.02  ? 384 LYS B CD  1 
ATOM   1734 C CE  . LYS B 2 85  ? 4.450   -13.103 -16.528 1.00 21.02  ? 384 LYS B CE  1 
ATOM   1735 N NZ  . LYS B 2 85  ? 3.134   -13.536 -15.974 1.00 21.02  ? 384 LYS B NZ  1 
ATOM   1736 N N   . GLN B 2 86  ? 6.187   -8.975  -12.931 1.00 2.00   ? 385 GLN B N   1 
ATOM   1737 C CA  . GLN B 2 86  ? 6.284   -8.322  -11.625 1.00 2.00   ? 385 GLN B CA  1 
ATOM   1738 C C   . GLN B 2 86  ? 5.921   -9.287  -10.513 1.00 2.00   ? 385 GLN B C   1 
ATOM   1739 O O   . GLN B 2 86  ? 5.013   -10.099 -10.659 1.00 9.07   ? 385 GLN B O   1 
ATOM   1740 C CB  . GLN B 2 86  ? 5.346   -7.110  -11.568 1.00 9.07   ? 385 GLN B CB  1 
ATOM   1741 C CG  . GLN B 2 86  ? 5.214   -6.439  -10.200 1.00 9.07   ? 385 GLN B CG  1 
ATOM   1742 C CD  . GLN B 2 86  ? 4.290   -5.244  -10.241 1.00 9.07   ? 385 GLN B CD  1 
ATOM   1743 O OE1 . GLN B 2 86  ? 4.426   -4.380  -11.092 1.00 9.07   ? 385 GLN B OE1 1 
ATOM   1744 N NE2 . GLN B 2 86  ? 3.352   -5.185  -9.318  1.00 9.07   ? 385 GLN B NE2 1 
ATOM   1745 N N   . ILE B 2 87  ? 6.626   -9.182  -9.397  1.00 2.00   ? 386 ILE B N   1 
ATOM   1746 C CA  . ILE B 2 87  ? 6.370   -10.029 -8.241  1.00 2.00   ? 386 ILE B CA  1 
ATOM   1747 C C   . ILE B 2 87  ? 6.309   -9.108  -7.024  1.00 2.00   ? 386 ILE B C   1 
ATOM   1748 O O   . ILE B 2 87  ? 7.240   -8.360  -6.759  1.00 5.35   ? 386 ILE B O   1 
ATOM   1749 C CB  . ILE B 2 87  ? 7.482   -11.110 -8.069  1.00 5.35   ? 386 ILE B CB  1 
ATOM   1750 C CG1 . ILE B 2 87  ? 7.249   -11.942 -6.810  1.00 5.35   ? 386 ILE B CG1 1 
ATOM   1751 C CG2 . ILE B 2 87  ? 8.837   -10.471 -8.007  1.00 5.35   ? 386 ILE B CG2 1 
ATOM   1752 C CD1 . ILE B 2 87  ? 5.968   -12.740 -6.825  1.00 5.35   ? 386 ILE B CD1 1 
ATOM   1753 N N   . PRO B 2 88  ? 5.151   -9.034  -6.365  1.00 2.00   ? 387 PRO B N   1 
ATOM   1754 C CA  . PRO B 2 88  ? 5.040   -8.166  -5.187  1.00 2.00   ? 387 PRO B CA  1 
ATOM   1755 C C   . PRO B 2 88  ? 6.017   -8.601  -4.087  1.00 2.00   ? 387 PRO B C   1 
ATOM   1756 O O   . PRO B 2 88  ? 6.669   -9.636  -4.198  1.00 2.00   ? 387 PRO B O   1 
ATOM   1757 C CB  . PRO B 2 88  ? 3.582   -8.361  -4.759  1.00 2.00   ? 387 PRO B CB  1 
ATOM   1758 C CG  . PRO B 2 88  ? 2.892   -8.647  -6.051  1.00 2.00   ? 387 PRO B CG  1 
ATOM   1759 C CD  . PRO B 2 88  ? 3.843   -9.595  -6.737  1.00 2.00   ? 387 PRO B CD  1 
ATOM   1760 N N   . CYS B 2 89  ? 6.090   -7.830  -3.012  1.00 6.13   ? 388 CYS B N   1 
ATOM   1761 C CA  . CYS B 2 89  ? 6.995   -8.143  -1.923  1.00 6.13   ? 388 CYS B CA  1 
ATOM   1762 C C   . CYS B 2 89  ? 6.333   -7.826  -0.596  1.00 6.13   ? 388 CYS B C   1 
ATOM   1763 O O   . CYS B 2 89  ? 5.885   -6.701  -0.369  1.00 21.03  ? 388 CYS B O   1 
ATOM   1764 C CB  . CYS B 2 89  ? 8.285   -7.336  -2.067  1.00 21.03  ? 388 CYS B CB  1 
ATOM   1765 S SG  . CYS B 2 89  ? 9.515   -7.598  -0.763  1.00 21.03  ? 388 CYS B SG  1 
ATOM   1766 N N   . ILE B 2 90  ? 6.265   -8.834  0.271   1.00 13.42  ? 389 ILE B N   1 
ATOM   1767 C CA  . ILE B 2 90  ? 5.665   -8.689  1.590   1.00 13.42  ? 389 ILE B CA  1 
ATOM   1768 C C   . ILE B 2 90  ? 6.763   -8.596  2.636   1.00 13.42  ? 389 ILE B C   1 
ATOM   1769 O O   . ILE B 2 90  ? 7.673   -9.424  2.658   1.00 15.18  ? 389 ILE B O   1 
ATOM   1770 C CB  . ILE B 2 90  ? 4.797   -9.906  1.951   1.00 15.18  ? 389 ILE B CB  1 
ATOM   1771 C CG1 . ILE B 2 90  ? 3.720   -10.126 0.900   1.00 15.18  ? 389 ILE B CG1 1 
ATOM   1772 C CG2 . ILE B 2 90  ? 4.171   -9.722  3.319   1.00 15.18  ? 389 ILE B CG2 1 
ATOM   1773 C CD1 . ILE B 2 90  ? 3.110   -11.495 0.976   1.00 15.18  ? 389 ILE B CD1 1 
ATOM   1774 N N   . VAL B 2 91  ? 6.674   -7.578  3.484   1.00 2.00   ? 390 VAL B N   1 
ATOM   1775 C CA  . VAL B 2 91  ? 7.629   -7.356  4.566   1.00 2.00   ? 390 VAL B CA  1 
ATOM   1776 C C   . VAL B 2 91  ? 6.803   -7.311  5.841   1.00 2.00   ? 390 VAL B C   1 
ATOM   1777 O O   . VAL B 2 91  ? 6.095   -6.333  6.108   1.00 9.04   ? 390 VAL B O   1 
ATOM   1778 C CB  . VAL B 2 91  ? 8.363   -6.017  4.405   1.00 9.04   ? 390 VAL B CB  1 
ATOM   1779 C CG1 . VAL B 2 91  ? 9.332   -5.814  5.550   1.00 9.04   ? 390 VAL B CG1 1 
ATOM   1780 C CG2 . VAL B 2 91  ? 9.098   -5.978  3.073   1.00 9.04   ? 390 VAL B CG2 1 
ATOM   1781 N N   . SER B 2 92  ? 6.867   -8.376  6.620   1.00 7.92   ? 392 SER B N   1 
ATOM   1782 C CA  . SER B 2 92  ? 6.093   -8.431  7.839   1.00 7.92   ? 392 SER B CA  1 
ATOM   1783 C C   . SER B 2 92  ? 6.934   -8.453  9.093   1.00 7.92   ? 392 SER B C   1 
ATOM   1784 O O   . SER B 2 92  ? 7.923   -9.187  9.191   1.00 12.06  ? 392 SER B O   1 
ATOM   1785 C CB  . SER B 2 92  ? 5.163   -9.642  7.829   1.00 12.06  ? 392 SER B CB  1 
ATOM   1786 O OG  . SER B 2 92  ? 4.385   -9.701  9.013   1.00 12.06  ? 392 SER B OG  1 
ATOM   1787 N N   . MET B 2 93  ? 6.514   -7.634  10.048  1.00 2.00   ? 393 MET B N   1 
ATOM   1788 C CA  . MET B 2 93  ? 7.137   -7.534  11.345  1.00 2.00   ? 393 MET B CA  1 
ATOM   1789 C C   . MET B 2 93  ? 6.009   -7.631  12.352  1.00 2.00   ? 393 MET B C   1 
ATOM   1790 O O   . MET B 2 93  ? 6.100   -7.148  13.479  1.00 21.53  ? 393 MET B O   1 
ATOM   1791 C CB  . MET B 2 93  ? 7.891   -6.223  11.456  1.00 21.53  ? 393 MET B CB  1 
ATOM   1792 C CG  . MET B 2 93  ? 9.114   -6.236  10.587  1.00 21.53  ? 393 MET B CG  1 
ATOM   1793 S SD  . MET B 2 93  ? 9.899   -4.665  10.492  1.00 21.53  ? 393 MET B SD  1 
ATOM   1794 C CE  . MET B 2 93  ? 9.376   -4.148  8.872   1.00 21.53  ? 393 MET B CE  1 
ATOM   1795 N N   . LEU B 2 94  ? 4.921   -8.249  11.901  1.00 7.87   ? 394 LEU B N   1 
ATOM   1796 C CA  . LEU B 2 94  ? 3.749   -8.468  12.726  1.00 7.87   ? 394 LEU B CA  1 
ATOM   1797 C C   . LEU B 2 94  ? 4.122   -9.545  13.730  1.00 7.87   ? 394 LEU B C   1 
ATOM   1798 O O   . LEU B 2 94  ? 4.912   -10.434 13.432  1.00 3.51   ? 394 LEU B O   1 
ATOM   1799 C CB  . LEU B 2 94  ? 2.578   -8.951  11.880  1.00 3.51   ? 394 LEU B CB  1 
ATOM   1800 C CG  . LEU B 2 94  ? 2.025   -7.999  10.829  1.00 3.51   ? 394 LEU B CG  1 
ATOM   1801 C CD1 . LEU B 2 94  ? 0.969   -8.705  10.020  1.00 3.51   ? 394 LEU B CD1 1 
ATOM   1802 C CD2 . LEU B 2 94  ? 1.448   -6.776  11.496  1.00 3.51   ? 394 LEU B CD2 1 
ATOM   1803 N N   . THR B 2 95  ? 3.549   -9.455  14.914  1.00 15.81  ? 395 THR B N   1 
ATOM   1804 C CA  . THR B 2 95  ? 3.817   -10.388 15.984  1.00 15.81  ? 395 THR B CA  1 
ATOM   1805 C C   . THR B 2 95  ? 2.793   -11.545 16.031  1.00 15.81  ? 395 THR B C   1 
ATOM   1806 O O   . THR B 2 95  ? 3.092   -12.627 16.541  1.00 28.29  ? 395 THR B O   1 
ATOM   1807 C CB  . THR B 2 95  ? 3.864   -9.587  17.298  1.00 28.29  ? 395 THR B CB  1 
ATOM   1808 O OG1 . THR B 2 95  ? 5.102   -8.871  17.360  1.00 28.29  ? 395 THR B OG1 1 
ATOM   1809 C CG2 . THR B 2 95  ? 3.727   -10.462 18.506  1.00 28.29  ? 395 THR B CG2 1 
ATOM   1810 N N   . LYS B 2 96  ? 1.619   -11.337 15.436  1.00 22.71  ? 396 LYS B N   1 
ATOM   1811 C CA  . LYS B 2 96  ? 0.559   -12.349 15.444  1.00 22.71  ? 396 LYS B CA  1 
ATOM   1812 C C   . LYS B 2 96  ? -0.091  -12.496 14.085  1.00 22.71  ? 396 LYS B C   1 
ATOM   1813 O O   . LYS B 2 96  ? 0.280   -11.821 13.128  1.00 8.47   ? 396 LYS B O   1 
ATOM   1814 C CB  . LYS B 2 96  ? -0.530  -11.962 16.445  1.00 8.47   ? 396 LYS B CB  1 
ATOM   1815 C CG  . LYS B 2 96  ? -0.013  -11.652 17.819  1.00 8.47   ? 396 LYS B CG  1 
ATOM   1816 C CD  . LYS B 2 96  ? -1.101  -11.137 18.725  1.00 8.47   ? 396 LYS B CD  1 
ATOM   1817 C CE  . LYS B 2 96  ? -0.529  -10.857 20.095  1.00 8.47   ? 396 LYS B CE  1 
ATOM   1818 N NZ  . LYS B 2 96  ? -1.583  -10.674 21.126  1.00 8.47   ? 396 LYS B NZ  1 
ATOM   1819 N N   . GLU B 2 97  ? -1.067  -13.391 14.009  1.00 3.66   ? 397 GLU B N   1 
ATOM   1820 C CA  . GLU B 2 97  ? -1.807  -13.619 12.779  1.00 3.66   ? 397 GLU B CA  1 
ATOM   1821 C C   . GLU B 2 97  ? -2.909  -12.569 12.682  1.00 3.66   ? 397 GLU B C   1 
ATOM   1822 O O   . GLU B 2 97  ? -3.368  -12.035 13.691  1.00 34.59  ? 397 GLU B O   1 
ATOM   1823 C CB  . GLU B 2 97  ? -2.367  -15.034 12.762  1.00 34.59  ? 397 GLU B CB  1 
ATOM   1824 C CG  . GLU B 2 97  ? -1.261  -16.075 12.714  1.00 34.59  ? 397 GLU B CG  1 
ATOM   1825 C CD  . GLU B 2 97  ? -1.745  -17.505 12.910  1.00 34.59  ? 397 GLU B CD  1 
ATOM   1826 O OE1 . GLU B 2 97  ? -2.967  -17.758 12.792  1.00 34.59  ? 397 GLU B OE1 1 
ATOM   1827 O OE2 . GLU B 2 97  ? -0.891  -18.383 13.182  1.00 34.59  ? 397 GLU B OE2 1 
ATOM   1828 N N   . LEU B 2 98  ? -3.296  -12.237 11.461  1.00 26.70  ? 398 LEU B N   1 
ATOM   1829 C CA  . LEU B 2 98  ? -4.305  -11.220 11.244  1.00 26.70  ? 398 LEU B CA  1 
ATOM   1830 C C   . LEU B 2 98  ? -5.441  -11.752 10.400  1.00 26.70  ? 398 LEU B C   1 
ATOM   1831 O O   . LEU B 2 98  ? -5.215  -12.302 9.328   1.00 9.32   ? 398 LEU B O   1 
ATOM   1832 C CB  . LEU B 2 98  ? -3.664  -10.016 10.557  1.00 9.32   ? 398 LEU B CB  1 
ATOM   1833 C CG  . LEU B 2 98  ? -4.534  -8.812  10.218  1.00 9.32   ? 398 LEU B CG  1 
ATOM   1834 C CD1 . LEU B 2 98  ? -5.205  -8.274  11.459  1.00 9.32   ? 398 LEU B CD1 1 
ATOM   1835 C CD2 . LEU B 2 98  ? -3.650  -7.758  9.589   1.00 9.32   ? 398 LEU B CD2 1 
ATOM   1836 N N   . TYR B 2 99  ? -6.654  -11.625 10.924  1.00 11.42  ? 399 TYR B N   1 
ATOM   1837 C CA  . TYR B 2 99  ? -7.873  -12.062 10.249  1.00 11.42  ? 399 TYR B CA  1 
ATOM   1838 C C   . TYR B 2 99  ? -8.830  -10.878 10.284  1.00 11.42  ? 399 TYR B C   1 
ATOM   1839 O O   . TYR B 2 99  ? -8.774  -10.057 11.210  1.00 15.70  ? 399 TYR B O   1 
ATOM   1840 C CB  . TYR B 2 99  ? -8.518  -13.228 10.994  1.00 15.70  ? 399 TYR B CB  1 
ATOM   1841 C CG  . TYR B 2 99  ? -7.650  -14.451 11.122  1.00 15.70  ? 399 TYR B CG  1 
ATOM   1842 C CD1 . TYR B 2 99  ? -7.642  -15.424 10.130  1.00 15.70  ? 399 TYR B CD1 1 
ATOM   1843 C CD2 . TYR B 2 99  ? -6.856  -14.651 12.251  1.00 15.70  ? 399 TYR B CD2 1 
ATOM   1844 C CE1 . TYR B 2 99  ? -6.861  -16.571 10.255  1.00 15.70  ? 399 TYR B CE1 1 
ATOM   1845 C CE2 . TYR B 2 99  ? -6.068  -15.799 12.389  1.00 15.70  ? 399 TYR B CE2 1 
ATOM   1846 C CZ  . TYR B 2 99  ? -6.076  -16.753 11.386  1.00 15.70  ? 399 TYR B CZ  1 
ATOM   1847 O OH  . TYR B 2 99  ? -5.287  -17.877 11.489  1.00 15.70  ? 399 TYR B OH  1 
ATOM   1848 N N   . PHE B 2 100 ? -9.730  -10.799 9.312   1.00 33.41  ? 400 PHE B N   1 
ATOM   1849 C CA  . PHE B 2 100 ? -10.675 -9.693  9.255   1.00 33.41  ? 400 PHE B CA  1 
ATOM   1850 C C   . PHE B 2 100 ? -12.074 -10.083 9.750   1.00 33.41  ? 400 PHE B C   1 
ATOM   1851 O O   . PHE B 2 100 ? -13.088 -9.683  9.165   1.00 36.77  ? 400 PHE B O   1 
ATOM   1852 C CB  . PHE B 2 100 ? -10.734 -9.135  7.830   1.00 36.77  ? 400 PHE B CB  1 
ATOM   1853 C CG  . PHE B 2 100 ? -9.412  -8.611  7.319   1.00 36.77  ? 400 PHE B CG  1 
ATOM   1854 C CD1 . PHE B 2 100 ? -8.943  -7.360  7.711   1.00 36.77  ? 400 PHE B CD1 1 
ATOM   1855 C CD2 . PHE B 2 100 ? -8.643  -9.363  6.434   1.00 36.77  ? 400 PHE B CD2 1 
ATOM   1856 C CE1 . PHE B 2 100 ? -7.724  -6.862  7.227   1.00 36.77  ? 400 PHE B CE1 1 
ATOM   1857 C CE2 . PHE B 2 100 ? -7.430  -8.876  5.947   1.00 36.77  ? 400 PHE B CE2 1 
ATOM   1858 C CZ  . PHE B 2 100 ? -6.970  -7.623  6.344   1.00 36.77  ? 400 PHE B CZ  1 
ATOM   1859 N N   . TYR B 2 101 ? -12.120 -10.844 10.842  1.00 66.12  ? 401 TYR B N   1 
ATOM   1860 C CA  . TYR B 2 101 ? -13.381 -11.290 11.427  1.00 66.12  ? 401 TYR B CA  1 
ATOM   1861 C C   . TYR B 2 101 ? -13.226 -11.708 12.889  1.00 66.12  ? 401 TYR B C   1 
ATOM   1862 O O   . TYR B 2 101 ? -12.123 -12.158 13.258  1.00 78.75  ? 401 TYR B O   1 
ATOM   1863 C CB  . TYR B 2 101 ? -13.990 -12.430 10.598  1.00 43.96  ? 401 TYR B CB  1 
ATOM   1864 C CG  . TYR B 2 101 ? -13.112 -13.658 10.385  1.00 43.96  ? 401 TYR B CG  1 
ATOM   1865 C CD1 . TYR B 2 101 ? -12.988 -14.640 11.373  1.00 43.96  ? 401 TYR B CD1 1 
ATOM   1866 C CD2 . TYR B 2 101 ? -12.455 -13.871 9.170   1.00 43.96  ? 401 TYR B CD2 1 
ATOM   1867 C CE1 . TYR B 2 101 ? -12.239 -15.804 11.155  1.00 43.96  ? 401 TYR B CE1 1 
ATOM   1868 C CE2 . TYR B 2 101 ? -11.705 -15.031 8.941   1.00 43.96  ? 401 TYR B CE2 1 
ATOM   1869 C CZ  . TYR B 2 101 ? -11.602 -15.992 9.937   1.00 43.96  ? 401 TYR B CZ  1 
ATOM   1870 O OH  . TYR B 2 101 ? -10.870 -17.142 9.716   1.00 43.96  ? 401 TYR B OH  1 
HETATM 1871 C C   . ACE C 3 1   ? -1.029  0.770   -20.633 1.00 7.47   ? 501 ACE C C   1 
HETATM 1872 O O   . ACE C 3 1   ? -1.353  1.425   -19.642 1.00 12.06  ? 501 ACE C O   1 
HETATM 1873 C CH3 . ACE C 3 1   ? -1.844  0.860   -21.909 1.00 7.47   ? 501 ACE C CH3 1 
ATOM   1874 N N   . ASP C 3 2   ? 0.031   -0.029  -20.664 1.00 28.47  ? 502 ASP C N   1 
ATOM   1875 C CA  . ASP C 3 2   ? 0.890   -0.216  -19.505 1.00 16.73  ? 502 ASP C CA  1 
ATOM   1876 C C   . ASP C 3 2   ? 1.870   0.938   -19.294 1.00 15.66  ? 502 ASP C C   1 
ATOM   1877 O O   . ASP C 3 2   ? 2.491   1.422   -20.249 1.00 17.69  ? 502 ASP C O   1 
ATOM   1878 C CB  . ASP C 3 2   ? 1.648   -1.542  -19.622 1.00 14.36  ? 502 ASP C CB  1 
ATOM   1879 C CG  . ASP C 3 2   ? 0.732   -2.756  -19.530 1.00 17.50  ? 502 ASP C CG  1 
ATOM   1880 O OD1 . ASP C 3 2   ? -0.361  -2.659  -18.932 1.00 20.94  ? 502 ASP C OD1 1 
ATOM   1881 O OD2 . ASP C 3 2   ? 1.113   -3.822  -20.046 1.00 19.93  ? 502 ASP C OD2 1 
ATOM   1882 N N   . GLU C 3 3   ? 2.009   1.351   -18.036 1.00 22.23  ? 503 GLU C N   1 
ATOM   1883 C CA  . GLU C 3 3   ? 2.901   2.434   -17.635 1.00 22.23  ? 503 GLU C CA  1 
ATOM   1884 C C   . GLU C 3 3   ? 3.549   2.050   -16.308 1.00 22.23  ? 503 GLU C C   1 
ATOM   1885 O O   . GLU C 3 3   ? 3.023   1.201   -15.594 1.00 30.39  ? 503 GLU C O   1 
ATOM   1886 C CB  . GLU C 3 3   ? 2.114   3.737   -17.479 1.00 30.39  ? 503 GLU C CB  1 
ATOM   1887 C CG  . GLU C 3 3   ? 1.519   4.250   -18.781 1.00 30.39  ? 503 GLU C CG  1 
ATOM   1888 C CD  . GLU C 3 3   ? 0.783   5.568   -18.629 1.00 30.39  ? 503 GLU C CD  1 
ATOM   1889 O OE1 . GLU C 3 3   ? 1.220   6.430   -17.838 1.00 30.39  ? 503 GLU C OE1 1 
ATOM   1890 O OE2 . GLU C 3 3   ? -0.236  5.750   -19.321 1.00 30.39  ? 503 GLU C OE2 1 
ATOM   1891 N N   . VAL C 3 4   ? 4.679   2.672   -15.978 1.00 14.81  ? 504 VAL C N   1 
ATOM   1892 C CA  . VAL C 3 4   ? 5.396   2.372   -14.735 1.00 14.81  ? 504 VAL C CA  1 
ATOM   1893 C C   . VAL C 3 4   ? 5.200   3.423   -13.638 1.00 14.81  ? 504 VAL C C   1 
ATOM   1894 O O   . VAL C 3 4   ? 4.819   4.554   -13.925 1.00 11.58  ? 504 VAL C O   1 
ATOM   1895 C CB  . VAL C 3 4   ? 6.898   2.192   -14.998 1.00 11.58  ? 504 VAL C CB  1 
ATOM   1896 C CG1 . VAL C 3 4   ? 7.149   0.924   -15.802 1.00 11.58  ? 504 VAL C CG1 1 
ATOM   1897 C CG2 . VAL C 3 4   ? 7.450   3.405   -15.732 1.00 11.58  ? 504 VAL C CG2 1 
HETATM 1898 C C   . ASJ C 3 5   ? 6.625   4.024   -10.433 1.00 2.62   ? 505 ASJ C C   1 
HETATM 1899 N N   . ASJ C 3 5   ? 5.467   3.034   -12.391 1.00 2.62   ? 505 ASJ C N   1 
HETATM 1900 O O   . ASJ C 3 5   ? 7.237   5.290   -10.720 1.00 19.56  ? 505 ASJ C O   1 
HETATM 1901 C CA  . ASJ C 3 5   ? 5.327   3.903   -11.211 1.00 2.62   ? 505 ASJ C CA  1 
HETATM 1902 C CB  . ASJ C 3 5   ? 4.275   3.348   -10.259 1.00 12.55  ? 505 ASJ C CB  1 
HETATM 1903 C CG  . ASJ C 3 5   ? 2.919   3.917   -10.501 1.00 14.75  ? 505 ASJ C CG  1 
HETATM 1904 O OD1 . ASJ C 3 5   ? 2.820   5.014   -11.087 1.00 17.98  ? 505 ASJ C OD1 1 
HETATM 1905 O OD2 . ASJ C 3 5   ? 1.945   3.272   -10.078 1.00 18.38  ? 505 ASJ C OD2 1 
HETATM 1906 O O   . HOH D 4 .   ? 10.045  1.880   -1.265  1.00 27.69  ? 601 HOH A O   1 
HETATM 1907 O O   . HOH D 4 .   ? -2.407  3.407   -8.028  1.00 8.34   ? 602 HOH A O   1 
HETATM 1908 O O   . HOH D 4 .   ? 8.687   11.442  11.920  1.00 51.40  ? 606 HOH A O   1 
HETATM 1909 O O   . HOH D 4 .   ? 5.348   -21.006 -16.973 1.00 39.71  ? 609 HOH A O   1 
HETATM 1910 O O   . HOH D 4 .   ? -17.233 2.699   -1.993  1.00 2.00   ? 611 HOH A O   1 
HETATM 1911 O O   . HOH D 4 .   ? 16.665  -4.213  -15.645 1.00 22.88  ? 615 HOH A O   1 
HETATM 1912 O O   . HOH D 4 .   ? 5.897   -0.741  -4.220  1.00 27.32  ? 617 HOH A O   1 
HETATM 1913 O O   . HOH D 4 .   ? -4.655  -5.489  18.460  1.00 19.71  ? 620 HOH A O   1 
HETATM 1914 O O   . HOH D 4 .   ? -4.035  -7.968  19.933  1.00 32.47  ? 621 HOH A O   1 
HETATM 1915 O O   . HOH D 4 .   ? 13.394  13.663  -10.837 1.00 60.38  ? 624 HOH A O   1 
HETATM 1916 O O   . HOH D 4 .   ? -6.969  -11.786 13.900  1.00 49.32  ? 625 HOH A O   1 
HETATM 1917 O O   . HOH D 4 .   ? -21.835 -2.376  2.402   1.00 43.56  ? 627 HOH A O   1 
HETATM 1918 O O   . HOH D 4 .   ? 6.069   -25.192 -17.591 1.00 43.87  ? 628 HOH A O   1 
HETATM 1919 O O   . HOH D 4 .   ? 14.095  -0.969  3.604   1.00 38.54  ? 630 HOH A O   1 
HETATM 1920 O O   . HOH D 4 .   ? 12.341  -4.961  1.070   1.00 35.93  ? 631 HOH A O   1 
HETATM 1921 O O   . HOH D 4 .   ? 10.503  -8.442  -9.852  1.00 12.46  ? 632 HOH A O   1 
HETATM 1922 O O   . HOH D 4 .   ? 6.465   -23.166 -19.660 1.00 31.07  ? 633 HOH A O   1 
HETATM 1923 O O   . HOH D 4 .   ? -12.072 9.522   -13.647 1.00 34.10  ? 634 HOH A O   1 
HETATM 1924 O O   . HOH E 4 .   ? 4.595   1.991   -25.756 1.00 53.91  ? 603 HOH B O   1 
HETATM 1925 O O   . HOH E 4 .   ? 1.288   -2.979  -9.590  1.00 2.00   ? 604 HOH B O   1 
HETATM 1926 O O   . HOH E 4 .   ? 0.479   -12.309 10.228  1.00 10.36  ? 605 HOH B O   1 
HETATM 1927 O O   . HOH E 4 .   ? 5.636   -1.211  18.277  1.00 20.08  ? 607 HOH B O   1 
HETATM 1928 O O   . HOH E 4 .   ? 9.172   -4.939  -12.188 1.00 15.63  ? 608 HOH B O   1 
HETATM 1929 O O   . HOH E 4 .   ? 9.174   -5.624  -14.899 1.00 11.08  ? 610 HOH B O   1 
HETATM 1930 O O   . HOH E 4 .   ? -7.955  -1.977  -10.074 1.00 12.89  ? 612 HOH B O   1 
HETATM 1931 O O   . HOH E 4 .   ? -9.024  -12.425 7.294   1.00 2.00   ? 613 HOH B O   1 
HETATM 1932 O O   . HOH E 4 .   ? 9.427   3.238   11.346  1.00 46.29  ? 614 HOH B O   1 
HETATM 1933 O O   . HOH E 4 .   ? 2.934   -2.299  18.009  1.00 10.25  ? 616 HOH B O   1 
HETATM 1934 O O   . HOH E 4 .   ? 8.416   -6.847  -10.072 1.00 24.51  ? 618 HOH B O   1 
HETATM 1935 O O   . HOH E 4 .   ? -0.734  -7.871  20.366  1.00 28.13  ? 622 HOH B O   1 
HETATM 1936 O O   . HOH E 4 .   ? 3.113   7.426   -15.521 1.00 36.62  ? 623 HOH B O   1 
HETATM 1937 O O   . HOH E 4 .   ? 2.653   0.446   -23.067 1.00 43.25  ? 626 HOH B O   1 
HETATM 1938 O O   . HOH E 4 .   ? 10.968  1.221   1.526   1.00 29.24  ? 629 HOH B O   1 
HETATM 1939 O O   . HOH F 4 .   ? 8.834   7.390   -10.603 1.00 46.48  ? 619 HOH C O   1 
# 
loop_
_pdbx_poly_seq_scheme.asym_id 
_pdbx_poly_seq_scheme.entity_id 
_pdbx_poly_seq_scheme.seq_id 
_pdbx_poly_seq_scheme.mon_id 
_pdbx_poly_seq_scheme.ndb_seq_num 
_pdbx_poly_seq_scheme.pdb_seq_num 
_pdbx_poly_seq_scheme.auth_seq_num 
_pdbx_poly_seq_scheme.pdb_mon_id 
_pdbx_poly_seq_scheme.auth_mon_id 
_pdbx_poly_seq_scheme.pdb_strand_id 
_pdbx_poly_seq_scheme.pdb_ins_code 
_pdbx_poly_seq_scheme.hetero 
A 1 1   SER 1   145 ?   ?   ?   A . n 
A 1 2   GLY 2   146 ?   ?   ?   A . n 
A 1 3   ILE 3   147 ?   ?   ?   A . n 
A 1 4   SER 4   148 ?   ?   ?   A . n 
A 1 5   LEU 5   149 ?   ?   ?   A . n 
A 1 6   ASP 6   150 150 ASP ASP A . n 
A 1 7   ASN 7   151 151 ASN ASN A . n 
A 1 8   SER 8   152 152 SER SER A . n 
A 1 9   TYR 9   153 153 TYR TYR A . n 
A 1 10  LYS 10  154 154 LYS LYS A . n 
A 1 11  MET 11  155 155 MET MET A . n 
A 1 12  ASP 12  156 156 ASP ASP A . n 
A 1 13  TYR 13  156 156 TYR TYR A A n 
A 1 14  PRO 14  161 161 PRO PRO A . n 
A 1 15  GLU 15  162 162 GLU GLU A . n 
A 1 16  MET 16  162 162 MET MET A A n 
A 1 17  GLY 17  163 163 GLY GLY A . n 
A 1 18  LEU 18  164 164 LEU LEU A . n 
A 1 19  CYS 19  165 165 CYS CYS A . n 
A 1 20  ILE 20  166 166 ILE ILE A . n 
A 1 21  ILE 21  167 167 ILE ILE A . n 
A 1 22  ILE 22  168 168 ILE ILE A . n 
A 1 23  ASN 23  169 169 ASN ASN A . n 
A 1 24  ASN 24  170 170 ASN ASN A . n 
A 1 25  LYS 25  171 171 LYS LYS A . n 
A 1 26  ASN 26  172 172 ASN ASN A . n 
A 1 27  PHE 27  173 173 PHE PHE A . n 
A 1 28  HIS 28  174 174 HIS HIS A . n 
A 1 29  LYS 29  175 175 LYS LYS A . n 
A 1 30  SER 30  175 175 SER SER A A n 
A 1 31  THR 31  175 175 THR THR A B n 
A 1 32  GLY 32  175 175 GLY GLY A C n 
A 1 33  MET 33  176 176 MET MET A . n 
A 1 34  THR 34  177 177 THR THR A . n 
A 1 35  SER 35  178 178 SER SER A . n 
A 1 36  ARG 36  179 179 ARG ARG A . n 
A 1 37  SER 37  180 180 SER SER A . n 
A 1 38  GLY 38  181 181 GLY GLY A . n 
A 1 39  THR 39  182 182 THR THR A . n 
A 1 40  ASP 40  183 183 ASP ASP A . n 
A 1 41  VAL 41  184 184 VAL VAL A . n 
A 1 42  ASP 42  185 185 ASP ASP A . n 
A 1 43  ALA 43  186 186 ALA ALA A . n 
A 1 44  ALA 44  187 187 ALA ALA A . n 
A 1 45  ASN 45  188 188 ASN ASN A . n 
A 1 46  LEU 46  189 189 LEU LEU A . n 
A 1 47  ARG 47  190 190 ARG ARG A . n 
A 1 48  GLU 48  191 191 GLU GLU A . n 
A 1 49  THR 49  192 192 THR THR A . n 
A 1 50  PHE 50  193 193 PHE PHE A . n 
A 1 51  ARG 51  194 194 ARG ARG A . n 
A 1 52  ASN 52  195 195 ASN ASN A . n 
A 1 53  LEU 53  196 196 LEU LEU A . n 
A 1 54  LYS 54  197 197 LYS LYS A . n 
A 1 55  TYR 55  198 198 TYR TYR A . n 
A 1 56  GLU 56  199 199 GLU GLU A . n 
A 1 57  VAL 57  200 200 VAL VAL A . n 
A 1 58  ARG 58  201 201 ARG ARG A . n 
A 1 59  ASN 59  202 202 ASN ASN A . n 
A 1 60  LYS 60  203 203 LYS LYS A . n 
A 1 61  ASN 61  204 204 ASN ASN A . n 
A 1 62  ASP 62  205 205 ASP ASP A . n 
A 1 63  LEU 63  206 206 LEU LEU A . n 
A 1 64  THR 64  207 207 THR THR A . n 
A 1 65  ARG 65  208 208 ARG ARG A . n 
A 1 66  GLU 66  209 209 GLU GLU A . n 
A 1 67  GLU 67  210 210 GLU GLU A . n 
A 1 68  ILE 68  211 211 ILE ILE A . n 
A 1 69  VAL 69  212 212 VAL VAL A . n 
A 1 70  GLU 70  213 213 GLU GLU A . n 
A 1 71  LEU 71  214 214 LEU LEU A . n 
A 1 72  MET 72  215 215 MET MET A . n 
A 1 73  ARG 73  216 216 ARG ARG A . n 
A 1 74  ASP 74  217 217 ASP ASP A . n 
A 1 75  VAL 75  218 218 VAL VAL A . n 
A 1 76  SER 76  219 219 SER SER A . n 
A 1 77  LYS 77  220 220 LYS LYS A . n 
A 1 78  GLU 78  221 221 GLU GLU A . n 
A 1 79  ASP 79  222 222 ASP ASP A . n 
A 1 80  HIS 80  224 224 HIS HIS A . n 
A 1 81  SER 81  225 225 SER SER A . n 
A 1 82  LYS 82  226 226 LYS LYS A . n 
A 1 83  ARG 83  227 227 ARG ARG A . n 
A 1 84  SER 84  228 228 SER SER A . n 
A 1 85  SER 85  229 229 SER SER A . n 
A 1 86  PHE 86  230 230 PHE PHE A . n 
A 1 87  VAL 87  231 231 VAL VAL A . n 
A 1 88  CYS 88  232 232 CYS CYS A . n 
A 1 89  VAL 89  233 233 VAL VAL A . n 
A 1 90  LEU 90  234 234 LEU LEU A . n 
A 1 91  LEU 91  235 235 LEU LEU A . n 
A 1 92  SER 92  236 236 SER SER A . n 
A 1 93  HIS 93  237 237 HIS HIS A . n 
A 1 94  GLY 94  238 238 GLY GLY A . n 
A 1 95  GLU 95  239 239 GLU GLU A . n 
A 1 96  GLU 96  240 240 GLU GLU A . n 
A 1 97  GLY 97  241 241 GLY GLY A . n 
A 1 98  ILE 98  242 242 ILE ILE A . n 
A 1 99  ILE 99  243 243 ILE ILE A . n 
A 1 100 PHE 100 244 244 PHE PHE A . n 
A 1 101 GLY 101 245 245 GLY GLY A . n 
A 1 102 THR 102 246 246 THR THR A . n 
A 1 103 ASN 103 247 247 ASN ASN A . n 
A 1 104 GLY 104 254 254 GLY GLY A . n 
A 1 105 PRO 105 255 255 PRO PRO A . n 
A 1 106 VAL 106 256 256 VAL VAL A . n 
A 1 107 ASP 107 257 257 ASP ASP A . n 
A 1 108 LEU 108 258 258 LEU LEU A . n 
A 1 109 LYS 109 259 259 LYS LYS A . n 
A 1 110 LYS 110 260 260 LYS LYS A . n 
A 1 111 ILE 111 261 261 ILE ILE A . n 
A 1 112 THR 112 262 262 THR THR A . n 
A 1 113 ASN 113 263 263 ASN ASN A . n 
A 1 114 PHE 114 264 264 PHE PHE A . n 
A 1 115 PHE 115 265 265 PHE PHE A . n 
A 1 116 ARG 116 266 266 ARG ARG A . n 
A 1 117 GLY 117 267 267 GLY GLY A . n 
A 1 118 ASP 118 268 268 ASP ASP A . n 
A 1 119 ARG 119 269 269 ARG ARG A . n 
A 1 120 CYS 120 270 270 CYS CYS A . n 
A 1 121 ARG 121 271 271 ARG ARG A . n 
A 1 122 SER 122 272 272 SER SER A . n 
A 1 123 LEU 123 273 273 LEU LEU A . n 
A 1 124 THR 124 274 274 THR THR A . n 
A 1 125 GLY 125 275 275 GLY GLY A . n 
A 1 126 LYS 126 276 276 LYS LYS A . n 
A 1 127 PRO 127 277 277 PRO PRO A . n 
A 1 128 LYS 128 278 278 LYS LYS A . n 
A 1 129 LEU 129 279 279 LEU LEU A . n 
A 1 130 PHE 130 280 280 PHE PHE A . n 
A 1 131 ILE 131 281 281 ILE ILE A . n 
A 1 132 ILE 132 282 282 ILE ILE A . n 
A 1 133 GLN 133 283 283 GLN GLN A . n 
A 1 134 ALA 134 284 284 ALA ALA A . n 
A 1 135 CYS 135 285 285 CYS CYS A . n 
A 1 136 ARG 136 286 286 ARG ARG A . n 
A 1 137 GLY 137 287 287 GLY GLY A . n 
A 1 138 THR 138 288 288 THR THR A . n 
A 1 139 GLU 139 289 289 GLU GLU A . n 
A 1 140 LEU 140 290 290 LEU LEU A . n 
A 1 141 ASP 141 291 291 ASP ASP A . n 
A 1 142 CYS 142 292 292 CYS CYS A . n 
A 1 143 GLY 143 293 293 GLY GLY A . n 
A 1 144 ILE 144 294 294 ILE ILE A . n 
A 1 145 GLU 145 295 295 GLU GLU A . n 
A 1 146 THR 146 296 ?   ?   ?   A . n 
A 1 147 ASP 147 297 ?   ?   ?   A . n 
B 2 1   SER 1   310 ?   ?   ?   B . n 
B 2 2   GLY 2   311 ?   ?   ?   B . n 
B 2 3   VAL 3   312 ?   ?   ?   B . n 
B 2 4   ASP 4   313 ?   ?   ?   B . n 
B 2 5   ASP 5   314 ?   ?   ?   B . n 
B 2 6   ASP 6   315 ?   ?   ?   B . n 
B 2 7   MET 7   316 ?   ?   ?   B . n 
B 2 8   ALA 8   317 ?   ?   ?   B . n 
B 2 9   CYS 9   318 ?   ?   ?   B . n 
B 2 10  HIS 10  319 ?   ?   ?   B . n 
B 2 11  LYS 11  320 320 LYS LYS B . n 
B 2 12  ILE 12  321 321 ILE ILE B . n 
B 2 13  PRO 13  322 322 PRO PRO B . n 
B 2 14  VAL 14  323 323 VAL VAL B . n 
B 2 15  GLU 15  324 324 GLU GLU B . n 
B 2 16  ALA 16  325 325 ALA ALA B . n 
B 2 17  ASP 17  326 326 ASP ASP B . n 
B 2 18  PHE 18  327 327 PHE PHE B . n 
B 2 19  LEU 19  328 328 LEU LEU B . n 
B 2 20  TYR 20  329 329 TYR TYR B . n 
B 2 21  ALA 21  330 330 ALA ALA B . n 
B 2 22  TYR 22  331 331 TYR TYR B . n 
B 2 23  SER 23  332 332 SER SER B . n 
B 2 24  THR 24  333 333 THR THR B . n 
B 2 25  ALA 25  334 334 ALA ALA B . n 
B 2 26  PRO 26  335 335 PRO PRO B . n 
B 2 27  GLY 27  336 336 GLY GLY B . n 
B 2 28  TYR 28  337 337 TYR TYR B . n 
B 2 29  TYR 29  338 338 TYR TYR B . n 
B 2 30  SER 30  339 339 SER SER B . n 
B 2 31  TRP 31  340 340 TRP TRP B . n 
B 2 32  ARG 32  341 341 ARG ARG B . n 
B 2 33  ASN 33  342 342 ASN ASN B . n 
B 2 34  SER 34  343 343 SER SER B . n 
B 2 35  LYS 35  344 344 LYS LYS B . n 
B 2 36  ASP 36  345 345 ASP ASP B . n 
B 2 37  GLY 37  346 346 GLY GLY B . n 
B 2 38  SER 38  347 347 SER SER B . n 
B 2 39  TRP 39  348 348 TRP TRP B . n 
B 2 40  PHE 40  349 349 PHE PHE B . n 
B 2 41  ILE 41  350 350 ILE ILE B . n 
B 2 42  GLN 42  351 351 GLN GLN B . n 
B 2 43  SER 43  352 352 SER SER B . n 
B 2 44  LEU 44  353 353 LEU LEU B . n 
B 2 45  CYS 45  354 354 CYS CYS B . n 
B 2 46  ALA 46  355 355 ALA ALA B . n 
B 2 47  MET 47  356 356 MET MET B . n 
B 2 48  LEU 48  357 357 LEU LEU B . n 
B 2 49  LYS 49  358 358 LYS LYS B . n 
B 2 50  GLN 50  359 359 GLN GLN B . n 
B 2 51  TYR 51  360 360 TYR TYR B . n 
B 2 52  ALA 52  361 361 ALA ALA B . n 
B 2 53  ASP 53  362 362 ASP ASP B . n 
B 2 54  LYS 54  363 363 LYS LYS B . n 
B 2 55  LEU 55  364 364 LEU LEU B . n 
B 2 56  GLU 56  365 365 GLU GLU B . n 
B 2 57  PHE 57  366 366 PHE PHE B . n 
B 2 58  MET 58  367 367 MET MET B . n 
B 2 59  HIS 59  368 368 HIS HIS B . n 
B 2 60  ILE 60  369 369 ILE ILE B . n 
B 2 61  LEU 61  370 370 LEU LEU B . n 
B 2 62  THR 62  371 371 THR THR B . n 
B 2 63  ARG 63  372 372 ARG ARG B . n 
B 2 64  VAL 64  373 373 VAL VAL B . n 
B 2 65  ASN 65  374 374 ASN ASN B . n 
B 2 66  ARG 66  375 375 ARG ARG B . n 
B 2 67  LYS 67  376 376 LYS LYS B . n 
B 2 68  VAL 68  377 377 VAL VAL B . n 
B 2 69  ALA 69  378 378 ALA ALA B . n 
B 2 70  THR 70  379 379 THR THR B . n 
B 2 71  GLU 71  379 379 GLU GLU B A n 
B 2 72  PHE 72  380 380 PHE PHE B . n 
B 2 73  GLU 73  381 381 GLU GLU B . n 
B 2 74  SER 74  381 381 SER SER B A n 
B 2 75  PHE 75  381 381 PHE PHE B B n 
B 2 76  SER 76  381 381 SER SER B C n 
B 2 77  PHE 77  381 381 PHE PHE B D n 
B 2 78  ASP 78  381 381 ASP ASP B E n 
B 2 79  ALA 79  381 381 ALA ALA B F n 
B 2 80  THR 80  381 381 THR THR B G n 
B 2 81  PHE 81  381 381 PHE PHE B H n 
B 2 82  HIS 82  381 381 HIS HIS B I n 
B 2 83  ALA 83  382 382 ALA ALA B . n 
B 2 84  LYS 84  383 383 LYS LYS B . n 
B 2 85  LYS 85  384 384 LYS LYS B . n 
B 2 86  GLN 86  385 385 GLN GLN B . n 
B 2 87  ILE 87  386 386 ILE ILE B . n 
B 2 88  PRO 88  387 387 PRO PRO B . n 
B 2 89  CYS 89  388 388 CYS CYS B . n 
B 2 90  ILE 90  389 389 ILE ILE B . n 
B 2 91  VAL 91  390 390 VAL VAL B . n 
B 2 92  SER 92  392 392 SER SER B . n 
B 2 93  MET 93  393 393 MET MET B . n 
B 2 94  LEU 94  394 394 LEU LEU B . n 
B 2 95  THR 95  395 395 THR THR B . n 
B 2 96  LYS 96  396 396 LYS LYS B . n 
B 2 97  GLU 97  397 397 GLU GLU B . n 
B 2 98  LEU 98  398 398 LEU LEU B . n 
B 2 99  TYR 99  399 399 TYR TYR B . n 
B 2 100 PHE 100 400 400 PHE PHE B . n 
B 2 101 TYR 101 401 401 TYR TYR B . n 
B 2 102 HIS 102 402 ?   ?   ?   B . n 
C 3 1   ACE 1   501 501 ACE ACE C . n 
C 3 2   ASP 2   502 502 ASP ASP C . n 
C 3 3   GLU 3   503 503 GLU GLU C . n 
C 3 4   VAL 4   504 504 VAL VAL C . n 
C 3 5   ASJ 5   505 505 ASJ ASJ C . n 
# 
loop_
_pdbx_nonpoly_scheme.asym_id 
_pdbx_nonpoly_scheme.entity_id 
_pdbx_nonpoly_scheme.mon_id 
_pdbx_nonpoly_scheme.ndb_seq_num 
_pdbx_nonpoly_scheme.pdb_seq_num 
_pdbx_nonpoly_scheme.auth_seq_num 
_pdbx_nonpoly_scheme.pdb_mon_id 
_pdbx_nonpoly_scheme.auth_mon_id 
_pdbx_nonpoly_scheme.pdb_strand_id 
_pdbx_nonpoly_scheme.pdb_ins_code 
D 4 HOH 1  601 601 HOH HOH A . 
D 4 HOH 2  602 602 HOH HOH A . 
D 4 HOH 3  606 606 HOH HOH A . 
D 4 HOH 4  609 609 HOH HOH A . 
D 4 HOH 5  611 611 HOH HOH A . 
D 4 HOH 6  615 615 HOH HOH A . 
D 4 HOH 7  617 617 HOH HOH A . 
D 4 HOH 8  620 620 HOH HOH A . 
D 4 HOH 9  621 621 HOH HOH A . 
D 4 HOH 10 624 624 HOH HOH A . 
D 4 HOH 11 625 625 HOH HOH A . 
D 4 HOH 12 627 627 HOH HOH A . 
D 4 HOH 13 628 628 HOH HOH A . 
D 4 HOH 14 630 630 HOH HOH A . 
D 4 HOH 15 631 631 HOH HOH A . 
D 4 HOH 16 632 632 HOH HOH A . 
D 4 HOH 17 633 633 HOH HOH A . 
D 4 HOH 18 634 634 HOH HOH A . 
E 4 HOH 1  603 603 HOH HOH B . 
E 4 HOH 2  604 604 HOH HOH B . 
E 4 HOH 3  605 605 HOH HOH B . 
E 4 HOH 4  607 607 HOH HOH B . 
E 4 HOH 5  608 608 HOH HOH B . 
E 4 HOH 6  610 610 HOH HOH B . 
E 4 HOH 7  612 612 HOH HOH B . 
E 4 HOH 8  613 613 HOH HOH B . 
E 4 HOH 9  614 614 HOH HOH B . 
E 4 HOH 10 616 616 HOH HOH B . 
E 4 HOH 11 618 618 HOH HOH B . 
E 4 HOH 12 622 622 HOH HOH B . 
E 4 HOH 13 623 623 HOH HOH B . 
E 4 HOH 14 626 626 HOH HOH B . 
E 4 HOH 15 629 629 HOH HOH B . 
F 4 HOH 1  619 619 HOH HOH C . 
# 
_pdbx_molecule_features.prd_id    PRD_000422 
_pdbx_molecule_features.name      Ac-Asp-Glu-Val-Asp-Aldehyde 
_pdbx_molecule_features.type      Peptide-like 
_pdbx_molecule_features.class     Inhibitor 
_pdbx_molecule_features.details   ? 
# 
_pdbx_molecule.instance_id   1 
_pdbx_molecule.prd_id        PRD_000422 
_pdbx_molecule.asym_id       C 
# 
loop_
_pdbx_struct_assembly.id 
_pdbx_struct_assembly.details 
_pdbx_struct_assembly.method_details 
_pdbx_struct_assembly.oligomeric_details 
_pdbx_struct_assembly.oligomeric_count 
1 author_and_software_defined_assembly PISA trimeric    3  
2 software_defined_assembly            PISA dodecameric 12 
3 software_defined_assembly            PISA hexameric   6  
# 
loop_
_pdbx_struct_assembly_gen.assembly_id 
_pdbx_struct_assembly_gen.oper_expression 
_pdbx_struct_assembly_gen.asym_id_list 
1 1       A,B,C,D,E,F 
2 1,2,3,4 A,B,C,D,E,F 
3 1,3     A,B,C,D,E,F 
# 
loop_
_pdbx_struct_assembly_prop.biol_id 
_pdbx_struct_assembly_prop.type 
_pdbx_struct_assembly_prop.value 
_pdbx_struct_assembly_prop.details 
1 'ABSA (A^2)' 5390  ? 
1 MORE         -31   ? 
1 'SSA (A^2)'  10940 ? 
2 'ABSA (A^2)' 33490 ? 
2 MORE         -177  ? 
2 'SSA (A^2)'  31800 ? 
3 'ABSA (A^2)' 15180 ? 
3 MORE         -83   ? 
3 'SSA (A^2)'  17460 ? 
# 
loop_
_pdbx_struct_oper_list.id 
_pdbx_struct_oper_list.type 
_pdbx_struct_oper_list.name 
_pdbx_struct_oper_list.symmetry_operation 
_pdbx_struct_oper_list.matrix[1][1] 
_pdbx_struct_oper_list.matrix[1][2] 
_pdbx_struct_oper_list.matrix[1][3] 
_pdbx_struct_oper_list.vector[1] 
_pdbx_struct_oper_list.matrix[2][1] 
_pdbx_struct_oper_list.matrix[2][2] 
_pdbx_struct_oper_list.matrix[2][3] 
_pdbx_struct_oper_list.vector[2] 
_pdbx_struct_oper_list.matrix[3][1] 
_pdbx_struct_oper_list.matrix[3][2] 
_pdbx_struct_oper_list.matrix[3][3] 
_pdbx_struct_oper_list.vector[3] 
1 'identity operation'         1_555 x,y,z       1.0000000000  0.0000000000  0.0000000000  0.0000000000  0.0000000000  1.0000000000  0.0000000000  0.0000000000   0.0000000000  0.0000000000  1.0000000000  0.0000000000   
2 'crystal symmetry operation' 2_675 -x+1,-y+2,z -0.2513820576 -0.4748089327 0.8434237005  30.4026580945 -0.4748089327 -0.6988537011 -0.5349392319 17.0856658645  0.8434237005  -0.5349392319 -0.0497642412 -17.3667737376 
3 'crystal symmetry operation' 3_655 -x+1,y,-z   -0.0344821837 0.9451072231  -0.3249358642 19.1312837113 0.9451072231  -0.0748718997 -0.3180668727 -17.0168409812 -0.3249358642 -0.3180668727 -0.8906459165 7.3517767933   
4 'crystal symmetry operation' 4_575 x,-y+2,-z   -0.7141357586 -0.4702982904 -0.5184878362 39.8738075225 -0.4702982904 -0.2262743991 0.8530061045  15.9614899346  -0.5184878362 0.8530061045  -0.0595898422 7.5061246145 
# 
loop_
_pdbx_audit_revision_history.ordinal 
_pdbx_audit_revision_history.data_content_type 
_pdbx_audit_revision_history.major_revision 
_pdbx_audit_revision_history.minor_revision 
_pdbx_audit_revision_history.revision_date 
1 'Structure model' 1 0 1997-07-07 
2 'Structure model' 1 1 2008-03-24 
3 'Structure model' 1 2 2011-07-13 
4 'Structure model' 1 3 2012-12-12 
5 'Structure model' 1 4 2017-11-29 
6 'Structure model' 1 5 2023-08-09 
# 
_pdbx_audit_revision_details.ordinal             1 
_pdbx_audit_revision_details.revision_ordinal    1 
_pdbx_audit_revision_details.data_content_type   'Structure model' 
_pdbx_audit_revision_details.provider            repository 
_pdbx_audit_revision_details.type                'Initial release' 
_pdbx_audit_revision_details.description         ? 
_pdbx_audit_revision_details.details             ? 
# 
loop_
_pdbx_audit_revision_group.ordinal 
_pdbx_audit_revision_group.revision_ordinal 
_pdbx_audit_revision_group.data_content_type 
_pdbx_audit_revision_group.group 
1  2 'Structure model' 'Version format compliance' 
2  3 'Structure model' 'Atomic model'              
3  3 'Structure model' 'Database references'       
4  3 'Structure model' 'Derived calculations'      
5  3 'Structure model' 'Non-polymer description'   
6  3 'Structure model' 'Structure summary'         
7  3 'Structure model' 'Version format compliance' 
8  4 'Structure model' Other                       
9  5 'Structure model' 'Derived calculations'      
10 5 'Structure model' Other                       
11 6 'Structure model' 'Database references'       
12 6 'Structure model' 'Derived calculations'      
13 6 'Structure model' 'Refinement description'    
# 
loop_
_pdbx_audit_revision_category.ordinal 
_pdbx_audit_revision_category.revision_ordinal 
_pdbx_audit_revision_category.data_content_type 
_pdbx_audit_revision_category.category 
1 5 'Structure model' pdbx_database_status          
2 5 'Structure model' struct_conf                   
3 5 'Structure model' struct_conf_type              
4 6 'Structure model' database_2                    
5 6 'Structure model' pdbx_initial_refinement_model 
6 6 'Structure model' struct_conn                   
# 
loop_
_pdbx_audit_revision_item.ordinal 
_pdbx_audit_revision_item.revision_ordinal 
_pdbx_audit_revision_item.data_content_type 
_pdbx_audit_revision_item.item 
1  5 'Structure model' '_pdbx_database_status.process_site'  
2  6 'Structure model' '_database_2.pdbx_DOI'                
3  6 'Structure model' '_database_2.pdbx_database_accession' 
4  6 'Structure model' '_struct_conn.pdbx_dist_value'        
5  6 'Structure model' '_struct_conn.pdbx_leaving_atom_flag' 
6  6 'Structure model' '_struct_conn.ptnr1_auth_asym_id'     
7  6 'Structure model' '_struct_conn.ptnr1_auth_comp_id'     
8  6 'Structure model' '_struct_conn.ptnr1_auth_seq_id'      
9  6 'Structure model' '_struct_conn.ptnr1_label_asym_id'    
10 6 'Structure model' '_struct_conn.ptnr1_label_atom_id'    
11 6 'Structure model' '_struct_conn.ptnr1_label_comp_id'    
12 6 'Structure model' '_struct_conn.ptnr1_label_seq_id'     
13 6 'Structure model' '_struct_conn.ptnr2_auth_comp_id'     
14 6 'Structure model' '_struct_conn.ptnr2_auth_seq_id'      
15 6 'Structure model' '_struct_conn.ptnr2_label_atom_id'    
16 6 'Structure model' '_struct_conn.ptnr2_label_comp_id'    
17 6 'Structure model' '_struct_conn.ptnr2_label_seq_id'     
# 
loop_
_software.name 
_software.classification 
_software.version 
_software.citation_id 
_software.pdbx_ordinal 
X-PLOR 'model building' 3.1 ? 1 
X-PLOR refinement       3.1 ? 2 
SAINT  'data reduction' .   ? 3 
SAINT  'data scaling'   .   ? 4 
X-PLOR phasing          3.1 ? 5 
# 
_pdbx_entry_details.entry_id                 1PAU 
_pdbx_entry_details.compound_details         'THE INHIBITOR IS COVALENTLY CONNECTED TO CYS OF THE ENZYME TO FORM A HEMITHIOKETAL.' 
_pdbx_entry_details.source_details           ? 
_pdbx_entry_details.nonpolymer_details       ? 
_pdbx_entry_details.sequence_details         
;AMINO ACID RESIDUES ARE NUMBERED TO FACILITATE COMPARISON
WITH THE INTERLEUKIN 1-BETA CONVERTING ENZYME (ICE, PDB
ENTRY 1ICE).  RESIDUES IN APOPAIN ARE ASSIGNED THE NUMBERS
OF THE HOMOLOGOUS RESIDUES IN THE ALIGNED THREE-DIMENSIONAL
STRUCTURE OF ICE.  APOPAIN SEQUENCE NUMBERS ARE OMITTED
WHEN NO ICE-RELATED RESIDUE IS PRESENT IN APOPAIN, AND
APOPAIN-SPECIFIC INSERTIONS ARE INDICATED BY THE ADDITION
OF LETTERS TO THE ICE SEQUENCE NUMBERS.
;
_pdbx_entry_details.has_ligand_of_interest   ? 
# 
loop_
_pdbx_validate_torsion.id 
_pdbx_validate_torsion.PDB_model_num 
_pdbx_validate_torsion.auth_comp_id 
_pdbx_validate_torsion.auth_asym_id 
_pdbx_validate_torsion.auth_seq_id 
_pdbx_validate_torsion.PDB_ins_code 
_pdbx_validate_torsion.label_alt_id 
_pdbx_validate_torsion.phi 
_pdbx_validate_torsion.psi 
1 1 SER A 236 ? ? -177.47 -176.93 
2 1 LYS B 363 ? ? -143.41 -38.30  
3 1 PHE B 400 ? ? -102.26 42.08   
# 
loop_
_pdbx_unobs_or_zero_occ_residues.id 
_pdbx_unobs_or_zero_occ_residues.PDB_model_num 
_pdbx_unobs_or_zero_occ_residues.polymer_flag 
_pdbx_unobs_or_zero_occ_residues.occupancy_flag 
_pdbx_unobs_or_zero_occ_residues.auth_asym_id 
_pdbx_unobs_or_zero_occ_residues.auth_comp_id 
_pdbx_unobs_or_zero_occ_residues.auth_seq_id 
_pdbx_unobs_or_zero_occ_residues.PDB_ins_code 
_pdbx_unobs_or_zero_occ_residues.label_asym_id 
_pdbx_unobs_or_zero_occ_residues.label_comp_id 
_pdbx_unobs_or_zero_occ_residues.label_seq_id 
1  1 Y 1 A SER 145 ? A SER 1   
2  1 Y 1 A GLY 146 ? A GLY 2   
3  1 Y 1 A ILE 147 ? A ILE 3   
4  1 Y 1 A SER 148 ? A SER 4   
5  1 Y 1 A LEU 149 ? A LEU 5   
6  1 Y 1 A THR 296 ? A THR 146 
7  1 Y 1 A ASP 297 ? A ASP 147 
8  1 Y 1 B SER 310 ? B SER 1   
9  1 Y 1 B GLY 311 ? B GLY 2   
10 1 Y 1 B VAL 312 ? B VAL 3   
11 1 Y 1 B ASP 313 ? B ASP 4   
12 1 Y 1 B ASP 314 ? B ASP 5   
13 1 Y 1 B ASP 315 ? B ASP 6   
14 1 Y 1 B MET 316 ? B MET 7   
15 1 Y 1 B ALA 317 ? B ALA 8   
16 1 Y 1 B CYS 318 ? B CYS 9   
17 1 Y 1 B HIS 319 ? B HIS 10  
18 1 Y 1 B HIS 402 ? B HIS 102 
# 
_pdbx_entity_nonpoly.entity_id   4 
_pdbx_entity_nonpoly.name        water 
_pdbx_entity_nonpoly.comp_id     HOH 
# 
_pdbx_initial_refinement_model.id               1 
_pdbx_initial_refinement_model.entity_id_list   ? 
_pdbx_initial_refinement_model.type             'experimental model' 
_pdbx_initial_refinement_model.source_name      PDB 
_pdbx_initial_refinement_model.accession_code   1ICE 
_pdbx_initial_refinement_model.details          'PROTEIN COMPONENT OF INTERLEUKIN-1BETA CONVERTING ENZYME (PDB ENTRY 1ICE)' 
# 
